data_8K28
#
_entry.id   8K28
#
_cell.length_a   1.00
_cell.length_b   1.00
_cell.length_c   1.00
_cell.angle_alpha   90.00
_cell.angle_beta   90.00
_cell.angle_gamma   90.00
#
_symmetry.space_group_name_H-M   'P 1'
#
loop_
_entity.id
_entity.type
_entity.pdbx_description
1 polymer Csy1
2 polymer Csy2
3 polymer Csy3
4 polymer Csy4
5 polymer 'DNA (33-MER)'
6 polymer 'DNA (27-MER)'
7 polymer 'RNA (59-MER)'
#
loop_
_entity_poly.entity_id
_entity_poly.type
_entity_poly.pdbx_seq_one_letter_code
_entity_poly.pdbx_strand_id
1 'polypeptide(L)'
;MIKEMIEDFISKGGLIFTHSGRYTNTNNSCFIFNKNDIGVDTKVDMYTPKSAGIKNEEGENLWQVLNKANMFYRIYSGEL
GEELQYLLKSCCTAKEDVTTLPQIYFKNGEGYDILVPIGNAHNLISGTEYLWEHKYYNTFTQKLGGSNPQNCTHACNKMR
GGFKQFNCTPPQVEDNYNA
;
A
2 'polypeptide(L)'
;MRKFIIVKNVKVDGINAKSSDITVGMPPATTFCGLGETMSIKTGIVVKAVSYGSVKFEVRGSRFNTSVTKFAWQDRGNGG
KANNNSPIQPKPLADGVFTLCFEVEWEDCAEVLVDKVTNFINTARIAGGTIASFNKPFVKVAKDAEELASVKNAMMPCYV
VVDCGVEVNIFEDAVNRKLQPMVNGYKKLEKIVDNKHMRDKFTPAYLATPTYTMIGYKMVSNVDNFDQALWQYGENTKVK
TIGGIYND
;
B
3 'polypeptide(L)'
;MTKLKAPAVLAYSRKINPTNALMFAVNWSDRDNTTAVMVGTKTVAGTQSVRGNPNDADKGNIQTVNFANLPHNKNTLLVK
YNVKFVGDVFKAELGGGEYSNTLQTALENTDFGTLAYRYVYNIAAGRTLWRNRVGAESIETVITVNDQTFTFSDLLVNEF
DEDVDVAEIADMVAGVLSGEGFVTLKVEHYMLLGEGSEVFPSQEFVENSKLSKQLFDLNGQAAMHDQKIGNAIRTIDTWY
EDATTPIAVEPYGSVVRNGVAYRAGNKTDLFTLMDGAVNGKSLTEEDQMFVTANLIRGGVFGGGKD
;
C,D,E,F,G,H
4 'polypeptide(L)'
;MYNTISITVVDADDVGVNFVVSKVLSTLHNKGIFNGEVGVTFPRMDKNVGDIITLFSKTGVDRKVLTSTLNTLTDFIHIG
KPKEADKVKTYRKVDTKSKGKLIRRCIKRKGVSAETAESLYGNYKGEKCKLPYIVVNSKSTGQRFSMFLEECENSEKFNS
YGLCIVSC
;
I
5 'polydeoxyribonucleotide'
;(DT)(DA)(DA)(DG)(DC)(DA)(DA)(DA)(DG)(DG)(DG)(DT)(DT)(DG)(DA)(DC)(DG)(DA)(DA)(DA)
(DG)(DC)(DC)(DC)(DT)(DT)(DT)(DG)(DT)(DC)(DC)(DC)(DT)
;
Q
6 'polydeoxyribonucleotide'
;(DA)(DG)(DG)(DG)(DA)(DC)(DA)(DA)(DA)(DG)(DG)(DG)(DC)(DT)(DT)(DT)(DC)(DC)(DA)(DT)
(DT)(DT)(DA)(DT)(DT)(DT)(DA)
;
R
7 'polyribonucleotide' CUUAAAGAGUCAACCCUUUGCUUAUCUUCCCUAUUUAAAUGUUAGCAGCCGCAUAGGCU P
#
loop_
_chem_comp.id
_chem_comp.type
_chem_comp.name
_chem_comp.formula
A RNA linking ADENOSINE-5'-MONOPHOSPHATE 'C10 H14 N5 O7 P'
C RNA linking CYTIDINE-5'-MONOPHOSPHATE 'C9 H14 N3 O8 P'
DA DNA linking 2'-DEOXYADENOSINE-5'-MONOPHOSPHATE 'C10 H14 N5 O6 P'
DC DNA linking 2'-DEOXYCYTIDINE-5'-MONOPHOSPHATE 'C9 H14 N3 O7 P'
DG DNA linking 2'-DEOXYGUANOSINE-5'-MONOPHOSPHATE 'C10 H14 N5 O7 P'
DT DNA linking THYMIDINE-5'-MONOPHOSPHATE 'C10 H15 N2 O8 P'
G RNA linking GUANOSINE-5'-MONOPHOSPHATE 'C10 H14 N5 O8 P'
U RNA linking URIDINE-5'-MONOPHOSPHATE 'C9 H13 N2 O9 P'
#
# COMPACT_ATOMS: atom_id res chain seq x y z
N ILE A 2 -6.81 -65.76 -31.79
CA ILE A 2 -7.05 -64.59 -32.63
C ILE A 2 -8.03 -64.88 -33.77
N LYS A 3 -8.03 -66.11 -34.29
CA LYS A 3 -8.79 -66.43 -35.49
C LYS A 3 -10.29 -66.40 -35.24
N GLU A 4 -10.73 -66.88 -34.07
CA GLU A 4 -12.15 -66.91 -33.75
C GLU A 4 -12.75 -65.52 -33.57
N MET A 5 -12.01 -64.58 -32.98
CA MET A 5 -12.58 -63.25 -32.79
C MET A 5 -12.41 -62.35 -34.01
N ILE A 6 -11.41 -62.61 -34.87
CA ILE A 6 -11.39 -61.97 -36.18
C ILE A 6 -12.55 -62.47 -37.04
N GLU A 7 -12.86 -63.78 -36.95
CA GLU A 7 -14.03 -64.31 -37.65
C GLU A 7 -15.33 -63.73 -37.08
N ASP A 8 -15.37 -63.51 -35.77
CA ASP A 8 -16.49 -62.82 -35.15
C ASP A 8 -16.57 -61.37 -35.65
N PHE A 9 -15.41 -60.74 -35.88
CA PHE A 9 -15.38 -59.36 -36.36
C PHE A 9 -15.92 -59.23 -37.78
N ILE A 10 -15.52 -60.13 -38.68
CA ILE A 10 -16.04 -60.05 -40.05
C ILE A 10 -17.51 -60.45 -40.08
N SER A 11 -17.91 -61.40 -39.22
CA SER A 11 -19.33 -61.66 -39.05
C SER A 11 -20.07 -60.50 -38.39
N LYS A 12 -19.36 -59.64 -37.65
CA LYS A 12 -19.89 -58.37 -37.16
C LYS A 12 -19.75 -57.31 -38.26
N GLY A 13 -19.86 -56.03 -37.86
CA GLY A 13 -19.75 -54.94 -38.82
C GLY A 13 -18.40 -54.87 -39.52
N GLY A 14 -17.31 -55.05 -38.75
CA GLY A 14 -16.00 -55.24 -39.32
C GLY A 14 -15.37 -54.03 -39.99
N LEU A 15 -15.00 -53.02 -39.19
CA LEU A 15 -14.33 -51.83 -39.72
C LEU A 15 -13.12 -51.48 -38.87
N ILE A 16 -11.98 -51.32 -39.53
CA ILE A 16 -10.77 -50.76 -38.94
C ILE A 16 -10.35 -49.56 -39.78
N PHE A 17 -9.67 -48.61 -39.15
CA PHE A 17 -9.53 -47.28 -39.74
C PHE A 17 -8.39 -46.54 -39.04
N THR A 18 -7.67 -45.72 -39.79
CA THR A 18 -6.71 -44.80 -39.22
C THR A 18 -7.19 -43.35 -39.28
N HIS A 19 -8.38 -43.09 -39.80
CA HIS A 19 -8.91 -41.73 -39.90
C HIS A 19 -10.41 -41.79 -39.85
N SER A 20 -11.03 -40.87 -39.13
CA SER A 20 -12.48 -40.88 -38.93
C SER A 20 -12.96 -39.49 -38.57
N GLY A 21 -14.29 -39.31 -38.66
CA GLY A 21 -14.93 -38.10 -38.18
C GLY A 21 -15.86 -38.41 -37.02
N ARG A 22 -15.73 -39.60 -36.46
CA ARG A 22 -16.57 -40.03 -35.34
C ARG A 22 -16.30 -39.21 -34.09
N TYR A 23 -15.06 -38.74 -33.95
CA TYR A 23 -14.65 -37.96 -32.79
C TYR A 23 -15.26 -36.57 -32.79
N THR A 24 -15.52 -35.99 -33.96
CA THR A 24 -16.20 -34.71 -34.04
C THR A 24 -17.68 -34.83 -33.70
N ASN A 25 -18.35 -35.86 -34.22
CA ASN A 25 -19.74 -36.11 -33.91
C ASN A 25 -19.98 -37.60 -34.04
N THR A 26 -20.79 -38.14 -33.13
CA THR A 26 -21.03 -39.58 -33.05
C THR A 26 -21.95 -40.07 -34.19
N ASN A 27 -22.60 -39.14 -34.90
CA ASN A 27 -23.46 -39.47 -36.04
C ASN A 27 -22.71 -39.54 -37.36
N ASN A 28 -21.41 -39.84 -37.35
CA ASN A 28 -20.55 -39.64 -38.50
C ASN A 28 -20.65 -40.78 -39.52
N SER A 29 -20.26 -42.00 -39.13
CA SER A 29 -20.18 -43.19 -39.98
C SER A 29 -19.37 -42.96 -41.26
N CYS A 30 -18.21 -42.33 -41.12
CA CYS A 30 -17.24 -42.16 -42.21
C CYS A 30 -15.89 -42.71 -41.77
N PHE A 31 -15.29 -43.53 -42.64
CA PHE A 31 -14.17 -44.39 -42.23
C PHE A 31 -13.27 -44.62 -43.43
N ILE A 32 -11.99 -44.26 -43.30
CA ILE A 32 -11.00 -44.45 -44.35
C ILE A 32 -9.70 -44.88 -43.69
N PHE A 33 -9.07 -45.92 -44.26
CA PHE A 33 -7.77 -46.40 -43.81
C PHE A 33 -6.77 -45.91 -44.85
N ASN A 34 -6.17 -44.75 -44.59
CA ASN A 34 -5.05 -44.26 -45.40
C ASN A 34 -3.86 -45.18 -45.22
N LYS A 35 -3.10 -45.37 -46.30
CA LYS A 35 -2.06 -46.40 -46.31
C LYS A 35 -0.66 -45.86 -46.08
N ASN A 36 -0.30 -44.73 -46.71
CA ASN A 36 1.08 -44.28 -46.75
C ASN A 36 1.57 -43.65 -45.44
N ASP A 37 0.67 -43.28 -44.53
CA ASP A 37 1.05 -42.61 -43.30
C ASP A 37 1.29 -43.56 -42.15
N ILE A 38 1.12 -44.87 -42.37
CA ILE A 38 1.19 -45.82 -41.26
C ILE A 38 2.64 -46.22 -41.02
N GLY A 39 3.18 -45.80 -39.88
CA GLY A 39 4.54 -46.14 -39.49
C GLY A 39 4.52 -47.13 -38.35
N VAL A 40 5.72 -47.55 -37.89
CA VAL A 40 5.86 -48.74 -37.04
C VAL A 40 5.19 -48.54 -35.69
N ASP A 41 5.23 -47.31 -35.15
CA ASP A 41 4.63 -47.03 -33.86
C ASP A 41 3.23 -46.43 -33.96
N THR A 42 2.66 -46.35 -35.17
CA THR A 42 1.34 -45.74 -35.34
C THR A 42 0.24 -46.66 -34.83
N LYS A 43 -0.86 -46.06 -34.40
CA LYS A 43 -1.95 -46.78 -33.72
C LYS A 43 -3.27 -46.58 -34.44
N VAL A 44 -4.14 -47.58 -34.31
CA VAL A 44 -5.35 -47.72 -35.12
C VAL A 44 -6.51 -48.08 -34.21
N ASP A 45 -7.66 -47.40 -34.40
CA ASP A 45 -8.86 -47.68 -33.64
C ASP A 45 -9.81 -48.56 -34.45
N MET A 46 -10.95 -48.88 -33.85
CA MET A 46 -11.67 -50.09 -34.21
C MET A 46 -13.14 -49.91 -33.87
N TYR A 47 -14.03 -50.25 -34.81
CA TYR A 47 -15.46 -50.01 -34.60
C TYR A 47 -16.16 -51.30 -34.97
N THR A 48 -17.06 -51.76 -34.11
CA THR A 48 -18.17 -52.55 -34.60
C THR A 48 -19.45 -52.13 -33.90
N PRO A 49 -20.63 -52.56 -34.40
CA PRO A 49 -21.92 -51.97 -33.94
C PRO A 49 -22.21 -52.15 -32.45
N LYS A 50 -22.44 -51.02 -31.78
CA LYS A 50 -22.62 -50.90 -30.32
C LYS A 50 -21.42 -51.42 -29.54
N SER A 51 -20.24 -51.38 -30.18
CA SER A 51 -18.95 -51.80 -29.63
C SER A 51 -18.95 -53.20 -29.02
N ALA A 52 -19.33 -54.21 -29.80
CA ALA A 52 -19.45 -55.58 -29.31
C ALA A 52 -18.15 -56.34 -29.50
N GLY A 53 -18.02 -57.47 -28.82
CA GLY A 53 -16.87 -58.31 -28.98
C GLY A 53 -16.82 -59.43 -27.97
N ILE A 54 -15.84 -60.33 -28.17
CA ILE A 54 -15.61 -61.45 -27.27
C ILE A 54 -14.19 -61.33 -26.70
N LYS A 55 -14.07 -61.57 -25.41
CA LYS A 55 -12.80 -61.49 -24.70
C LYS A 55 -11.95 -62.70 -25.04
N ASN A 56 -10.66 -62.59 -24.71
CA ASN A 56 -9.69 -63.66 -24.92
C ASN A 56 -9.34 -64.37 -23.61
N GLU A 57 -10.35 -64.61 -22.78
CA GLU A 57 -10.32 -65.32 -21.49
C GLU A 57 -9.49 -64.61 -20.43
N GLU A 58 -9.13 -63.33 -20.63
CA GLU A 58 -8.61 -62.49 -19.56
C GLU A 58 -9.27 -61.12 -19.56
N GLY A 59 -10.45 -60.99 -20.14
CA GLY A 59 -11.07 -59.70 -20.33
C GLY A 59 -10.42 -58.86 -21.42
N GLU A 60 -9.74 -59.50 -22.36
CA GLU A 60 -8.92 -58.80 -23.35
C GLU A 60 -9.62 -58.88 -24.71
N ASN A 61 -9.99 -57.71 -25.25
CA ASN A 61 -10.67 -57.63 -26.54
C ASN A 61 -9.66 -57.45 -27.66
N LEU A 62 -10.15 -57.05 -28.83
CA LEU A 62 -9.32 -57.04 -30.04
C LEU A 62 -8.33 -55.87 -30.07
N TRP A 63 -8.55 -54.85 -29.23
CA TRP A 63 -7.85 -53.57 -29.46
C TRP A 63 -6.40 -53.62 -28.99
N GLN A 64 -6.26 -53.89 -27.70
CA GLN A 64 -4.93 -53.86 -27.14
C GLN A 64 -4.19 -54.98 -27.76
N VAL A 65 -4.93 -55.94 -28.31
CA VAL A 65 -4.27 -57.01 -29.00
C VAL A 65 -3.59 -56.37 -30.17
N LEU A 66 -4.35 -55.75 -31.06
CA LEU A 66 -3.70 -55.24 -32.25
C LEU A 66 -2.84 -54.03 -31.96
N ASN A 67 -3.06 -53.39 -30.84
CA ASN A 67 -2.33 -52.17 -30.57
C ASN A 67 -1.03 -52.47 -29.90
N LYS A 68 -1.00 -53.47 -29.05
CA LYS A 68 0.22 -53.68 -28.29
C LYS A 68 1.46 -53.75 -29.16
N ALA A 69 2.41 -52.83 -28.95
CA ALA A 69 3.68 -52.83 -29.70
C ALA A 69 3.72 -53.47 -31.09
N ASN A 70 3.30 -52.72 -32.12
CA ASN A 70 3.28 -53.22 -33.51
C ASN A 70 2.81 -54.66 -33.76
N MET A 71 1.84 -55.13 -32.99
CA MET A 71 1.31 -56.45 -33.22
C MET A 71 0.73 -56.46 -34.61
N PHE A 72 -0.02 -55.42 -34.93
CA PHE A 72 -0.60 -55.30 -36.25
C PHE A 72 0.46 -55.25 -37.35
N TYR A 73 1.63 -54.74 -37.04
CA TYR A 73 2.60 -54.62 -38.07
C TYR A 73 3.03 -56.01 -38.52
N ARG A 74 3.22 -56.95 -37.59
CA ARG A 74 3.72 -58.27 -38.01
C ARG A 74 2.66 -59.05 -38.79
N ILE A 75 1.41 -58.59 -38.83
CA ILE A 75 0.47 -59.15 -39.79
C ILE A 75 0.37 -58.28 -41.05
N TYR A 76 0.61 -56.96 -40.94
CA TYR A 76 0.49 -56.05 -42.07
C TYR A 76 1.68 -56.18 -43.02
N SER A 77 2.89 -56.29 -42.47
CA SER A 77 4.06 -56.51 -43.30
C SER A 77 4.05 -57.89 -43.93
N GLY A 78 3.52 -58.89 -43.21
CA GLY A 78 3.24 -60.18 -43.82
C GLY A 78 4.20 -61.30 -43.48
N GLU A 79 4.66 -61.37 -42.23
CA GLU A 79 5.45 -62.51 -41.79
C GLU A 79 4.62 -63.57 -41.09
N LEU A 80 3.31 -63.37 -40.99
CA LEU A 80 2.39 -64.33 -40.36
C LEU A 80 1.56 -65.11 -41.38
N GLY A 81 1.92 -65.05 -42.66
CA GLY A 81 1.23 -65.82 -43.67
C GLY A 81 0.08 -65.07 -44.31
N GLU A 82 -0.32 -65.54 -45.49
CA GLU A 82 -1.43 -64.93 -46.21
C GLU A 82 -2.78 -65.27 -45.62
N GLU A 83 -2.85 -66.36 -44.82
CA GLU A 83 -4.13 -66.83 -44.28
C GLU A 83 -4.73 -65.83 -43.31
N LEU A 84 -3.90 -65.24 -42.44
CA LEU A 84 -4.36 -64.17 -41.57
C LEU A 84 -4.36 -62.81 -42.26
N GLN A 85 -3.41 -62.58 -43.17
CA GLN A 85 -3.24 -61.25 -43.76
C GLN A 85 -4.36 -60.91 -44.71
N TYR A 86 -4.84 -61.89 -45.49
CA TYR A 86 -5.94 -61.64 -46.42
C TYR A 86 -7.25 -61.37 -45.68
N LEU A 87 -7.49 -62.09 -44.57
CA LEU A 87 -8.70 -61.88 -43.80
C LEU A 87 -8.62 -60.56 -43.04
N LEU A 88 -7.40 -60.14 -42.68
CA LEU A 88 -7.21 -58.80 -42.13
C LEU A 88 -7.49 -57.73 -43.19
N LYS A 89 -7.03 -57.96 -44.42
CA LYS A 89 -7.21 -56.98 -45.50
C LYS A 89 -8.66 -56.89 -45.99
N SER A 90 -9.48 -57.91 -45.71
CA SER A 90 -10.90 -57.84 -46.08
C SER A 90 -11.69 -56.92 -45.18
N CYS A 91 -11.12 -56.46 -44.07
CA CYS A 91 -11.84 -55.61 -43.13
C CYS A 91 -11.59 -54.13 -43.35
N CYS A 92 -10.37 -53.75 -43.75
CA CYS A 92 -10.06 -52.33 -43.95
C CYS A 92 -10.70 -51.80 -45.25
N THR A 93 -11.95 -51.37 -45.15
CA THR A 93 -12.68 -50.83 -46.29
C THR A 93 -12.88 -49.33 -46.11
N ALA A 94 -13.25 -48.68 -47.20
CA ALA A 94 -13.53 -47.24 -47.17
C ALA A 94 -15.03 -47.01 -47.07
N LYS A 95 -15.41 -46.18 -46.10
CA LYS A 95 -16.81 -45.83 -45.87
C LYS A 95 -16.91 -44.31 -45.88
N GLU A 96 -17.74 -43.77 -46.77
CA GLU A 96 -17.83 -42.33 -46.98
C GLU A 96 -19.15 -41.81 -46.42
N ASP A 97 -19.09 -40.65 -45.76
CA ASP A 97 -20.23 -39.94 -45.19
C ASP A 97 -19.77 -38.53 -44.85
N VAL A 98 -20.56 -37.54 -45.21
CA VAL A 98 -20.21 -36.15 -44.99
C VAL A 98 -21.18 -35.42 -44.08
N THR A 99 -22.19 -36.12 -43.56
CA THR A 99 -23.22 -35.46 -42.75
C THR A 99 -22.70 -35.14 -41.35
N THR A 100 -23.15 -33.99 -40.82
CA THR A 100 -22.79 -33.42 -39.52
C THR A 100 -21.27 -33.38 -39.30
N LEU A 101 -20.54 -32.99 -40.34
CA LEU A 101 -19.11 -32.78 -40.27
C LEU A 101 -18.80 -31.37 -40.76
N PRO A 102 -17.71 -30.76 -40.27
CA PRO A 102 -17.27 -29.49 -40.85
C PRO A 102 -16.88 -29.64 -42.31
N GLN A 103 -17.17 -28.61 -43.09
CA GLN A 103 -16.99 -28.64 -44.54
C GLN A 103 -16.42 -27.29 -44.93
N ILE A 104 -15.11 -27.20 -45.12
CA ILE A 104 -14.49 -25.90 -45.30
C ILE A 104 -13.85 -25.82 -46.69
N TYR A 105 -13.29 -24.66 -46.97
CA TYR A 105 -12.67 -24.36 -48.25
C TYR A 105 -11.19 -24.01 -48.08
N PHE A 106 -10.44 -24.20 -49.17
CA PHE A 106 -9.06 -23.75 -49.26
C PHE A 106 -8.78 -23.13 -50.63
N LYS A 107 -7.96 -22.08 -50.65
CA LYS A 107 -7.54 -21.45 -51.90
C LYS A 107 -6.47 -22.32 -52.54
N ASN A 108 -6.85 -23.01 -53.62
CA ASN A 108 -5.90 -23.76 -54.42
C ASN A 108 -5.37 -22.85 -55.52
N GLY A 109 -4.72 -23.43 -56.53
CA GLY A 109 -4.26 -22.64 -57.65
C GLY A 109 -5.39 -22.15 -58.51
N GLU A 110 -5.68 -20.85 -58.40
CA GLU A 110 -6.75 -20.15 -59.13
C GLU A 110 -8.12 -20.82 -58.90
N GLY A 111 -8.56 -20.77 -57.65
CA GLY A 111 -9.85 -21.30 -57.30
C GLY A 111 -9.89 -21.78 -55.86
N TYR A 112 -11.04 -22.32 -55.49
CA TYR A 112 -11.28 -22.82 -54.15
C TYR A 112 -11.62 -24.30 -54.19
N ASP A 113 -11.34 -24.98 -53.08
CA ASP A 113 -11.53 -26.43 -52.97
C ASP A 113 -12.30 -26.73 -51.69
N ILE A 114 -13.37 -27.51 -51.82
CA ILE A 114 -14.16 -27.97 -50.68
C ILE A 114 -13.49 -29.23 -50.12
N LEU A 115 -13.37 -29.29 -48.79
CA LEU A 115 -12.77 -30.44 -48.13
C LEU A 115 -13.30 -30.55 -46.71
N VAL A 116 -13.41 -31.79 -46.24
CA VAL A 116 -13.97 -32.12 -44.94
C VAL A 116 -12.82 -32.48 -44.00
N PRO A 117 -12.66 -31.78 -42.87
CA PRO A 117 -11.66 -32.18 -41.88
C PRO A 117 -12.17 -33.32 -41.01
N ILE A 118 -11.46 -34.44 -41.05
CA ILE A 118 -11.75 -35.60 -40.21
C ILE A 118 -10.52 -35.90 -39.36
N GLY A 119 -10.75 -36.59 -38.25
CA GLY A 119 -9.70 -36.74 -37.25
C GLY A 119 -8.74 -37.88 -37.55
N ASN A 120 -7.71 -37.98 -36.73
CA ASN A 120 -6.64 -38.95 -36.87
C ASN A 120 -6.67 -39.96 -35.74
N ALA A 121 -6.29 -41.20 -36.04
CA ALA A 121 -6.34 -42.29 -35.06
C ALA A 121 -5.15 -42.27 -34.12
N HIS A 122 -3.94 -42.12 -34.68
CA HIS A 122 -2.72 -42.20 -33.88
C HIS A 122 -2.61 -41.07 -32.87
N ASN A 123 -3.14 -39.90 -33.21
CA ASN A 123 -2.88 -38.69 -32.42
C ASN A 123 -3.53 -38.79 -31.04
N LEU A 124 -4.76 -39.33 -30.97
CA LEU A 124 -5.45 -39.45 -29.70
C LEU A 124 -4.77 -40.46 -28.78
N ILE A 125 -4.37 -41.62 -29.33
CA ILE A 125 -3.83 -42.67 -28.50
C ILE A 125 -2.40 -42.36 -28.08
N SER A 126 -1.60 -41.78 -28.99
CA SER A 126 -0.28 -41.32 -28.62
C SER A 126 -0.35 -40.11 -27.69
N GLY A 127 -1.46 -39.37 -27.74
CA GLY A 127 -1.69 -38.32 -26.76
C GLY A 127 -1.96 -38.86 -25.37
N THR A 128 -2.79 -39.90 -25.29
CA THR A 128 -3.07 -40.51 -23.98
C THR A 128 -1.85 -41.22 -23.43
N GLU A 129 -0.96 -41.68 -24.32
CA GLU A 129 0.22 -42.40 -23.83
C GLU A 129 1.51 -41.59 -23.86
N TYR A 130 1.49 -40.31 -24.24
CA TYR A 130 2.75 -39.58 -24.32
C TYR A 130 2.75 -38.28 -23.52
N LEU A 131 1.66 -37.50 -23.55
CA LEU A 131 1.57 -36.38 -22.60
C LEU A 131 1.40 -36.86 -21.17
N TRP A 132 0.96 -38.10 -20.97
CA TRP A 132 0.69 -38.59 -19.63
C TRP A 132 1.95 -39.12 -18.96
N GLU A 133 2.62 -40.08 -19.60
CA GLU A 133 3.66 -40.85 -18.93
C GLU A 133 4.95 -40.05 -18.78
N HIS A 134 5.20 -39.11 -19.70
CA HIS A 134 6.47 -38.39 -19.74
C HIS A 134 6.39 -36.95 -19.24
N LYS A 135 5.45 -36.64 -18.34
CA LYS A 135 5.42 -35.40 -17.54
C LYS A 135 5.36 -34.13 -18.38
N TYR A 136 4.27 -33.97 -19.12
CA TYR A 136 3.91 -32.67 -19.67
C TYR A 136 2.71 -32.18 -18.88
N TYR A 137 2.86 -31.02 -18.24
CA TYR A 137 1.93 -30.62 -17.19
C TYR A 137 1.07 -29.45 -17.65
N ASN A 138 0.62 -29.48 -18.91
CA ASN A 138 -0.24 -28.44 -19.46
C ASN A 138 -1.14 -29.10 -20.49
N THR A 139 -2.32 -29.56 -20.05
CA THR A 139 -3.21 -30.31 -20.93
C THR A 139 -4.62 -30.22 -20.37
N PHE A 140 -5.58 -30.50 -21.26
CA PHE A 140 -6.99 -30.63 -20.92
C PHE A 140 -7.40 -32.08 -21.13
N THR A 141 -8.14 -32.62 -20.17
CA THR A 141 -8.61 -34.00 -20.26
C THR A 141 -10.09 -33.99 -20.64
N GLN A 142 -10.42 -34.65 -21.75
CA GLN A 142 -11.79 -34.69 -22.23
C GLN A 142 -12.26 -36.13 -22.31
N LYS A 143 -13.59 -36.29 -22.31
CA LYS A 143 -14.22 -37.59 -22.48
C LYS A 143 -15.28 -37.47 -23.57
N LEU A 144 -15.18 -38.34 -24.58
CA LEU A 144 -16.19 -38.40 -25.63
C LEU A 144 -16.71 -39.83 -25.75
N GLY A 145 -18.03 -39.98 -25.79
CA GLY A 145 -19.03 -38.93 -25.68
C GLY A 145 -19.46 -38.61 -24.25
N GLY A 146 -20.76 -38.66 -23.99
CA GLY A 146 -21.29 -38.28 -22.70
C GLY A 146 -21.27 -39.40 -21.68
N SER A 147 -22.44 -39.70 -21.11
CA SER A 147 -22.55 -40.76 -20.11
C SER A 147 -22.36 -42.15 -20.71
N ASN A 148 -22.53 -42.29 -22.02
CA ASN A 148 -22.33 -43.56 -22.72
C ASN A 148 -21.29 -43.32 -23.82
N PRO A 149 -20.01 -43.33 -23.48
CA PRO A 149 -18.98 -43.04 -24.48
C PRO A 149 -18.67 -44.18 -25.42
N GLN A 150 -19.18 -45.39 -25.17
CA GLN A 150 -18.82 -46.55 -25.96
C GLN A 150 -19.56 -46.65 -27.30
N ASN A 151 -20.25 -45.58 -27.68
CA ASN A 151 -21.02 -45.57 -28.91
C ASN A 151 -20.15 -45.30 -30.12
N CYS A 152 -19.10 -44.50 -29.94
CA CYS A 152 -18.25 -44.15 -31.09
C CYS A 152 -17.44 -45.33 -31.56
N THR A 153 -16.34 -45.63 -30.86
CA THR A 153 -15.45 -46.70 -31.29
C THR A 153 -15.12 -47.62 -30.12
N HIS A 154 -14.15 -48.52 -30.31
CA HIS A 154 -13.72 -49.39 -29.24
C HIS A 154 -12.62 -48.67 -28.51
N ALA A 155 -11.99 -47.70 -29.16
CA ALA A 155 -10.99 -46.90 -28.48
C ALA A 155 -11.81 -46.10 -27.49
N CYS A 156 -12.93 -45.53 -27.94
CA CYS A 156 -13.79 -44.81 -27.02
C CYS A 156 -14.21 -45.72 -25.86
N ASN A 157 -14.48 -46.99 -26.17
CA ASN A 157 -14.98 -47.93 -25.16
C ASN A 157 -13.92 -48.25 -24.11
N LYS A 158 -12.65 -48.29 -24.51
CA LYS A 158 -11.65 -48.93 -23.65
C LYS A 158 -11.25 -48.05 -22.49
N MET A 159 -10.67 -46.88 -22.73
CA MET A 159 -10.33 -45.99 -21.63
C MET A 159 -11.42 -44.94 -21.49
N ARG A 160 -11.90 -44.76 -20.26
CA ARG A 160 -12.95 -43.81 -19.98
C ARG A 160 -12.44 -42.54 -19.32
N GLY A 161 -11.13 -42.41 -19.17
CA GLY A 161 -10.56 -41.16 -18.70
C GLY A 161 -10.55 -40.08 -19.77
N GLY A 162 -10.62 -40.47 -21.03
CA GLY A 162 -10.70 -39.52 -22.11
C GLY A 162 -9.35 -39.14 -22.66
N PHE A 163 -9.35 -38.48 -23.81
CA PHE A 163 -8.12 -38.07 -24.46
C PHE A 163 -7.64 -36.73 -23.90
N LYS A 164 -6.49 -36.29 -24.38
CA LYS A 164 -5.83 -35.10 -23.86
C LYS A 164 -5.53 -34.14 -25.01
N GLN A 165 -5.93 -32.88 -24.85
CA GLN A 165 -5.50 -31.83 -25.76
C GLN A 165 -4.52 -30.89 -25.06
N PHE A 166 -3.77 -30.13 -25.86
CA PHE A 166 -2.89 -29.11 -25.31
C PHE A 166 -3.66 -27.86 -24.94
N ASN A 167 -3.11 -27.07 -24.02
CA ASN A 167 -3.67 -25.78 -23.71
C ASN A 167 -3.16 -24.74 -24.70
N CYS A 168 -4.07 -23.93 -25.22
CA CYS A 168 -3.72 -22.85 -26.15
C CYS A 168 -4.05 -21.51 -25.53
N THR A 169 -3.65 -21.34 -24.28
CA THR A 169 -3.87 -20.10 -23.56
C THR A 169 -2.55 -19.34 -23.46
N PRO A 170 -2.36 -18.26 -24.21
CA PRO A 170 -1.15 -17.45 -24.05
C PRO A 170 -1.23 -16.65 -22.76
N PRO A 171 -0.08 -16.27 -22.19
CA PRO A 171 -0.11 -15.30 -21.09
C PRO A 171 -0.61 -13.95 -21.57
N GLN A 172 -1.31 -13.27 -20.68
CA GLN A 172 -2.04 -12.06 -21.03
C GLN A 172 -1.33 -10.82 -20.49
N VAL A 173 -1.75 -9.66 -21.01
CA VAL A 173 -1.17 -8.39 -20.59
C VAL A 173 -1.69 -8.04 -19.20
N GLU A 174 -0.78 -7.65 -18.31
CA GLU A 174 -1.12 -7.25 -16.95
C GLU A 174 -1.85 -5.90 -16.94
N MET B 1 3.20 -1.28 -53.87
CA MET B 1 3.25 -0.56 -52.61
C MET B 1 2.25 -1.20 -51.64
N ARG B 2 2.77 -1.96 -50.68
CA ARG B 2 1.90 -2.72 -49.79
C ARG B 2 1.19 -1.81 -48.78
N LYS B 3 0.05 -2.27 -48.29
CA LYS B 3 -0.70 -1.57 -47.27
C LYS B 3 -1.11 -2.54 -46.16
N PHE B 4 -1.15 -2.02 -44.94
CA PHE B 4 -1.52 -2.79 -43.75
C PHE B 4 -2.79 -2.19 -43.15
N ILE B 5 -3.76 -3.04 -42.85
CA ILE B 5 -4.96 -2.62 -42.14
C ILE B 5 -5.05 -3.44 -40.85
N ILE B 6 -5.43 -2.77 -39.77
CA ILE B 6 -5.27 -3.26 -38.41
C ILE B 6 -6.62 -3.31 -37.73
N VAL B 7 -6.96 -4.47 -37.17
CA VAL B 7 -8.15 -4.62 -36.32
C VAL B 7 -7.65 -4.87 -34.90
N LYS B 8 -7.81 -3.87 -34.04
CA LYS B 8 -7.28 -3.91 -32.69
C LYS B 8 -8.39 -4.13 -31.68
N ASN B 9 -8.12 -5.00 -30.69
CA ASN B 9 -8.93 -5.20 -29.49
C ASN B 9 -10.34 -5.67 -29.84
N VAL B 10 -10.42 -6.60 -30.77
CA VAL B 10 -11.69 -7.17 -31.20
C VAL B 10 -12.12 -8.25 -30.21
N LYS B 11 -13.32 -8.10 -29.65
CA LYS B 11 -13.84 -9.02 -28.65
C LYS B 11 -14.60 -10.15 -29.36
N VAL B 12 -14.01 -11.34 -29.35
CA VAL B 12 -14.61 -12.51 -30.01
C VAL B 12 -15.31 -13.33 -28.94
N ASP B 13 -16.56 -13.71 -29.19
CA ASP B 13 -17.38 -14.39 -28.20
C ASP B 13 -18.22 -15.46 -28.86
N GLY B 14 -18.15 -16.69 -28.35
CA GLY B 14 -18.79 -17.83 -28.96
C GLY B 14 -17.90 -18.59 -29.92
N ILE B 15 -16.60 -18.28 -29.95
CA ILE B 15 -15.66 -18.92 -30.87
C ILE B 15 -15.35 -20.32 -30.35
N ASN B 16 -15.64 -21.35 -31.16
CA ASN B 16 -15.46 -22.72 -30.71
C ASN B 16 -13.98 -23.06 -30.72
N ALA B 17 -13.48 -23.57 -29.59
CA ALA B 17 -12.05 -23.74 -29.39
C ALA B 17 -11.50 -24.99 -30.06
N LYS B 18 -12.35 -25.88 -30.58
CA LYS B 18 -11.89 -27.16 -31.10
C LYS B 18 -11.28 -26.97 -32.48
N SER B 19 -9.99 -26.62 -32.50
CA SER B 19 -9.25 -26.59 -33.75
C SER B 19 -9.04 -27.98 -34.30
N SER B 20 -8.87 -28.96 -33.41
CA SER B 20 -8.81 -30.37 -33.77
C SER B 20 -9.21 -31.18 -32.54
N ASP B 21 -9.25 -32.50 -32.70
CA ASP B 21 -9.48 -33.37 -31.54
C ASP B 21 -8.26 -33.44 -30.62
N ILE B 22 -7.11 -32.95 -31.08
CA ILE B 22 -5.88 -32.95 -30.30
C ILE B 22 -5.37 -31.55 -29.98
N THR B 23 -5.68 -30.53 -30.77
CA THR B 23 -5.40 -29.15 -30.40
C THR B 23 -6.72 -28.43 -30.14
N VAL B 24 -6.87 -27.87 -28.94
CA VAL B 24 -8.05 -27.11 -28.56
C VAL B 24 -7.60 -25.77 -28.01
N GLY B 25 -8.45 -24.75 -28.14
CA GLY B 25 -8.08 -23.41 -27.76
C GLY B 25 -8.16 -22.41 -28.91
N MET B 26 -7.01 -21.95 -29.38
CA MET B 26 -6.94 -21.04 -30.52
C MET B 26 -7.36 -21.77 -31.80
N PRO B 27 -8.11 -21.12 -32.70
CA PRO B 27 -8.36 -21.73 -34.01
C PRO B 27 -7.07 -21.75 -34.83
N PRO B 28 -6.98 -22.63 -35.82
CA PRO B 28 -5.70 -22.76 -36.55
C PRO B 28 -5.47 -21.57 -37.47
N ALA B 29 -4.28 -21.54 -38.07
CA ALA B 29 -3.94 -20.48 -39.00
C ALA B 29 -4.73 -20.57 -40.30
N THR B 30 -5.36 -21.72 -40.55
CA THR B 30 -6.28 -21.85 -41.67
C THR B 30 -7.48 -20.93 -41.51
N THR B 31 -7.96 -20.76 -40.27
CA THR B 31 -9.07 -19.84 -39.99
C THR B 31 -8.70 -18.40 -40.33
N PHE B 32 -7.58 -17.93 -39.81
CA PHE B 32 -7.25 -16.53 -39.94
C PHE B 32 -6.62 -16.21 -41.30
N CYS B 33 -6.17 -17.23 -42.03
CA CYS B 33 -5.78 -17.05 -43.42
C CYS B 33 -6.94 -17.22 -44.40
N GLY B 34 -8.00 -17.92 -43.99
CA GLY B 34 -9.22 -17.93 -44.77
C GLY B 34 -10.12 -16.74 -44.52
N LEU B 35 -9.88 -16.01 -43.44
CA LEU B 35 -10.50 -14.70 -43.26
C LEU B 35 -10.11 -13.76 -44.39
N GLY B 36 -8.86 -13.84 -44.84
CA GLY B 36 -8.42 -13.03 -45.97
C GLY B 36 -9.14 -13.37 -47.26
N GLU B 37 -9.36 -14.67 -47.50
CA GLU B 37 -10.14 -15.06 -48.67
C GLU B 37 -11.61 -14.71 -48.50
N THR B 38 -12.09 -14.67 -47.25
CA THR B 38 -13.47 -14.26 -46.99
C THR B 38 -13.69 -12.79 -47.36
N MET B 39 -12.73 -11.92 -47.03
CA MET B 39 -12.89 -10.53 -47.49
C MET B 39 -12.46 -10.36 -48.94
N SER B 40 -11.72 -11.33 -49.50
CA SER B 40 -11.40 -11.25 -50.92
C SER B 40 -12.61 -11.62 -51.78
N ILE B 41 -13.48 -12.48 -51.28
CA ILE B 41 -14.65 -12.92 -52.03
C ILE B 41 -15.88 -12.09 -51.70
N LYS B 42 -16.14 -11.85 -50.40
CA LYS B 42 -17.31 -11.09 -50.00
C LYS B 42 -17.18 -9.61 -50.35
N THR B 43 -16.03 -9.02 -50.03
CA THR B 43 -15.83 -7.59 -50.28
C THR B 43 -15.14 -7.35 -51.63
N GLY B 44 -13.99 -7.98 -51.84
CA GLY B 44 -13.24 -7.85 -53.07
C GLY B 44 -11.81 -7.38 -52.89
N ILE B 45 -11.40 -6.96 -51.70
CA ILE B 45 -10.04 -6.50 -51.46
C ILE B 45 -9.12 -7.71 -51.37
N VAL B 46 -8.06 -7.70 -52.18
CA VAL B 46 -7.15 -8.85 -52.25
C VAL B 46 -6.27 -8.84 -51.01
N VAL B 47 -6.33 -9.92 -50.23
CA VAL B 47 -5.51 -10.09 -49.04
C VAL B 47 -4.46 -11.15 -49.35
N LYS B 48 -3.19 -10.78 -49.19
CA LYS B 48 -2.09 -11.69 -49.53
C LYS B 48 -1.47 -12.36 -48.32
N ALA B 49 -1.54 -11.75 -47.14
CA ALA B 49 -0.93 -12.33 -45.94
C ALA B 49 -1.67 -11.82 -44.72
N VAL B 50 -1.48 -12.51 -43.60
CA VAL B 50 -2.19 -12.22 -42.37
C VAL B 50 -1.30 -12.56 -41.18
N SER B 51 -1.41 -11.77 -40.12
CA SER B 51 -0.73 -12.05 -38.87
C SER B 51 -1.68 -11.73 -37.73
N TYR B 52 -1.45 -12.36 -36.58
CA TYR B 52 -2.39 -12.21 -35.47
C TYR B 52 -1.66 -12.38 -34.14
N GLY B 53 -2.09 -11.59 -33.16
CA GLY B 53 -1.70 -11.73 -31.79
C GLY B 53 -2.87 -12.09 -30.91
N SER B 54 -2.72 -11.83 -29.60
CA SER B 54 -3.81 -12.07 -28.66
C SER B 54 -3.61 -11.13 -27.47
N VAL B 55 -4.49 -10.12 -27.37
CA VAL B 55 -4.48 -9.26 -26.18
C VAL B 55 -4.91 -10.07 -24.97
N LYS B 56 -6.02 -10.80 -25.09
CA LYS B 56 -6.46 -11.72 -24.05
C LYS B 56 -7.05 -12.95 -24.70
N PHE B 57 -7.05 -14.06 -23.96
CA PHE B 57 -7.67 -15.29 -24.44
C PHE B 57 -8.02 -16.15 -23.24
N GLU B 58 -9.21 -16.76 -23.29
CA GLU B 58 -9.59 -17.73 -22.27
C GLU B 58 -10.58 -18.71 -22.88
N VAL B 59 -10.35 -19.99 -22.66
CA VAL B 59 -11.25 -21.02 -23.12
C VAL B 59 -12.28 -21.31 -22.02
N ARG B 60 -13.54 -21.47 -22.41
CA ARG B 60 -14.62 -21.54 -21.43
C ARG B 60 -14.59 -22.87 -20.70
N GLY B 61 -14.32 -22.82 -19.40
CA GLY B 61 -14.24 -24.00 -18.57
C GLY B 61 -13.17 -23.89 -17.50
N SER B 62 -13.05 -24.97 -16.74
CA SER B 62 -12.15 -25.01 -15.59
C SER B 62 -10.75 -25.42 -16.02
N ARG B 63 -9.93 -25.79 -15.03
CA ARG B 63 -8.49 -25.80 -15.19
C ARG B 63 -8.00 -27.00 -16.00
N PHE B 64 -8.60 -28.18 -15.81
CA PHE B 64 -8.27 -29.35 -16.61
C PHE B 64 -9.40 -29.84 -17.48
N ASN B 65 -10.63 -29.41 -17.21
CA ASN B 65 -11.75 -29.76 -18.07
C ASN B 65 -12.39 -28.49 -18.57
N THR B 66 -12.23 -28.26 -19.86
CA THR B 66 -13.05 -27.29 -20.57
C THR B 66 -14.10 -28.10 -21.33
N SER B 67 -15.31 -27.56 -21.44
CA SER B 67 -16.35 -28.37 -22.02
C SER B 67 -17.41 -27.56 -22.74
N VAL B 68 -18.55 -28.20 -22.98
CA VAL B 68 -19.43 -27.91 -24.09
C VAL B 68 -20.84 -27.67 -23.57
N THR B 69 -21.58 -26.78 -24.23
CA THR B 69 -22.98 -26.48 -23.96
C THR B 69 -23.83 -27.73 -24.07
N LYS B 70 -24.97 -27.73 -23.37
CA LYS B 70 -26.01 -28.72 -23.60
C LYS B 70 -26.51 -28.59 -25.03
N PHE B 71 -26.43 -29.66 -25.80
CA PHE B 71 -26.79 -29.61 -27.20
C PHE B 71 -28.30 -29.43 -27.37
N ALA B 72 -28.69 -28.96 -28.55
CA ALA B 72 -30.11 -28.86 -28.88
C ALA B 72 -30.62 -30.21 -29.38
N TRP B 73 -31.85 -30.23 -29.86
CA TRP B 73 -32.43 -31.45 -30.43
C TRP B 73 -32.75 -31.20 -31.90
N GLN B 74 -31.79 -30.62 -32.60
CA GLN B 74 -31.96 -30.14 -33.97
C GLN B 74 -31.63 -31.23 -35.00
N ASP B 75 -32.19 -32.42 -34.75
CA ASP B 75 -32.03 -33.54 -35.65
C ASP B 75 -33.38 -34.20 -35.89
N ARG B 76 -33.59 -34.66 -37.12
CA ARG B 76 -34.77 -35.47 -37.43
C ARG B 76 -34.51 -36.92 -37.04
N GLY B 77 -35.54 -37.56 -36.50
CA GLY B 77 -35.43 -38.92 -36.02
C GLY B 77 -35.41 -39.02 -34.51
N ASN B 78 -35.64 -37.92 -33.81
CA ASN B 78 -35.62 -37.86 -32.35
C ASN B 78 -36.94 -37.29 -31.85
N GLY B 79 -38.05 -37.81 -32.37
CA GLY B 79 -39.38 -37.34 -32.04
C GLY B 79 -39.79 -37.50 -30.58
N GLY B 80 -39.60 -38.70 -30.04
CA GLY B 80 -39.90 -38.92 -28.64
C GLY B 80 -38.68 -38.68 -27.78
N LYS B 81 -37.52 -38.50 -28.41
CA LYS B 81 -36.26 -38.26 -27.72
C LYS B 81 -35.99 -36.76 -27.71
N ALA B 82 -36.86 -36.03 -27.00
CA ALA B 82 -36.68 -34.58 -26.89
C ALA B 82 -36.84 -34.14 -25.44
N ASN B 83 -37.51 -34.96 -24.64
CA ASN B 83 -37.70 -34.64 -23.22
C ASN B 83 -36.39 -34.75 -22.46
N ASN B 84 -35.50 -35.61 -22.92
CA ASN B 84 -34.17 -35.75 -22.32
C ASN B 84 -33.33 -34.54 -22.75
N ASN B 85 -32.18 -34.37 -22.08
CA ASN B 85 -31.34 -33.19 -22.29
C ASN B 85 -30.80 -33.10 -23.71
N SER B 86 -29.86 -34.00 -24.07
CA SER B 86 -29.13 -33.92 -25.32
C SER B 86 -28.26 -35.14 -25.54
N PRO B 87 -27.87 -35.43 -26.78
CA PRO B 87 -26.61 -36.13 -27.01
C PRO B 87 -25.47 -35.12 -27.11
N ILE B 88 -24.50 -35.24 -26.21
CA ILE B 88 -23.50 -34.19 -26.07
C ILE B 88 -22.13 -34.69 -26.49
N GLN B 89 -21.64 -34.20 -27.62
CA GLN B 89 -20.29 -34.43 -28.12
C GLN B 89 -19.46 -33.17 -27.88
N PRO B 90 -18.16 -33.30 -27.55
CA PRO B 90 -17.43 -32.13 -27.03
C PRO B 90 -17.11 -31.12 -28.11
N LYS B 91 -17.38 -29.87 -27.76
CA LYS B 91 -17.20 -28.67 -28.57
C LYS B 91 -16.93 -27.50 -27.64
N PRO B 92 -15.73 -27.38 -27.09
CA PRO B 92 -15.44 -26.27 -26.17
C PRO B 92 -15.35 -24.95 -26.92
N LEU B 93 -15.77 -23.89 -26.24
CA LEU B 93 -15.73 -22.55 -26.81
C LEU B 93 -14.79 -21.68 -26.00
N ALA B 94 -14.55 -20.47 -26.50
CA ALA B 94 -13.57 -19.57 -25.92
C ALA B 94 -14.07 -18.14 -26.08
N ASP B 95 -13.29 -17.21 -25.54
CA ASP B 95 -13.51 -15.79 -25.71
C ASP B 95 -12.17 -15.08 -25.61
N GLY B 96 -11.95 -14.13 -26.52
CA GLY B 96 -10.65 -13.49 -26.60
C GLY B 96 -10.69 -12.11 -27.20
N VAL B 97 -9.63 -11.36 -26.89
CA VAL B 97 -9.37 -10.03 -27.41
C VAL B 97 -8.15 -10.13 -28.31
N PHE B 98 -8.32 -9.81 -29.59
CA PHE B 98 -7.34 -10.11 -30.63
C PHE B 98 -6.87 -8.84 -31.34
N THR B 99 -5.72 -8.96 -31.99
CA THR B 99 -5.21 -7.97 -32.93
C THR B 99 -4.93 -8.67 -34.25
N LEU B 100 -5.35 -8.05 -35.35
CA LEU B 100 -5.25 -8.64 -36.68
C LEU B 100 -4.57 -7.66 -37.62
N CYS B 101 -3.64 -8.18 -38.42
CA CYS B 101 -2.96 -7.40 -39.45
C CYS B 101 -3.21 -8.04 -40.79
N PHE B 102 -3.70 -7.26 -41.75
CA PHE B 102 -3.94 -7.78 -43.09
C PHE B 102 -3.06 -7.05 -44.12
N GLU B 103 -2.47 -7.85 -45.01
CA GLU B 103 -1.63 -7.34 -46.10
C GLU B 103 -2.54 -7.18 -47.32
N VAL B 104 -2.81 -5.94 -47.71
CA VAL B 104 -3.70 -5.63 -48.82
C VAL B 104 -3.03 -4.62 -49.73
N GLU B 105 -3.37 -4.68 -51.02
CA GLU B 105 -3.02 -3.65 -51.99
C GLU B 105 -4.31 -2.98 -52.44
N TRP B 106 -4.33 -1.66 -52.37
CA TRP B 106 -5.56 -0.89 -52.51
C TRP B 106 -5.57 0.05 -53.70
N GLU B 107 -4.48 0.79 -53.92
CA GLU B 107 -4.31 1.75 -55.03
C GLU B 107 -5.43 2.79 -55.03
N ASP B 108 -5.80 3.26 -53.85
CA ASP B 108 -6.90 4.20 -53.67
C ASP B 108 -6.67 4.88 -52.33
N CYS B 109 -7.46 5.93 -52.07
CA CYS B 109 -7.36 6.67 -50.81
C CYS B 109 -7.79 5.79 -49.63
N ALA B 110 -7.21 6.09 -48.47
CA ALA B 110 -7.36 5.24 -47.29
C ALA B 110 -8.68 5.46 -46.55
N GLU B 111 -9.50 6.42 -46.98
CA GLU B 111 -10.78 6.68 -46.33
C GLU B 111 -11.87 5.70 -46.78
N VAL B 112 -11.59 4.84 -47.76
CA VAL B 112 -12.53 3.82 -48.18
C VAL B 112 -12.20 2.45 -47.58
N LEU B 113 -10.91 2.17 -47.34
CA LEU B 113 -10.50 0.86 -46.83
C LEU B 113 -11.01 0.63 -45.40
N VAL B 114 -11.02 1.70 -44.59
CA VAL B 114 -11.46 1.59 -43.20
C VAL B 114 -12.94 1.25 -43.12
N ASP B 115 -13.76 1.94 -43.90
CA ASP B 115 -15.19 1.65 -43.92
C ASP B 115 -15.47 0.31 -44.58
N LYS B 116 -14.66 -0.06 -45.59
CA LYS B 116 -14.88 -1.30 -46.31
C LYS B 116 -14.46 -2.53 -45.51
N VAL B 117 -13.59 -2.35 -44.51
CA VAL B 117 -13.34 -3.47 -43.61
C VAL B 117 -14.28 -3.37 -42.40
N THR B 118 -14.79 -2.17 -42.09
CA THR B 118 -15.70 -1.99 -40.97
C THR B 118 -17.04 -2.66 -41.24
N ASN B 119 -17.59 -2.49 -42.44
CA ASN B 119 -18.88 -3.12 -42.71
C ASN B 119 -18.75 -4.62 -42.96
N PHE B 120 -17.54 -5.12 -43.20
CA PHE B 120 -17.29 -6.56 -43.28
C PHE B 120 -17.08 -7.19 -41.91
N ILE B 121 -16.54 -6.44 -40.94
CA ILE B 121 -16.44 -6.93 -39.57
C ILE B 121 -17.82 -7.19 -38.99
N ASN B 122 -18.77 -6.29 -39.24
CA ASN B 122 -20.12 -6.39 -38.68
C ASN B 122 -20.93 -7.55 -39.25
N THR B 123 -20.56 -8.10 -40.40
CA THR B 123 -21.31 -9.22 -40.97
C THR B 123 -20.59 -10.55 -40.90
N ALA B 124 -19.26 -10.56 -40.79
CA ALA B 124 -18.54 -11.81 -40.70
C ALA B 124 -18.48 -12.27 -39.24
N ARG B 125 -18.09 -13.53 -39.06
CA ARG B 125 -17.89 -14.10 -37.73
C ARG B 125 -16.48 -14.68 -37.63
N ILE B 126 -15.88 -14.54 -36.45
CA ILE B 126 -14.48 -14.92 -36.25
C ILE B 126 -14.52 -16.32 -35.65
N ALA B 127 -14.53 -17.32 -36.54
CA ALA B 127 -14.58 -18.76 -36.22
C ALA B 127 -15.76 -19.09 -35.30
N GLY B 128 -16.94 -18.65 -35.73
CA GLY B 128 -18.14 -18.82 -34.92
C GLY B 128 -18.29 -17.80 -33.82
N GLY B 129 -17.36 -16.87 -33.67
CA GLY B 129 -17.44 -15.87 -32.62
C GLY B 129 -18.30 -14.69 -33.01
N THR B 130 -18.63 -13.89 -32.00
CA THR B 130 -19.42 -12.68 -32.19
C THR B 130 -18.58 -11.49 -31.78
N ILE B 131 -18.45 -10.52 -32.69
CA ILE B 131 -17.67 -9.31 -32.43
C ILE B 131 -18.50 -8.40 -31.52
N ALA B 132 -17.94 -8.08 -30.35
CA ALA B 132 -18.58 -7.15 -29.43
C ALA B 132 -18.11 -5.71 -29.63
N SER B 133 -16.82 -5.49 -29.42
CA SER B 133 -16.22 -4.17 -29.54
C SER B 133 -14.90 -4.31 -30.28
N PHE B 134 -14.64 -3.37 -31.19
CA PHE B 134 -13.40 -3.38 -31.95
C PHE B 134 -12.99 -1.94 -32.22
N ASN B 135 -11.69 -1.68 -32.15
CA ASN B 135 -11.18 -0.34 -32.38
C ASN B 135 -11.27 0.01 -33.86
N LYS B 136 -11.22 1.31 -34.15
CA LYS B 136 -11.34 1.80 -35.51
C LYS B 136 -10.09 1.45 -36.30
N PRO B 137 -10.22 0.83 -37.48
CA PRO B 137 -9.03 0.46 -38.26
C PRO B 137 -8.32 1.68 -38.84
N PHE B 138 -7.01 1.55 -39.01
CA PHE B 138 -6.18 2.58 -39.60
C PHE B 138 -5.17 1.95 -40.54
N VAL B 139 -4.81 2.69 -41.58
CA VAL B 139 -3.97 2.18 -42.66
C VAL B 139 -2.52 2.56 -42.39
N LYS B 140 -1.64 1.56 -42.47
CA LYS B 140 -0.21 1.73 -42.27
C LYS B 140 0.52 1.45 -43.58
N VAL B 141 1.55 2.25 -43.86
CA VAL B 141 2.36 2.13 -45.07
C VAL B 141 3.79 1.90 -44.63
N ALA B 142 4.40 0.82 -45.11
CA ALA B 142 5.78 0.48 -44.83
C ALA B 142 6.47 0.03 -46.11
N LYS B 143 7.64 0.58 -46.39
CA LYS B 143 8.41 0.24 -47.58
C LYS B 143 9.70 -0.50 -47.26
N ASP B 144 10.18 -0.42 -46.02
CA ASP B 144 11.36 -1.16 -45.60
C ASP B 144 11.20 -1.73 -44.19
N ALA B 145 12.28 -2.29 -43.63
CA ALA B 145 12.20 -2.83 -42.27
C ALA B 145 12.12 -1.73 -41.23
N GLU B 146 12.69 -0.55 -41.53
CA GLU B 146 12.63 0.57 -40.60
C GLU B 146 11.21 1.10 -40.43
N GLU B 147 10.46 1.20 -41.53
CA GLU B 147 9.05 1.57 -41.45
C GLU B 147 8.15 0.40 -41.11
N LEU B 148 8.65 -0.84 -41.23
CA LEU B 148 7.93 -1.98 -40.68
C LEU B 148 8.06 -2.05 -39.17
N ALA B 149 9.12 -1.47 -38.60
CA ALA B 149 9.24 -1.37 -37.15
C ALA B 149 8.25 -0.36 -36.56
N SER B 150 7.78 0.59 -37.36
CA SER B 150 6.69 1.45 -36.91
C SER B 150 5.40 0.67 -36.75
N VAL B 151 5.20 -0.35 -37.60
CA VAL B 151 4.10 -1.29 -37.41
C VAL B 151 4.36 -2.16 -36.17
N LYS B 152 5.63 -2.45 -35.90
CA LYS B 152 5.99 -3.27 -34.74
C LYS B 152 5.68 -2.57 -33.42
N ASN B 153 5.95 -1.26 -33.34
CA ASN B 153 5.81 -0.58 -32.05
C ASN B 153 4.36 -0.22 -31.71
N ALA B 154 3.41 -0.36 -32.64
CA ALA B 154 2.05 0.11 -32.38
C ALA B 154 1.09 -1.00 -31.92
N MET B 155 1.45 -2.27 -32.04
CA MET B 155 0.66 -3.37 -31.48
C MET B 155 0.94 -3.64 -30.01
N MET B 156 1.76 -2.82 -29.36
CA MET B 156 2.03 -2.97 -27.95
C MET B 156 0.80 -2.58 -27.14
N PRO B 157 0.25 -3.48 -26.30
CA PRO B 157 0.67 -4.86 -25.98
C PRO B 157 -0.11 -5.95 -26.68
N CYS B 158 0.59 -6.98 -27.15
CA CYS B 158 -0.03 -8.18 -27.72
C CYS B 158 0.99 -9.30 -27.66
N TYR B 159 0.53 -10.52 -27.93
CA TYR B 159 1.39 -11.71 -28.00
C TYR B 159 1.23 -12.34 -29.38
N VAL B 160 2.17 -12.06 -30.27
CA VAL B 160 2.06 -12.53 -31.65
C VAL B 160 2.54 -13.97 -31.77
N VAL B 161 2.21 -14.59 -32.90
CA VAL B 161 2.48 -15.99 -33.16
C VAL B 161 3.47 -16.08 -34.32
N VAL B 162 4.56 -16.82 -34.10
CA VAL B 162 5.56 -17.06 -35.13
C VAL B 162 5.70 -18.56 -35.32
N ASP B 163 6.15 -18.97 -36.51
CA ASP B 163 6.37 -20.39 -36.77
C ASP B 163 7.62 -20.88 -36.04
N CYS B 164 7.63 -22.17 -35.69
CA CYS B 164 8.78 -22.75 -35.00
C CYS B 164 9.24 -24.06 -35.64
N GLY B 165 8.33 -24.76 -36.29
CA GLY B 165 8.72 -25.96 -37.01
C GLY B 165 8.82 -27.19 -36.14
N VAL B 166 8.67 -28.35 -36.76
CA VAL B 166 8.70 -29.64 -36.09
C VAL B 166 10.09 -30.24 -36.24
N GLU B 167 10.58 -30.91 -35.20
CA GLU B 167 11.85 -31.60 -35.26
C GLU B 167 11.71 -32.98 -35.89
N VAL B 168 10.89 -33.84 -35.30
CA VAL B 168 10.64 -35.16 -35.85
C VAL B 168 9.13 -35.41 -36.01
N ASN B 169 8.37 -35.17 -34.95
CA ASN B 169 6.92 -35.37 -34.93
C ASN B 169 6.34 -34.59 -33.76
N ILE B 170 5.05 -34.81 -33.49
CA ILE B 170 4.27 -33.81 -32.76
C ILE B 170 4.50 -33.88 -31.25
N PHE B 171 4.09 -34.99 -30.63
CA PHE B 171 3.97 -35.00 -29.17
C PHE B 171 5.33 -35.11 -28.49
N GLU B 172 6.28 -35.77 -29.16
CA GLU B 172 7.66 -35.78 -28.70
C GLU B 172 8.23 -34.38 -28.61
N ASP B 173 8.03 -33.57 -29.67
CA ASP B 173 8.47 -32.18 -29.69
C ASP B 173 7.70 -31.35 -28.67
N ALA B 174 6.43 -31.69 -28.45
CA ALA B 174 5.65 -31.00 -27.42
C ALA B 174 6.16 -31.33 -26.02
N VAL B 175 6.82 -32.47 -25.86
CA VAL B 175 7.32 -32.84 -24.54
C VAL B 175 8.70 -32.23 -24.26
N ASN B 176 9.70 -32.45 -25.14
CA ASN B 176 11.07 -32.18 -24.70
C ASN B 176 11.35 -30.68 -24.70
N ARG B 177 10.70 -29.98 -25.64
CA ARG B 177 10.89 -28.53 -25.79
C ARG B 177 9.83 -27.73 -25.10
N LYS B 178 8.71 -28.37 -24.77
CA LYS B 178 7.60 -27.65 -24.18
C LYS B 178 7.18 -26.49 -25.06
N LEU B 179 6.66 -26.77 -26.25
CA LEU B 179 6.16 -25.73 -27.11
C LEU B 179 4.70 -25.97 -27.40
N GLN B 180 4.15 -25.31 -28.40
CA GLN B 180 2.74 -25.43 -28.67
C GLN B 180 2.42 -25.84 -30.11
N PRO B 181 1.75 -26.99 -30.33
CA PRO B 181 1.38 -27.28 -31.72
C PRO B 181 0.04 -26.68 -32.13
N MET B 182 -0.11 -26.49 -33.45
CA MET B 182 -1.39 -26.13 -34.06
C MET B 182 -1.38 -26.51 -35.54
N VAL B 183 -2.59 -26.59 -36.11
CA VAL B 183 -2.75 -27.10 -37.47
C VAL B 183 -2.32 -26.05 -38.48
N ASN B 184 -1.48 -26.46 -39.44
CA ASN B 184 -1.00 -25.55 -40.49
C ASN B 184 -1.24 -26.07 -41.90
N GLY B 185 -1.98 -27.16 -42.06
CA GLY B 185 -2.20 -27.68 -43.39
C GLY B 185 -2.96 -28.98 -43.35
N TYR B 186 -3.45 -29.37 -44.53
CA TYR B 186 -4.44 -30.41 -44.66
C TYR B 186 -4.00 -31.35 -45.77
N LYS B 187 -4.14 -32.66 -45.56
CA LYS B 187 -3.68 -33.64 -46.52
C LYS B 187 -4.86 -34.40 -47.09
N LYS B 188 -4.96 -34.43 -48.43
CA LYS B 188 -6.07 -35.06 -49.12
C LYS B 188 -5.99 -36.57 -49.04
N LEU B 189 -7.12 -37.21 -48.75
CA LEU B 189 -7.17 -38.66 -48.54
C LEU B 189 -8.01 -39.38 -49.57
N GLU B 190 -9.28 -39.02 -49.72
CA GLU B 190 -10.19 -39.74 -50.60
C GLU B 190 -11.23 -38.77 -51.15
N LYS B 191 -11.66 -39.01 -52.38
CA LYS B 191 -12.62 -38.12 -53.04
C LYS B 191 -14.03 -38.70 -52.93
N ILE B 192 -14.97 -37.88 -52.48
CA ILE B 192 -16.36 -38.33 -52.31
C ILE B 192 -17.00 -38.50 -53.68
N VAL B 193 -17.60 -39.67 -53.90
CA VAL B 193 -18.07 -40.05 -55.24
C VAL B 193 -19.28 -39.23 -55.67
N ASP B 194 -20.12 -38.83 -54.72
CA ASP B 194 -21.32 -38.08 -55.03
C ASP B 194 -21.24 -36.67 -54.44
N ASN B 195 -21.72 -35.69 -55.21
CA ASN B 195 -21.70 -34.30 -54.78
C ASN B 195 -23.10 -33.77 -54.44
N LYS B 196 -24.09 -34.66 -54.30
CA LYS B 196 -25.44 -34.22 -53.96
C LYS B 196 -25.57 -33.81 -52.51
N HIS B 197 -24.62 -34.17 -51.66
CA HIS B 197 -24.61 -33.76 -50.26
C HIS B 197 -23.63 -32.61 -49.99
N MET B 198 -23.09 -31.98 -51.03
CA MET B 198 -22.15 -30.90 -50.85
C MET B 198 -22.90 -29.60 -50.61
N ARG B 199 -22.16 -28.55 -50.22
CA ARG B 199 -22.71 -27.21 -50.14
C ARG B 199 -22.45 -26.39 -51.40
N ASP B 200 -21.80 -26.96 -52.39
CA ASP B 200 -21.48 -26.23 -53.62
C ASP B 200 -21.93 -26.94 -54.89
N LYS B 201 -21.95 -28.28 -54.88
CA LYS B 201 -22.41 -29.19 -55.93
C LYS B 201 -21.59 -29.13 -57.23
N PHE B 202 -20.52 -28.35 -57.29
CA PHE B 202 -19.69 -28.25 -58.48
C PHE B 202 -18.23 -28.55 -58.19
N THR B 203 -17.69 -28.04 -57.10
CA THR B 203 -16.28 -28.28 -56.79
C THR B 203 -16.12 -29.68 -56.21
N PRO B 204 -15.14 -30.47 -56.70
CA PRO B 204 -14.89 -31.79 -56.11
C PRO B 204 -14.40 -31.69 -54.68
N ALA B 205 -14.82 -32.65 -53.85
CA ALA B 205 -14.56 -32.63 -52.43
C ALA B 205 -13.73 -33.84 -52.03
N TYR B 206 -12.69 -33.58 -51.24
CA TYR B 206 -11.75 -34.61 -50.78
C TYR B 206 -11.74 -34.61 -49.25
N LEU B 207 -11.61 -35.80 -48.66
CA LEU B 207 -11.43 -35.86 -47.21
C LEU B 207 -10.03 -35.40 -46.83
N ALA B 208 -9.92 -34.80 -45.64
CA ALA B 208 -8.69 -34.19 -45.19
C ALA B 208 -8.32 -34.66 -43.79
N THR B 209 -7.03 -34.57 -43.49
CA THR B 209 -6.48 -34.84 -42.18
C THR B 209 -5.59 -33.67 -41.77
N PRO B 210 -5.60 -33.26 -40.50
CA PRO B 210 -4.85 -32.07 -40.12
C PRO B 210 -3.38 -32.36 -39.88
N THR B 211 -2.53 -31.63 -40.59
CA THR B 211 -1.09 -31.63 -40.38
C THR B 211 -0.74 -30.46 -39.48
N TYR B 212 0.15 -30.69 -38.53
CA TYR B 212 0.41 -29.75 -37.45
C TYR B 212 1.80 -29.13 -37.64
N THR B 213 2.08 -28.11 -36.82
CA THR B 213 3.40 -27.53 -36.69
C THR B 213 3.54 -26.91 -35.32
N MET B 214 4.78 -26.67 -34.93
CA MET B 214 5.08 -25.95 -33.69
C MET B 214 5.19 -24.46 -33.98
N ILE B 215 4.85 -23.65 -32.97
CA ILE B 215 4.84 -22.20 -33.07
C ILE B 215 5.58 -21.61 -31.87
N GLY B 216 5.52 -20.29 -31.76
CA GLY B 216 6.01 -19.55 -30.61
C GLY B 216 5.18 -18.31 -30.34
N TYR B 217 4.85 -18.09 -29.06
CA TYR B 217 4.17 -16.88 -28.63
C TYR B 217 5.23 -15.88 -28.18
N LYS B 218 5.28 -14.74 -28.85
CA LYS B 218 6.34 -13.78 -28.62
C LYS B 218 5.76 -12.40 -28.34
N MET B 219 6.42 -11.66 -27.45
CA MET B 219 6.10 -10.25 -27.24
C MET B 219 6.33 -9.46 -28.51
N VAL B 220 5.34 -8.63 -28.87
CA VAL B 220 5.37 -7.92 -30.16
C VAL B 220 6.46 -6.85 -30.16
N SER B 221 6.89 -6.40 -28.98
CA SER B 221 8.00 -5.48 -28.86
C SER B 221 9.36 -6.16 -28.88
N ASN B 222 9.41 -7.48 -29.15
CA ASN B 222 10.67 -8.20 -29.13
C ASN B 222 10.85 -9.13 -30.32
N VAL B 223 10.09 -8.95 -31.40
CA VAL B 223 10.22 -9.78 -32.60
C VAL B 223 11.14 -9.05 -33.58
N ASP B 224 12.10 -9.79 -34.13
CA ASP B 224 13.03 -9.22 -35.09
C ASP B 224 12.34 -8.91 -36.42
N ASN B 225 11.52 -9.84 -36.91
CA ASN B 225 10.92 -9.72 -38.23
C ASN B 225 9.40 -9.92 -38.15
N PHE B 226 8.64 -8.98 -38.71
CA PHE B 226 7.20 -9.19 -38.86
C PHE B 226 6.88 -10.23 -39.92
N ASP B 227 7.73 -10.35 -40.95
CA ASP B 227 7.49 -11.36 -41.96
C ASP B 227 7.68 -12.78 -41.41
N GLN B 228 8.42 -12.92 -40.31
CA GLN B 228 8.40 -14.13 -39.50
C GLN B 228 7.07 -14.35 -38.78
N ALA B 229 6.28 -13.30 -38.59
CA ALA B 229 4.99 -13.43 -37.91
C ALA B 229 3.80 -13.44 -38.86
N LEU B 230 3.97 -13.09 -40.13
CA LEU B 230 2.88 -13.13 -41.08
C LEU B 230 2.65 -14.56 -41.57
N TRP B 231 1.40 -14.84 -41.97
CA TRP B 231 1.01 -16.16 -42.45
C TRP B 231 0.25 -15.99 -43.76
N GLN B 232 0.37 -16.98 -44.64
CA GLN B 232 -0.28 -16.90 -45.95
C GLN B 232 -0.54 -18.32 -46.44
N TYR B 233 -1.24 -18.40 -47.57
CA TYR B 233 -1.51 -19.68 -48.23
C TYR B 233 -0.23 -20.29 -48.77
N GLY B 234 -0.18 -21.62 -48.76
CA GLY B 234 0.96 -22.38 -49.24
C GLY B 234 0.53 -23.52 -50.13
N GLU B 235 1.46 -24.45 -50.35
CA GLU B 235 1.20 -25.60 -51.20
C GLU B 235 1.72 -26.86 -50.51
N ASN B 236 0.93 -27.94 -50.58
CA ASN B 236 -0.41 -28.02 -51.17
C ASN B 236 -1.45 -28.14 -50.07
N THR B 237 -2.44 -27.24 -50.14
CA THR B 237 -3.49 -27.05 -49.12
C THR B 237 -2.87 -26.87 -47.72
N LYS B 238 -1.87 -25.99 -47.67
CA LYS B 238 -1.12 -25.74 -46.44
C LYS B 238 -0.99 -24.24 -46.27
N VAL B 239 -0.49 -23.85 -45.09
CA VAL B 239 -0.13 -22.46 -44.84
C VAL B 239 1.35 -22.43 -44.47
N LYS B 240 1.96 -21.25 -44.60
CA LYS B 240 3.36 -21.10 -44.27
C LYS B 240 3.63 -19.67 -43.82
N THR B 241 4.91 -19.32 -43.78
CA THR B 241 5.38 -18.04 -43.29
C THR B 241 6.20 -17.34 -44.37
N ILE B 242 6.04 -16.02 -44.47
CA ILE B 242 6.89 -15.23 -45.38
C ILE B 242 8.35 -15.29 -44.92
N GLY B 243 8.59 -15.09 -43.63
CA GLY B 243 9.91 -15.13 -43.06
C GLY B 243 10.44 -16.52 -42.74
N GLY B 244 9.67 -17.56 -43.02
CA GLY B 244 10.16 -18.91 -42.80
C GLY B 244 10.04 -19.35 -41.35
N ILE B 245 10.98 -20.21 -40.97
CA ILE B 245 11.00 -20.77 -39.62
C ILE B 245 11.87 -19.90 -38.73
N TYR B 246 11.34 -19.51 -37.57
CA TYR B 246 12.06 -18.68 -36.61
C TYR B 246 13.15 -19.48 -35.90
N THR C 2 -45.04 -32.20 -57.57
CA THR C 2 -43.71 -32.06 -57.00
C THR C 2 -43.19 -33.41 -56.48
N LYS C 3 -43.52 -33.68 -55.22
CA LYS C 3 -43.15 -34.91 -54.50
C LYS C 3 -41.63 -35.11 -54.48
N LEU C 4 -40.96 -34.18 -53.80
CA LEU C 4 -39.51 -34.23 -53.62
C LEU C 4 -39.16 -34.40 -52.15
N LYS C 5 -38.00 -34.99 -51.90
CA LYS C 5 -37.58 -35.31 -50.55
C LYS C 5 -36.70 -34.21 -49.98
N ALA C 6 -36.71 -34.11 -48.65
CA ALA C 6 -35.90 -33.12 -47.96
C ALA C 6 -34.42 -33.51 -48.02
N PRO C 7 -33.52 -32.53 -47.90
CA PRO C 7 -32.10 -32.88 -47.70
C PRO C 7 -31.89 -33.60 -46.39
N ALA C 8 -30.93 -34.53 -46.39
CA ALA C 8 -30.66 -35.32 -45.19
C ALA C 8 -29.94 -34.50 -44.14
N VAL C 9 -29.31 -33.41 -44.55
CA VAL C 9 -28.66 -32.46 -43.66
C VAL C 9 -28.98 -31.07 -44.19
N LEU C 10 -29.22 -30.12 -43.27
CA LEU C 10 -29.49 -28.74 -43.66
C LEU C 10 -28.86 -27.80 -42.64
N ALA C 11 -28.11 -26.80 -43.11
CA ALA C 11 -27.39 -25.89 -42.21
C ALA C 11 -27.89 -24.46 -42.39
N TYR C 12 -28.10 -23.78 -41.26
CA TYR C 12 -28.61 -22.43 -41.19
C TYR C 12 -27.70 -21.59 -40.30
N SER C 13 -27.32 -20.41 -40.78
CA SER C 13 -26.52 -19.51 -39.95
C SER C 13 -27.39 -18.87 -38.88
N ARG C 14 -26.74 -18.52 -37.77
CA ARG C 14 -27.40 -17.84 -36.66
C ARG C 14 -27.42 -16.34 -36.95
N LYS C 15 -28.60 -15.75 -36.94
CA LYS C 15 -28.73 -14.34 -37.25
C LYS C 15 -29.03 -13.48 -36.03
N ILE C 16 -28.98 -14.06 -34.85
CA ILE C 16 -28.95 -13.32 -33.59
C ILE C 16 -27.63 -13.69 -32.94
N ASN C 17 -26.64 -12.82 -33.06
CA ASN C 17 -25.32 -13.10 -32.49
C ASN C 17 -25.15 -12.26 -31.24
N PRO C 18 -25.25 -12.85 -30.05
CA PRO C 18 -25.04 -12.09 -28.82
C PRO C 18 -23.59 -12.18 -28.34
N THR C 19 -23.24 -11.24 -27.50
CA THR C 19 -21.94 -11.24 -26.84
C THR C 19 -22.16 -11.58 -25.37
N ASN C 20 -21.11 -12.07 -24.73
CA ASN C 20 -21.24 -12.51 -23.34
C ASN C 20 -21.43 -11.30 -22.43
N ALA C 21 -22.26 -11.47 -21.41
CA ALA C 21 -22.50 -10.39 -20.48
C ALA C 21 -21.28 -10.16 -19.59
N LEU C 22 -21.12 -8.91 -19.16
CA LEU C 22 -20.11 -8.59 -18.17
C LEU C 22 -20.81 -7.97 -16.97
N MET C 23 -20.25 -8.21 -15.79
CA MET C 23 -20.88 -7.78 -14.55
C MET C 23 -20.01 -6.72 -13.88
N PHE C 24 -20.66 -5.65 -13.42
CA PHE C 24 -19.97 -4.62 -12.65
C PHE C 24 -20.84 -4.25 -11.45
N ALA C 25 -20.20 -3.64 -10.46
CA ALA C 25 -20.90 -3.12 -9.28
C ALA C 25 -20.84 -1.60 -9.32
N VAL C 26 -22.01 -0.97 -9.25
CA VAL C 26 -22.12 0.49 -9.19
C VAL C 26 -23.12 0.85 -8.11
N ASN C 27 -23.09 2.11 -7.69
CA ASN C 27 -24.13 2.62 -6.82
C ASN C 27 -25.28 3.20 -7.66
N TRP C 28 -26.44 3.35 -7.01
CA TRP C 28 -27.66 3.68 -7.75
C TRP C 28 -27.68 5.13 -8.19
N SER C 29 -26.94 6.01 -7.52
CA SER C 29 -26.89 7.42 -7.92
C SER C 29 -25.75 7.70 -8.88
N ASP C 30 -24.52 7.47 -8.43
CA ASP C 30 -23.33 7.72 -9.25
C ASP C 30 -22.93 6.41 -9.93
N ARG C 31 -23.28 6.29 -11.21
CA ARG C 31 -22.98 5.08 -11.96
C ARG C 31 -21.57 5.10 -12.53
N ASP C 32 -20.85 6.22 -12.41
CA ASP C 32 -19.52 6.31 -12.99
C ASP C 32 -18.50 5.52 -12.17
N ASN C 33 -18.65 5.51 -10.85
CA ASN C 33 -17.74 4.78 -9.97
C ASN C 33 -18.05 3.29 -10.09
N THR C 34 -17.44 2.65 -11.09
CA THR C 34 -17.71 1.25 -11.39
C THR C 34 -16.55 0.37 -10.94
N THR C 35 -16.85 -0.90 -10.70
CA THR C 35 -15.85 -1.93 -10.42
C THR C 35 -16.43 -3.28 -10.79
N ALA C 36 -15.57 -4.18 -11.27
CA ALA C 36 -16.00 -5.50 -11.67
C ALA C 36 -16.36 -6.35 -10.46
N VAL C 37 -17.36 -7.21 -10.62
CA VAL C 37 -17.75 -8.17 -9.58
C VAL C 37 -16.73 -9.30 -9.64
N MET C 38 -15.84 -9.34 -8.65
CA MET C 38 -14.78 -10.34 -8.64
C MET C 38 -15.38 -11.67 -8.18
N VAL C 39 -15.24 -12.71 -8.99
CA VAL C 39 -15.71 -14.04 -8.63
C VAL C 39 -14.71 -14.64 -7.66
N GLY C 40 -15.18 -14.95 -6.45
CA GLY C 40 -14.38 -15.61 -5.45
C GLY C 40 -14.77 -17.07 -5.29
N THR C 41 -13.99 -17.77 -4.48
CA THR C 41 -14.27 -19.16 -4.15
C THR C 41 -14.43 -19.27 -2.64
N LYS C 42 -15.65 -19.56 -2.19
CA LYS C 42 -15.91 -19.81 -0.79
C LYS C 42 -16.09 -21.31 -0.61
N THR C 43 -16.11 -21.75 0.64
CA THR C 43 -16.25 -23.16 0.94
C THR C 43 -17.35 -23.35 1.97
N VAL C 44 -18.37 -24.12 1.60
CA VAL C 44 -19.61 -24.21 2.36
C VAL C 44 -19.73 -25.60 2.98
N ALA C 45 -20.13 -25.62 4.26
CA ALA C 45 -20.26 -26.85 5.05
C ALA C 45 -21.74 -27.09 5.30
N GLY C 46 -22.29 -28.05 4.57
CA GLY C 46 -23.71 -28.34 4.75
C GLY C 46 -23.96 -29.79 5.05
N THR C 47 -25.22 -30.20 4.94
CA THR C 47 -25.61 -31.58 5.11
C THR C 47 -25.64 -32.30 3.77
N GLN C 48 -25.80 -33.62 3.82
CA GLN C 48 -25.76 -34.43 2.61
C GLN C 48 -26.98 -34.16 1.73
N SER C 49 -28.19 -34.34 2.28
CA SER C 49 -29.46 -33.90 1.70
C SER C 49 -29.73 -34.55 0.33
N VAL C 50 -29.26 -35.76 0.15
CA VAL C 50 -29.38 -36.49 -1.12
C VAL C 50 -30.66 -37.30 -1.07
N ARG C 51 -31.35 -37.42 -2.20
CA ARG C 51 -32.46 -38.36 -2.36
C ARG C 51 -32.01 -39.78 -2.06
N GLY C 52 -32.82 -40.52 -1.30
CA GLY C 52 -32.52 -41.80 -0.65
C GLY C 52 -31.29 -41.61 0.23
N ASN C 53 -30.53 -42.69 0.44
CA ASN C 53 -29.27 -42.70 1.21
C ASN C 53 -29.44 -42.11 2.61
N PRO C 54 -30.46 -42.61 3.32
CA PRO C 54 -30.79 -42.06 4.62
C PRO C 54 -29.81 -42.47 5.71
N ASN C 55 -29.00 -43.49 5.46
CA ASN C 55 -28.05 -43.94 6.47
C ASN C 55 -26.91 -42.94 6.65
N ASP C 56 -26.33 -42.47 5.55
CA ASP C 56 -25.26 -41.47 5.59
C ASP C 56 -25.89 -40.09 5.40
N ALA C 57 -26.87 -39.77 6.23
CA ALA C 57 -27.53 -38.47 6.17
C ALA C 57 -27.27 -37.68 7.43
N ASP C 58 -26.35 -38.15 8.27
CA ASP C 58 -25.97 -37.46 9.48
C ASP C 58 -24.52 -37.01 9.40
N LYS C 59 -24.08 -36.72 8.18
CA LYS C 59 -22.69 -36.35 7.91
C LYS C 59 -22.67 -35.06 7.14
N GLY C 60 -21.60 -34.27 7.30
CA GLY C 60 -21.45 -33.06 6.55
C GLY C 60 -20.94 -33.32 5.14
N ASN C 61 -20.85 -32.24 4.36
CA ASN C 61 -20.10 -32.25 3.10
C ASN C 61 -19.65 -30.82 2.80
N ILE C 62 -18.40 -30.52 3.13
CA ILE C 62 -17.87 -29.20 2.82
C ILE C 62 -17.32 -29.21 1.41
N GLN C 63 -17.85 -28.34 0.56
CA GLN C 63 -17.33 -28.25 -0.80
C GLN C 63 -17.08 -26.80 -1.18
N THR C 64 -16.15 -26.61 -2.10
CA THR C 64 -15.81 -25.31 -2.64
C THR C 64 -16.81 -24.90 -3.69
N VAL C 65 -17.44 -23.75 -3.48
CA VAL C 65 -18.41 -23.19 -4.41
C VAL C 65 -17.91 -21.80 -4.81
N ASN C 66 -17.86 -21.56 -6.13
CA ASN C 66 -17.58 -20.22 -6.60
C ASN C 66 -18.79 -19.33 -6.34
N PHE C 67 -18.54 -18.21 -5.69
CA PHE C 67 -19.57 -17.23 -5.38
C PHE C 67 -19.19 -15.90 -6.02
N ALA C 68 -20.19 -15.07 -6.21
CA ALA C 68 -19.97 -13.72 -6.72
C ALA C 68 -20.97 -12.80 -6.01
N ASN C 69 -20.46 -11.89 -5.19
CA ASN C 69 -21.27 -10.96 -4.44
C ASN C 69 -20.88 -9.53 -4.83
N LEU C 70 -21.85 -8.64 -4.80
CA LEU C 70 -21.53 -7.22 -4.87
C LEU C 70 -20.79 -6.83 -3.59
N PRO C 71 -19.82 -5.92 -3.66
CA PRO C 71 -19.20 -5.42 -2.44
C PRO C 71 -20.17 -4.58 -1.64
N HIS C 72 -19.92 -4.47 -0.33
CA HIS C 72 -20.86 -3.81 0.56
C HIS C 72 -20.73 -2.29 0.58
N ASN C 73 -20.08 -1.70 -0.40
CA ASN C 73 -20.13 -0.25 -0.60
C ASN C 73 -21.08 0.14 -1.73
N LYS C 74 -21.53 -0.82 -2.53
CA LYS C 74 -22.40 -0.57 -3.67
C LYS C 74 -23.59 -1.50 -3.62
N ASN C 75 -24.72 -1.05 -4.17
CA ASN C 75 -25.96 -1.79 -4.09
C ASN C 75 -26.59 -2.00 -5.46
N THR C 76 -25.81 -1.87 -6.52
CA THR C 76 -26.34 -1.90 -7.88
C THR C 76 -25.49 -2.81 -8.75
N LEU C 77 -26.16 -3.67 -9.52
CA LEU C 77 -25.48 -4.58 -10.44
C LEU C 77 -25.57 -4.06 -11.87
N LEU C 78 -24.43 -3.74 -12.47
CA LEU C 78 -24.42 -3.28 -13.86
C LEU C 78 -24.13 -4.44 -14.79
N VAL C 79 -24.89 -4.58 -15.86
CA VAL C 79 -24.63 -5.62 -16.84
C VAL C 79 -24.26 -4.92 -18.14
N LYS C 80 -23.48 -5.55 -19.01
CA LYS C 80 -23.05 -4.92 -20.27
C LYS C 80 -22.74 -5.92 -21.37
N TYR C 81 -23.39 -5.80 -22.54
CA TYR C 81 -23.18 -6.74 -23.63
C TYR C 81 -23.68 -6.09 -24.91
N ASN C 82 -23.52 -6.79 -26.03
CA ASN C 82 -23.96 -6.30 -27.33
C ASN C 82 -24.74 -7.39 -28.05
N VAL C 83 -25.61 -6.97 -28.97
CA VAL C 83 -26.40 -7.89 -29.80
C VAL C 83 -26.25 -7.45 -31.25
N LYS C 84 -26.02 -8.42 -32.14
CA LYS C 84 -25.98 -8.19 -33.58
C LYS C 84 -27.12 -8.96 -34.24
N PHE C 85 -27.87 -8.29 -35.09
CA PHE C 85 -28.85 -8.92 -35.97
C PHE C 85 -28.35 -8.79 -37.40
N VAL C 86 -28.32 -9.90 -38.11
CA VAL C 86 -27.74 -9.97 -39.45
C VAL C 86 -28.85 -10.32 -40.44
N GLY C 87 -28.93 -9.55 -41.53
CA GLY C 87 -29.93 -9.78 -42.56
C GLY C 87 -29.57 -10.95 -43.46
N ASP C 88 -30.42 -11.13 -44.49
CA ASP C 88 -30.35 -12.24 -45.45
C ASP C 88 -30.40 -13.59 -44.73
N VAL C 89 -31.53 -13.85 -44.09
CA VAL C 89 -31.74 -15.02 -43.26
C VAL C 89 -32.17 -16.21 -44.10
N PHE C 90 -32.36 -15.99 -45.39
CA PHE C 90 -32.89 -17.00 -46.28
C PHE C 90 -31.82 -17.80 -47.02
N LYS C 91 -30.55 -17.53 -46.75
CA LYS C 91 -29.46 -18.24 -47.41
C LYS C 91 -29.06 -19.44 -46.57
N ALA C 92 -29.33 -20.64 -47.09
CA ALA C 92 -28.94 -21.88 -46.42
C ALA C 92 -27.45 -22.12 -46.61
N GLU C 93 -26.75 -22.41 -45.50
CA GLU C 93 -25.32 -22.72 -45.54
C GLU C 93 -25.16 -24.02 -46.24
N LEU C 94 -25.60 -25.10 -45.61
CA LEU C 94 -25.61 -26.37 -46.31
C LEU C 94 -26.98 -26.22 -46.87
N GLY C 95 -27.18 -26.67 -48.10
CA GLY C 95 -28.46 -26.47 -48.74
C GLY C 95 -28.22 -25.28 -49.64
N GLY C 96 -28.37 -25.47 -50.93
CA GLY C 96 -28.05 -24.40 -51.84
C GLY C 96 -29.33 -23.68 -52.09
N GLY C 97 -30.40 -24.44 -52.16
CA GLY C 97 -31.68 -23.85 -52.37
C GLY C 97 -32.60 -24.98 -52.62
N GLU C 98 -33.23 -24.99 -53.81
CA GLU C 98 -34.24 -26.03 -54.11
C GLU C 98 -35.25 -26.15 -52.98
N TYR C 99 -35.05 -27.09 -52.07
CA TYR C 99 -35.93 -27.23 -50.92
C TYR C 99 -35.92 -25.92 -50.13
N SER C 100 -34.74 -25.33 -49.97
CA SER C 100 -34.65 -24.06 -49.28
C SER C 100 -35.39 -22.95 -50.03
N ASN C 101 -35.30 -22.93 -51.36
CA ASN C 101 -35.92 -21.85 -52.12
C ASN C 101 -37.44 -21.97 -52.11
N THR C 102 -37.97 -23.19 -52.19
CA THR C 102 -39.42 -23.36 -52.16
C THR C 102 -39.99 -23.22 -50.76
N LEU C 103 -39.13 -23.13 -49.74
CA LEU C 103 -39.56 -22.69 -48.42
C LEU C 103 -39.40 -21.19 -48.26
N GLN C 104 -38.36 -20.63 -48.90
CA GLN C 104 -38.09 -19.20 -48.80
C GLN C 104 -39.17 -18.37 -49.46
N THR C 105 -39.53 -18.72 -50.70
CA THR C 105 -40.64 -18.02 -51.34
C THR C 105 -42.00 -18.41 -50.78
N ALA C 106 -42.09 -19.50 -50.03
CA ALA C 106 -43.31 -19.83 -49.29
C ALA C 106 -43.37 -19.14 -47.94
N LEU C 107 -42.29 -18.47 -47.52
CA LEU C 107 -42.28 -17.75 -46.25
C LEU C 107 -41.87 -16.29 -46.49
N GLU C 108 -42.49 -15.65 -47.47
CA GLU C 108 -42.28 -14.23 -47.73
C GLU C 108 -43.40 -13.36 -47.16
N ASN C 109 -44.54 -13.94 -46.81
CA ASN C 109 -45.71 -13.19 -46.37
C ASN C 109 -46.00 -13.42 -44.89
N THR C 110 -44.95 -13.65 -44.10
CA THR C 110 -45.10 -13.91 -42.67
C THR C 110 -44.93 -12.61 -41.90
N ASP C 111 -44.94 -12.70 -40.56
CA ASP C 111 -44.94 -11.54 -39.68
C ASP C 111 -43.56 -11.39 -39.06
N PHE C 112 -42.70 -10.61 -39.71
CA PHE C 112 -41.38 -10.33 -39.18
C PHE C 112 -41.45 -9.40 -37.98
N GLY C 113 -42.44 -8.50 -37.98
CA GLY C 113 -42.50 -7.45 -36.96
C GLY C 113 -42.83 -8.00 -35.58
N THR C 114 -43.68 -9.02 -35.51
CA THR C 114 -44.00 -9.64 -34.23
C THR C 114 -42.79 -10.34 -33.61
N LEU C 115 -42.01 -11.04 -34.44
CA LEU C 115 -40.78 -11.66 -33.96
C LEU C 115 -39.77 -10.62 -33.51
N ALA C 116 -39.63 -9.54 -34.29
CA ALA C 116 -38.72 -8.47 -33.92
C ALA C 116 -39.13 -7.81 -32.61
N TYR C 117 -40.43 -7.56 -32.44
CA TYR C 117 -40.91 -6.92 -31.22
C TYR C 117 -40.78 -7.85 -30.02
N ARG C 118 -40.98 -9.16 -30.22
CA ARG C 118 -40.81 -10.09 -29.11
C ARG C 118 -39.33 -10.25 -28.72
N TYR C 119 -38.43 -10.19 -29.70
CA TYR C 119 -37.00 -10.25 -29.42
C TYR C 119 -36.54 -9.04 -28.62
N VAL C 120 -36.86 -7.83 -29.12
CA VAL C 120 -36.46 -6.63 -28.41
C VAL C 120 -37.25 -6.44 -27.12
N TYR C 121 -38.45 -7.00 -26.99
CA TYR C 121 -39.17 -6.95 -25.72
C TYR C 121 -38.59 -7.93 -24.71
N ASN C 122 -38.10 -9.08 -25.17
CA ASN C 122 -37.48 -10.04 -24.26
C ASN C 122 -36.16 -9.51 -23.72
N ILE C 123 -35.41 -8.78 -24.55
CA ILE C 123 -34.18 -8.22 -24.01
C ILE C 123 -34.48 -6.95 -23.21
N ALA C 124 -35.56 -6.25 -23.55
CA ALA C 124 -35.93 -5.04 -22.81
C ALA C 124 -36.46 -5.37 -21.42
N ALA C 125 -37.28 -6.41 -21.31
CA ALA C 125 -37.91 -6.74 -20.03
C ALA C 125 -36.93 -7.36 -19.03
N GLY C 126 -35.77 -7.81 -19.48
CA GLY C 126 -34.80 -8.41 -18.58
C GLY C 126 -34.88 -9.92 -18.48
N ARG C 127 -35.33 -10.60 -19.53
CA ARG C 127 -35.31 -12.06 -19.56
C ARG C 127 -33.90 -12.62 -19.63
N THR C 128 -32.93 -11.80 -20.07
CA THR C 128 -31.53 -12.17 -20.25
C THR C 128 -30.77 -12.43 -18.94
N LEU C 129 -31.43 -12.36 -17.80
CA LEU C 129 -30.77 -12.36 -16.49
C LEU C 129 -31.13 -13.58 -15.66
N TRP C 130 -32.43 -13.84 -15.49
CA TRP C 130 -33.06 -15.06 -14.98
C TRP C 130 -32.87 -15.32 -13.49
N ARG C 131 -31.91 -14.65 -12.86
CA ARG C 131 -31.78 -14.69 -11.41
C ARG C 131 -31.42 -13.35 -10.79
N ASN C 132 -30.78 -12.44 -11.52
CA ASN C 132 -30.42 -11.14 -10.98
C ASN C 132 -31.59 -10.17 -11.06
N ARG C 133 -32.48 -10.38 -12.04
CA ARG C 133 -33.76 -9.68 -12.05
C ARG C 133 -34.61 -10.07 -10.86
N VAL C 134 -34.53 -11.34 -10.45
CA VAL C 134 -35.34 -11.84 -9.35
C VAL C 134 -34.78 -11.29 -8.04
N GLY C 135 -35.52 -10.36 -7.44
CA GLY C 135 -35.13 -9.74 -6.18
C GLY C 135 -34.66 -8.31 -6.29
N ALA C 136 -34.61 -7.75 -7.49
CA ALA C 136 -34.15 -6.37 -7.66
C ALA C 136 -35.21 -5.38 -7.23
N GLU C 137 -34.79 -4.31 -6.54
CA GLU C 137 -35.74 -3.31 -6.09
C GLU C 137 -36.25 -2.46 -7.25
N SER C 138 -35.36 -2.12 -8.18
CA SER C 138 -35.75 -1.33 -9.35
C SER C 138 -34.77 -1.62 -10.47
N ILE C 139 -35.28 -2.17 -11.56
CA ILE C 139 -34.48 -2.46 -12.73
C ILE C 139 -34.58 -1.27 -13.68
N GLU C 140 -33.57 -1.12 -14.53
CA GLU C 140 -33.66 -0.21 -15.69
C GLU C 140 -32.71 -0.72 -16.76
N THR C 141 -33.04 -0.44 -18.01
CA THR C 141 -32.24 -0.87 -19.16
C THR C 141 -31.91 0.32 -20.04
N VAL C 142 -30.68 0.35 -20.54
CA VAL C 142 -30.21 1.38 -21.46
C VAL C 142 -29.71 0.69 -22.72
N ILE C 143 -30.30 1.05 -23.87
CA ILE C 143 -29.94 0.47 -25.15
C ILE C 143 -29.41 1.59 -26.04
N THR C 144 -28.19 1.42 -26.54
CA THR C 144 -27.58 2.36 -27.46
C THR C 144 -27.39 1.65 -28.80
N VAL C 145 -28.17 2.03 -29.80
CA VAL C 145 -28.12 1.41 -31.12
C VAL C 145 -27.96 2.51 -32.16
N ASN C 146 -26.95 2.35 -33.04
CA ASN C 146 -26.51 3.22 -34.14
C ASN C 146 -26.66 4.72 -33.86
N ASP C 147 -26.08 5.15 -32.73
CA ASP C 147 -26.10 6.53 -32.23
C ASP C 147 -27.53 7.03 -31.95
N GLN C 148 -28.29 6.22 -31.21
CA GLN C 148 -29.47 6.72 -30.50
C GLN C 148 -29.66 5.85 -29.26
N THR C 149 -30.15 6.45 -28.18
CA THR C 149 -30.20 5.80 -26.87
C THR C 149 -31.62 5.81 -26.32
N PHE C 150 -32.08 4.65 -25.88
CA PHE C 150 -33.39 4.47 -25.27
C PHE C 150 -33.24 3.89 -23.87
N THR C 151 -34.16 4.26 -22.99
CA THR C 151 -34.08 3.83 -21.59
C THR C 151 -35.45 3.32 -21.16
N PHE C 152 -35.49 2.12 -20.59
CA PHE C 152 -36.70 1.50 -20.10
C PHE C 152 -36.60 1.29 -18.59
N SER C 153 -37.74 1.35 -17.91
CA SER C 153 -37.78 1.26 -16.46
C SER C 153 -38.42 -0.04 -15.98
N ASP C 154 -39.68 -0.31 -16.34
CA ASP C 154 -40.35 -1.48 -15.83
C ASP C 154 -41.17 -2.15 -16.92
N LEU C 155 -40.94 -3.45 -17.12
CA LEU C 155 -41.65 -4.23 -18.12
C LEU C 155 -42.01 -5.57 -17.52
N LEU C 156 -43.14 -6.11 -17.96
CA LEU C 156 -43.60 -7.43 -17.51
C LEU C 156 -42.94 -8.46 -18.43
N VAL C 157 -42.15 -9.35 -17.84
CA VAL C 157 -41.38 -10.31 -18.63
C VAL C 157 -42.29 -11.40 -19.19
N ASN C 158 -43.28 -11.84 -18.40
CA ASN C 158 -44.11 -12.96 -18.82
C ASN C 158 -45.10 -12.57 -19.91
N GLU C 159 -45.69 -11.38 -19.81
CA GLU C 159 -46.73 -10.94 -20.72
C GLU C 159 -46.17 -9.88 -21.66
N PHE C 160 -46.40 -10.07 -22.97
CA PHE C 160 -45.89 -9.15 -23.99
C PHE C 160 -46.91 -8.03 -24.17
N ASP C 161 -46.61 -6.87 -23.59
CA ASP C 161 -47.51 -5.73 -23.60
C ASP C 161 -47.01 -4.67 -24.57
N GLU C 162 -47.92 -4.14 -25.40
CA GLU C 162 -47.54 -3.19 -26.42
C GLU C 162 -47.29 -1.81 -25.82
N ASP C 163 -46.21 -1.18 -26.25
CA ASP C 163 -45.90 0.20 -25.85
C ASP C 163 -45.11 0.87 -26.96
N VAL C 164 -45.11 2.20 -26.95
CA VAL C 164 -44.62 2.96 -28.10
C VAL C 164 -43.09 3.04 -28.11
N ASP C 165 -42.45 2.84 -26.95
CA ASP C 165 -41.00 3.02 -26.88
C ASP C 165 -40.25 1.84 -27.51
N VAL C 166 -40.88 0.67 -27.54
CA VAL C 166 -40.20 -0.53 -28.03
C VAL C 166 -40.45 -0.76 -29.52
N ALA C 167 -41.50 -0.15 -30.08
CA ALA C 167 -41.90 -0.42 -31.46
C ALA C 167 -40.90 0.17 -32.44
N GLU C 168 -40.22 1.25 -32.08
CA GLU C 168 -39.22 1.84 -32.98
C GLU C 168 -38.01 0.92 -33.13
N ILE C 169 -37.57 0.30 -32.04
CA ILE C 169 -36.49 -0.69 -32.11
C ILE C 169 -36.96 -1.93 -32.86
N ALA C 170 -38.24 -2.30 -32.66
CA ALA C 170 -38.83 -3.43 -33.37
C ALA C 170 -38.82 -3.22 -34.87
N ASP C 171 -39.21 -2.03 -35.33
CA ASP C 171 -39.18 -1.73 -36.75
C ASP C 171 -37.75 -1.60 -37.27
N MET C 172 -36.84 -1.04 -36.46
CA MET C 172 -35.48 -0.81 -36.93
C MET C 172 -34.69 -2.11 -37.01
N VAL C 173 -35.10 -3.16 -36.29
CA VAL C 173 -34.45 -4.45 -36.50
C VAL C 173 -35.27 -5.32 -37.45
N ALA C 174 -36.56 -5.01 -37.62
CA ALA C 174 -37.37 -5.75 -38.58
C ALA C 174 -37.02 -5.35 -40.01
N GLY C 175 -36.53 -4.12 -40.20
CA GLY C 175 -36.04 -3.73 -41.51
C GLY C 175 -34.81 -4.49 -41.94
N VAL C 176 -33.90 -4.75 -40.99
CA VAL C 176 -32.71 -5.57 -41.27
C VAL C 176 -33.12 -7.04 -41.44
N LEU C 177 -34.08 -7.48 -40.63
CA LEU C 177 -34.54 -8.88 -40.68
C LEU C 177 -35.27 -9.19 -41.99
N SER C 178 -36.04 -8.23 -42.50
CA SER C 178 -36.81 -8.46 -43.73
C SER C 178 -35.91 -8.54 -44.95
N GLY C 179 -34.82 -7.77 -44.96
CA GLY C 179 -33.94 -7.76 -46.11
C GLY C 179 -32.53 -8.23 -45.80
N GLU C 180 -31.56 -7.32 -45.87
CA GLU C 180 -30.16 -7.66 -45.70
C GLU C 180 -29.47 -6.50 -44.99
N GLY C 181 -28.48 -6.85 -44.17
CA GLY C 181 -27.67 -5.87 -43.48
C GLY C 181 -27.36 -6.31 -42.08
N PHE C 182 -27.04 -5.34 -41.23
CA PHE C 182 -26.68 -5.59 -39.85
C PHE C 182 -27.26 -4.47 -38.99
N VAL C 183 -27.51 -4.80 -37.72
CA VAL C 183 -27.83 -3.79 -36.71
C VAL C 183 -27.30 -4.28 -35.37
N THR C 184 -26.55 -3.41 -34.68
CA THR C 184 -25.89 -3.76 -33.43
C THR C 184 -26.35 -2.82 -32.33
N LEU C 185 -26.78 -3.40 -31.21
CA LEU C 185 -27.25 -2.63 -30.06
C LEU C 185 -26.43 -2.98 -28.83
N LYS C 186 -25.93 -1.95 -28.15
CA LYS C 186 -25.18 -2.11 -26.91
C LYS C 186 -26.15 -1.97 -25.75
N VAL C 187 -26.28 -3.03 -24.95
CA VAL C 187 -27.30 -3.14 -23.93
C VAL C 187 -26.64 -3.15 -22.56
N GLU C 188 -27.16 -2.32 -21.66
CA GLU C 188 -26.73 -2.25 -20.27
C GLU C 188 -27.96 -2.39 -19.37
N HIS C 189 -27.80 -3.10 -18.27
CA HIS C 189 -28.86 -3.31 -17.29
C HIS C 189 -28.38 -2.80 -15.94
N TYR C 190 -29.28 -2.18 -15.18
CA TYR C 190 -28.97 -1.66 -13.85
C TYR C 190 -30.01 -2.21 -12.88
N MET C 191 -29.55 -2.76 -11.75
CA MET C 191 -30.45 -3.34 -10.76
C MET C 191 -30.08 -2.88 -9.37
N LEU C 192 -31.02 -2.26 -8.67
CA LEU C 192 -30.90 -2.03 -7.24
C LEU C 192 -31.22 -3.34 -6.54
N LEU C 193 -30.19 -4.10 -6.17
CA LEU C 193 -30.38 -5.37 -5.47
C LEU C 193 -30.33 -5.25 -3.97
N GLY C 194 -29.47 -4.40 -3.44
CA GLY C 194 -29.26 -4.27 -2.02
C GLY C 194 -27.77 -4.24 -1.72
N GLU C 195 -27.45 -3.81 -0.50
CA GLU C 195 -26.06 -3.60 -0.10
C GLU C 195 -25.36 -4.94 0.05
N GLY C 196 -24.44 -5.23 -0.87
CA GLY C 196 -23.71 -6.48 -0.82
C GLY C 196 -24.52 -7.71 -1.12
N SER C 197 -25.43 -7.65 -2.10
CA SER C 197 -26.26 -8.79 -2.41
C SER C 197 -25.48 -9.81 -3.24
N GLU C 198 -26.14 -10.92 -3.55
CA GLU C 198 -25.53 -12.01 -4.30
C GLU C 198 -26.01 -11.96 -5.74
N VAL C 199 -25.05 -12.06 -6.67
CA VAL C 199 -25.36 -12.03 -8.09
C VAL C 199 -25.26 -13.46 -8.60
N PHE C 200 -25.74 -13.69 -9.82
CA PHE C 200 -25.75 -15.04 -10.39
C PHE C 200 -25.25 -15.03 -11.81
N PRO C 201 -23.94 -15.18 -12.01
CA PRO C 201 -23.41 -15.38 -13.36
C PRO C 201 -23.72 -16.76 -13.92
N SER C 202 -23.28 -17.03 -15.14
CA SER C 202 -23.48 -18.35 -15.71
C SER C 202 -22.54 -19.36 -15.08
N GLN C 203 -23.04 -20.58 -14.90
CA GLN C 203 -22.25 -21.68 -14.34
C GLN C 203 -21.73 -22.52 -15.50
N GLU C 204 -20.51 -23.04 -15.36
CA GLU C 204 -19.94 -23.80 -16.45
C GLU C 204 -20.35 -25.26 -16.39
N PHE C 205 -20.45 -25.87 -17.57
CA PHE C 205 -20.52 -27.31 -17.72
C PHE C 205 -19.10 -27.85 -17.51
N VAL C 206 -18.89 -28.48 -16.36
CA VAL C 206 -17.59 -29.05 -16.01
C VAL C 206 -17.76 -30.11 -14.93
N GLU C 207 -16.97 -31.17 -15.01
CA GLU C 207 -16.74 -32.07 -13.88
C GLU C 207 -15.42 -31.70 -13.19
N ASN C 208 -15.39 -30.49 -12.63
CA ASN C 208 -14.17 -29.99 -11.98
C ASN C 208 -13.96 -30.69 -10.64
N SER C 209 -12.73 -31.18 -10.43
CA SER C 209 -12.43 -31.95 -9.24
C SER C 209 -12.26 -31.09 -8.00
N LYS C 210 -11.98 -29.79 -8.15
CA LYS C 210 -11.80 -28.90 -7.01
C LYS C 210 -13.04 -28.07 -6.73
N LEU C 211 -13.62 -27.45 -7.76
CA LEU C 211 -14.80 -26.61 -7.60
C LEU C 211 -16.05 -27.41 -7.93
N SER C 212 -17.04 -27.36 -7.04
CA SER C 212 -18.32 -28.01 -7.31
C SER C 212 -19.19 -27.17 -8.23
N LYS C 213 -19.48 -25.94 -7.84
CA LYS C 213 -20.26 -24.99 -8.63
C LYS C 213 -19.35 -23.83 -8.98
N GLN C 214 -19.01 -23.71 -10.26
CA GLN C 214 -18.07 -22.70 -10.73
C GLN C 214 -18.82 -21.67 -11.57
N LEU C 215 -18.62 -20.40 -11.23
CA LEU C 215 -19.22 -19.29 -11.98
C LEU C 215 -18.24 -18.81 -13.04
N PHE C 216 -18.78 -18.34 -14.16
CA PHE C 216 -17.97 -18.01 -15.32
C PHE C 216 -17.19 -16.72 -15.09
N ASP C 217 -15.96 -16.67 -15.60
CA ASP C 217 -15.06 -15.57 -15.32
C ASP C 217 -14.38 -15.04 -16.58
N LEU C 218 -14.10 -13.72 -16.54
CA LEU C 218 -13.15 -13.07 -17.44
C LEU C 218 -12.05 -12.51 -16.55
N ASN C 219 -10.92 -13.23 -16.50
CA ASN C 219 -9.78 -13.02 -15.59
C ASN C 219 -10.20 -12.78 -14.13
N GLY C 220 -11.28 -13.42 -13.69
CA GLY C 220 -11.83 -13.25 -12.36
C GLY C 220 -13.09 -12.42 -12.29
N GLN C 221 -13.46 -11.70 -13.35
CA GLN C 221 -14.64 -10.86 -13.32
C GLN C 221 -15.87 -11.67 -13.72
N ALA C 222 -16.96 -11.46 -12.98
CA ALA C 222 -18.20 -12.20 -13.20
C ALA C 222 -18.78 -11.94 -14.58
N ALA C 223 -19.27 -12.99 -15.22
CA ALA C 223 -19.71 -12.92 -16.61
C ALA C 223 -20.70 -14.04 -16.87
N MET C 224 -21.60 -13.79 -17.82
CA MET C 224 -22.56 -14.79 -18.26
C MET C 224 -22.14 -15.36 -19.61
N HIS C 225 -22.80 -16.42 -20.03
CA HIS C 225 -22.57 -16.96 -21.35
C HIS C 225 -23.34 -16.14 -22.39
N ASP C 226 -22.76 -16.04 -23.59
CA ASP C 226 -23.43 -15.32 -24.66
C ASP C 226 -24.68 -16.08 -25.14
N GLN C 227 -24.59 -17.40 -25.16
CA GLN C 227 -25.74 -18.21 -25.58
C GLN C 227 -26.77 -18.32 -24.48
N LYS C 228 -26.40 -18.04 -23.23
CA LYS C 228 -27.38 -17.83 -22.19
C LYS C 228 -28.24 -16.61 -22.50
N ILE C 229 -27.62 -15.54 -22.98
CA ILE C 229 -28.35 -14.36 -23.42
C ILE C 229 -29.22 -14.69 -24.62
N GLY C 230 -28.62 -15.35 -25.63
CA GLY C 230 -29.31 -15.71 -26.85
C GLY C 230 -30.45 -16.70 -26.66
N ASN C 231 -30.42 -17.47 -25.59
CA ASN C 231 -31.56 -18.30 -25.21
C ASN C 231 -32.75 -17.48 -24.74
N ALA C 232 -32.49 -16.40 -24.01
CA ALA C 232 -33.58 -15.56 -23.52
C ALA C 232 -34.15 -14.69 -24.62
N ILE C 233 -33.30 -14.19 -25.52
CA ILE C 233 -33.81 -13.51 -26.71
C ILE C 233 -34.53 -14.50 -27.62
N ARG C 234 -34.06 -15.75 -27.65
CA ARG C 234 -34.72 -16.80 -28.40
C ARG C 234 -36.08 -17.18 -27.79
N THR C 235 -36.25 -16.99 -26.48
CA THR C 235 -37.45 -17.44 -25.76
C THR C 235 -38.64 -16.57 -26.16
N ILE C 236 -39.41 -17.03 -27.15
CA ILE C 236 -40.60 -16.30 -27.61
C ILE C 236 -41.82 -17.18 -27.73
N ASP C 237 -41.69 -18.51 -27.68
CA ASP C 237 -42.70 -19.42 -28.20
C ASP C 237 -43.91 -19.47 -27.28
N THR C 238 -45.00 -18.85 -27.72
CA THR C 238 -46.31 -18.96 -27.07
C THR C 238 -47.33 -19.52 -28.05
N TRP C 239 -46.87 -20.20 -29.09
CA TRP C 239 -47.75 -20.72 -30.13
C TRP C 239 -47.90 -22.23 -30.10
N TYR C 240 -47.31 -22.92 -29.13
CA TYR C 240 -47.52 -24.35 -28.99
C TYR C 240 -48.88 -24.61 -28.34
N GLU C 241 -49.31 -25.86 -28.38
CA GLU C 241 -50.61 -26.21 -27.82
C GLU C 241 -50.56 -26.16 -26.29
N ASP C 242 -51.65 -25.66 -25.69
CA ASP C 242 -51.77 -25.39 -24.26
C ASP C 242 -50.65 -24.46 -23.78
N ALA C 243 -50.54 -23.31 -24.44
CA ALA C 243 -49.47 -22.36 -24.16
C ALA C 243 -49.83 -21.48 -22.97
N THR C 244 -48.91 -21.39 -22.01
CA THR C 244 -49.06 -20.50 -20.87
C THR C 244 -47.85 -19.62 -20.63
N THR C 245 -46.64 -20.11 -20.92
CA THR C 245 -45.40 -19.37 -20.72
C THR C 245 -44.57 -19.42 -21.98
N PRO C 246 -43.79 -18.37 -22.27
CA PRO C 246 -42.89 -18.42 -23.43
C PRO C 246 -41.73 -19.36 -23.19
N ILE C 247 -41.47 -20.22 -24.18
CA ILE C 247 -40.36 -21.16 -24.16
C ILE C 247 -39.41 -20.83 -25.30
N ALA C 248 -38.21 -21.41 -25.21
CA ALA C 248 -37.19 -21.21 -26.23
C ALA C 248 -37.58 -21.86 -27.55
N VAL C 249 -37.10 -21.27 -28.65
CA VAL C 249 -37.29 -21.83 -29.97
C VAL C 249 -36.45 -23.09 -30.10
N GLU C 250 -37.13 -24.23 -30.12
CA GLU C 250 -36.53 -25.53 -30.32
C GLU C 250 -37.37 -26.26 -31.35
N PRO C 251 -36.75 -26.97 -32.31
CA PRO C 251 -37.53 -27.63 -33.36
C PRO C 251 -38.52 -28.69 -32.88
N TYR C 252 -38.38 -29.19 -31.66
CA TYR C 252 -39.40 -30.08 -31.11
C TYR C 252 -40.18 -29.44 -29.97
N GLY C 253 -39.92 -28.17 -29.66
CA GLY C 253 -40.62 -27.44 -28.62
C GLY C 253 -40.42 -28.00 -27.23
N SER C 254 -39.19 -28.43 -26.96
CA SER C 254 -38.82 -29.00 -25.67
C SER C 254 -37.74 -28.14 -25.05
N VAL C 255 -37.97 -27.70 -23.81
CA VAL C 255 -36.91 -27.13 -22.99
C VAL C 255 -36.42 -28.25 -22.08
N VAL C 256 -35.12 -28.28 -21.84
CA VAL C 256 -34.53 -29.45 -21.21
C VAL C 256 -34.30 -29.25 -19.72
N ARG C 257 -34.37 -28.00 -19.25
CA ARG C 257 -34.38 -27.76 -17.82
C ARG C 257 -35.62 -28.35 -17.18
N ASN C 258 -36.78 -28.14 -17.80
CA ASN C 258 -38.02 -28.72 -17.30
C ASN C 258 -38.12 -30.21 -17.61
N GLY C 259 -37.56 -30.65 -18.72
CA GLY C 259 -37.57 -32.07 -19.06
C GLY C 259 -38.81 -32.56 -19.77
N VAL C 260 -39.58 -31.66 -20.38
CA VAL C 260 -40.79 -32.03 -21.11
C VAL C 260 -40.69 -31.55 -22.55
N ALA C 261 -41.61 -32.03 -23.38
CA ALA C 261 -41.65 -31.72 -24.81
C ALA C 261 -43.08 -31.39 -25.20
N TYR C 262 -43.32 -30.16 -25.65
CA TYR C 262 -44.67 -29.76 -26.05
C TYR C 262 -44.91 -30.03 -27.54
N ARG C 263 -44.10 -29.43 -28.41
CA ARG C 263 -44.38 -29.42 -29.83
C ARG C 263 -44.11 -30.75 -30.52
N ALA C 264 -43.45 -31.69 -29.85
CA ALA C 264 -43.04 -32.94 -30.48
C ALA C 264 -44.17 -33.95 -30.49
N GLY C 265 -44.30 -34.64 -31.62
CA GLY C 265 -45.14 -35.82 -31.72
C GLY C 265 -46.63 -35.59 -31.83
N ASN C 266 -47.07 -34.41 -32.27
CA ASN C 266 -48.50 -34.17 -32.41
C ASN C 266 -48.83 -33.34 -33.66
N LYS C 267 -48.03 -33.53 -34.73
CA LYS C 267 -48.14 -32.79 -36.01
C LYS C 267 -48.06 -31.28 -35.74
N THR C 268 -47.10 -30.90 -34.90
CA THR C 268 -46.84 -29.50 -34.59
C THR C 268 -45.38 -29.12 -34.70
N ASP C 269 -44.44 -30.07 -34.64
CA ASP C 269 -43.03 -29.76 -34.62
C ASP C 269 -42.53 -29.35 -36.00
N LEU C 270 -41.22 -29.08 -36.07
CA LEU C 270 -40.64 -28.42 -37.24
C LEU C 270 -40.67 -29.30 -38.48
N PHE C 271 -40.18 -30.54 -38.37
CA PHE C 271 -39.93 -31.35 -39.56
C PHE C 271 -41.20 -31.80 -40.26
N THR C 272 -42.35 -31.74 -39.59
CA THR C 272 -43.62 -31.85 -40.31
C THR C 272 -44.03 -30.55 -40.98
N LEU C 273 -43.71 -29.40 -40.38
CA LEU C 273 -44.18 -28.13 -40.93
C LEU C 273 -43.38 -27.71 -42.15
N MET C 274 -42.08 -28.03 -42.20
CA MET C 274 -41.31 -27.85 -43.44
C MET C 274 -41.84 -28.73 -44.57
N ASP C 275 -42.23 -29.98 -44.26
CA ASP C 275 -42.80 -30.83 -45.29
C ASP C 275 -44.17 -30.33 -45.73
N GLY C 276 -44.93 -29.74 -44.81
CA GLY C 276 -46.20 -29.14 -45.19
C GLY C 276 -46.03 -27.91 -46.06
N ALA C 277 -45.10 -27.03 -45.69
CA ALA C 277 -44.92 -25.77 -46.41
C ALA C 277 -44.25 -25.99 -47.76
N VAL C 278 -43.40 -27.00 -47.88
CA VAL C 278 -42.78 -27.31 -49.16
C VAL C 278 -43.80 -27.90 -50.12
N ASN C 279 -44.64 -28.82 -49.64
CA ASN C 279 -45.59 -29.54 -50.50
C ASN C 279 -46.88 -28.77 -50.77
N GLY C 280 -46.90 -27.45 -50.57
CA GLY C 280 -48.02 -26.63 -50.99
C GLY C 280 -49.14 -26.51 -49.98
N LYS C 281 -49.05 -27.14 -48.82
CA LYS C 281 -50.10 -27.00 -47.81
C LYS C 281 -50.00 -25.63 -47.16
N SER C 282 -51.14 -24.95 -47.06
CA SER C 282 -51.19 -23.63 -46.44
C SER C 282 -51.11 -23.78 -44.93
N LEU C 283 -50.11 -23.15 -44.33
CA LEU C 283 -49.85 -23.29 -42.90
C LEU C 283 -50.84 -22.46 -42.08
N THR C 284 -50.91 -22.81 -40.80
CA THR C 284 -51.65 -22.01 -39.84
C THR C 284 -50.96 -20.65 -39.66
N GLU C 285 -51.77 -19.59 -39.59
CA GLU C 285 -51.27 -18.22 -39.51
C GLU C 285 -50.54 -17.91 -38.20
N GLU C 286 -50.64 -18.77 -37.19
CA GLU C 286 -49.85 -18.64 -35.97
C GLU C 286 -48.66 -19.60 -35.92
N ASP C 287 -48.33 -20.26 -37.03
CA ASP C 287 -47.20 -21.18 -37.02
C ASP C 287 -45.97 -20.62 -37.74
N GLN C 288 -46.17 -19.69 -38.69
CA GLN C 288 -45.12 -19.34 -39.63
C GLN C 288 -44.03 -18.50 -38.99
N MET C 289 -44.36 -17.73 -37.95
CA MET C 289 -43.31 -16.99 -37.26
C MET C 289 -42.44 -17.89 -36.39
N PHE C 290 -42.94 -19.04 -35.95
CA PHE C 290 -42.09 -20.02 -35.29
C PHE C 290 -41.09 -20.61 -36.28
N VAL C 291 -41.51 -20.94 -37.47
CA VAL C 291 -40.57 -21.55 -38.37
C VAL C 291 -39.48 -20.54 -38.58
N THR C 292 -39.86 -19.28 -38.66
CA THR C 292 -38.87 -18.27 -38.94
C THR C 292 -37.92 -18.19 -37.81
N ALA C 293 -38.42 -18.40 -36.63
CA ALA C 293 -37.59 -18.22 -35.50
C ALA C 293 -36.49 -19.22 -35.45
N ASN C 294 -36.80 -20.45 -35.81
CA ASN C 294 -35.79 -21.49 -35.79
C ASN C 294 -34.66 -21.02 -36.64
N LEU C 295 -34.98 -20.53 -37.82
CA LEU C 295 -33.94 -20.15 -38.73
C LEU C 295 -33.03 -19.11 -38.20
N ILE C 296 -33.58 -18.13 -37.52
CA ILE C 296 -32.73 -17.07 -37.12
C ILE C 296 -31.91 -17.50 -35.97
N ARG C 297 -32.43 -18.43 -35.17
CA ARG C 297 -31.62 -18.96 -34.10
C ARG C 297 -30.54 -19.79 -34.71
N GLY C 298 -30.81 -20.39 -35.86
CA GLY C 298 -29.79 -21.14 -36.57
C GLY C 298 -30.07 -22.60 -36.44
N GLY C 299 -29.25 -23.42 -37.06
CA GLY C 299 -29.44 -24.82 -36.84
C GLY C 299 -29.17 -25.81 -37.92
N VAL C 300 -28.66 -26.95 -37.52
CA VAL C 300 -28.52 -27.99 -38.49
C VAL C 300 -29.79 -28.78 -38.38
N PHE C 301 -30.12 -29.59 -39.36
CA PHE C 301 -31.38 -30.33 -39.37
C PHE C 301 -31.09 -31.65 -40.07
N GLY C 302 -31.34 -32.75 -39.37
CA GLY C 302 -31.06 -34.06 -39.90
C GLY C 302 -32.16 -34.60 -40.79
N GLY C 303 -32.03 -35.86 -41.16
CA GLY C 303 -33.02 -36.53 -41.99
C GLY C 303 -33.70 -37.68 -41.26
N THR D 2 -50.85 -44.98 -10.13
CA THR D 2 -49.64 -45.60 -9.63
C THR D 2 -48.80 -44.57 -8.90
N LYS D 3 -47.65 -44.24 -9.44
CA LYS D 3 -46.77 -43.33 -8.77
C LYS D 3 -46.23 -42.24 -9.64
N LEU D 4 -45.99 -41.09 -9.06
CA LEU D 4 -45.37 -40.05 -9.82
C LEU D 4 -44.10 -39.85 -9.11
N LYS D 5 -43.05 -39.60 -9.86
CA LYS D 5 -41.76 -39.50 -9.26
C LYS D 5 -41.16 -38.18 -9.56
N ALA D 6 -40.20 -37.77 -8.76
CA ALA D 6 -39.54 -36.53 -8.99
C ALA D 6 -38.80 -36.62 -10.24
N PRO D 7 -38.64 -35.50 -10.87
CA PRO D 7 -37.93 -35.70 -12.10
C PRO D 7 -36.51 -36.04 -11.80
N ALA D 8 -35.86 -36.96 -12.54
CA ALA D 8 -34.43 -37.16 -12.35
C ALA D 8 -33.75 -35.90 -11.83
N VAL D 9 -34.08 -34.75 -12.42
CA VAL D 9 -33.57 -33.47 -11.96
C VAL D 9 -34.74 -32.66 -11.44
N LEU D 10 -34.70 -32.30 -10.16
CA LEU D 10 -35.67 -31.37 -9.58
C LEU D 10 -34.91 -30.51 -8.60
N ALA D 11 -34.56 -29.30 -9.02
CA ALA D 11 -33.78 -28.39 -8.21
C ALA D 11 -34.65 -27.22 -7.79
N TYR D 12 -34.47 -26.78 -6.55
CA TYR D 12 -35.35 -25.80 -5.93
C TYR D 12 -34.47 -24.65 -5.48
N SER D 13 -34.66 -23.49 -6.10
CA SER D 13 -33.74 -22.39 -5.84
C SER D 13 -34.04 -21.74 -4.50
N ARG D 14 -33.12 -20.87 -4.07
CA ARG D 14 -33.25 -20.22 -2.77
C ARG D 14 -34.37 -19.19 -2.77
N LYS D 15 -35.27 -19.30 -1.81
CA LYS D 15 -36.29 -18.30 -1.60
C LYS D 15 -35.95 -17.36 -0.47
N ILE D 16 -34.81 -17.55 0.19
CA ILE D 16 -34.21 -16.59 1.10
C ILE D 16 -32.85 -16.24 0.53
N ASN D 17 -32.53 -14.95 0.45
CA ASN D 17 -31.21 -14.51 0.03
C ASN D 17 -30.67 -13.60 1.11
N PRO D 18 -30.03 -14.16 2.14
CA PRO D 18 -29.32 -13.30 3.10
C PRO D 18 -27.96 -12.91 2.55
N THR D 19 -27.58 -11.67 2.80
CA THR D 19 -26.25 -11.19 2.49
C THR D 19 -25.33 -11.60 3.63
N ASN D 20 -24.04 -11.71 3.33
CA ASN D 20 -23.07 -12.00 4.37
C ASN D 20 -22.96 -10.83 5.32
N ALA D 21 -23.24 -11.08 6.59
CA ALA D 21 -23.33 -10.03 7.59
C ALA D 21 -21.97 -9.43 7.89
N LEU D 22 -21.98 -8.19 8.36
CA LEU D 22 -20.75 -7.51 8.74
C LEU D 22 -20.79 -7.18 10.21
N MET D 23 -19.60 -7.14 10.80
CA MET D 23 -19.42 -6.94 12.24
C MET D 23 -18.77 -5.59 12.44
N PHE D 24 -19.45 -4.71 13.15
CA PHE D 24 -18.99 -3.37 13.44
C PHE D 24 -18.92 -3.18 14.95
N ALA D 25 -18.20 -2.14 15.35
CA ALA D 25 -18.09 -1.77 16.75
C ALA D 25 -18.79 -0.45 16.97
N VAL D 26 -19.68 -0.41 17.96
CA VAL D 26 -20.41 0.79 18.31
C VAL D 26 -20.43 0.92 19.83
N ASN D 27 -20.85 2.08 20.32
CA ASN D 27 -21.18 2.22 21.72
C ASN D 27 -22.64 1.82 21.94
N TRP D 28 -23.07 1.85 23.20
CA TRP D 28 -24.45 1.49 23.49
C TRP D 28 -25.38 2.69 23.36
N SER D 29 -25.00 3.83 23.96
CA SER D 29 -25.83 5.01 23.91
C SER D 29 -25.81 5.70 22.56
N ASP D 30 -24.75 5.51 21.77
CA ASP D 30 -24.66 6.10 20.43
C ASP D 30 -24.33 5.00 19.45
N ARG D 31 -25.12 4.90 18.38
CA ARG D 31 -25.01 3.82 17.42
C ARG D 31 -24.56 4.29 16.04
N ASP D 32 -24.17 5.56 15.91
CA ASP D 32 -23.85 6.12 14.61
C ASP D 32 -22.37 6.01 14.24
N ASN D 33 -21.48 5.91 15.23
CA ASN D 33 -20.05 5.81 14.99
C ASN D 33 -19.67 4.33 14.79
N THR D 34 -20.08 3.79 13.64
CA THR D 34 -19.83 2.39 13.33
C THR D 34 -18.41 2.23 12.82
N THR D 35 -17.62 1.49 13.59
CA THR D 35 -16.24 1.24 13.26
C THR D 35 -16.00 -0.24 13.11
N ALA D 36 -15.56 -0.65 11.93
CA ALA D 36 -15.33 -2.06 11.63
C ALA D 36 -14.58 -2.90 12.65
N VAL D 37 -15.13 -4.05 13.01
CA VAL D 37 -14.39 -4.95 13.87
C VAL D 37 -13.59 -5.67 12.81
N MET D 38 -12.27 -5.77 12.98
CA MET D 38 -11.45 -6.37 11.93
C MET D 38 -10.85 -7.71 12.30
N VAL D 39 -10.49 -8.49 11.29
CA VAL D 39 -9.85 -9.78 11.54
C VAL D 39 -8.36 -9.60 11.76
N GLY D 40 -7.90 -9.74 12.99
CA GLY D 40 -6.47 -9.65 13.24
C GLY D 40 -5.83 -11.00 13.43
N THR D 41 -4.54 -11.14 13.18
CA THR D 41 -3.90 -12.43 13.24
C THR D 41 -2.98 -12.54 14.37
N LYS D 42 -3.40 -13.15 15.43
CA LYS D 42 -2.63 -13.35 16.65
C LYS D 42 -2.12 -14.78 16.67
N THR D 43 -1.31 -15.09 17.68
CA THR D 43 -0.70 -16.41 17.76
C THR D 43 -0.84 -16.95 19.17
N VAL D 44 -1.23 -18.21 19.28
CA VAL D 44 -1.40 -18.84 20.57
C VAL D 44 -0.28 -19.84 20.77
N ALA D 45 0.04 -20.12 22.03
CA ALA D 45 1.14 -21.01 22.39
C ALA D 45 0.68 -22.00 23.44
N GLY D 46 -0.44 -22.67 23.18
CA GLY D 46 -1.02 -23.55 24.15
C GLY D 46 -0.38 -24.92 24.28
N THR D 47 -1.22 -25.93 24.42
CA THR D 47 -0.81 -27.26 24.84
C THR D 47 -1.14 -28.30 23.78
N GLN D 48 -0.33 -29.35 23.73
CA GLN D 48 -0.61 -30.50 22.87
C GLN D 48 -1.49 -31.45 23.68
N SER D 49 -2.79 -31.42 23.42
CA SER D 49 -3.77 -32.12 24.23
C SER D 49 -4.80 -32.79 23.32
N VAL D 50 -4.51 -34.03 22.95
CA VAL D 50 -5.42 -34.83 22.16
C VAL D 50 -5.95 -35.94 23.08
N ARG D 51 -7.08 -36.55 22.71
CA ARG D 51 -7.58 -37.69 23.45
C ARG D 51 -6.60 -38.86 23.37
N GLY D 52 -6.02 -39.08 22.20
CA GLY D 52 -4.90 -40.00 22.05
C GLY D 52 -3.61 -39.23 22.29
N ASN D 53 -2.48 -39.91 22.12
CA ASN D 53 -1.12 -39.35 22.21
C ASN D 53 -0.87 -38.69 23.57
N PRO D 54 -0.93 -39.53 24.62
CA PRO D 54 -0.64 -39.07 25.97
C PRO D 54 0.84 -38.79 26.19
N ASN D 55 1.73 -39.32 25.35
CA ASN D 55 3.15 -39.03 25.45
C ASN D 55 3.44 -37.58 25.13
N ASP D 56 2.76 -37.02 24.11
CA ASP D 56 2.92 -35.63 23.74
C ASP D 56 2.01 -34.79 24.63
N ALA D 57 2.46 -34.54 25.85
CA ALA D 57 1.68 -33.77 26.82
C ALA D 57 2.59 -32.80 27.56
N ASP D 58 3.79 -32.58 27.04
CA ASP D 58 4.76 -31.71 27.69
C ASP D 58 5.39 -30.77 26.67
N LYS D 59 5.03 -30.95 25.40
CA LYS D 59 5.56 -30.17 24.30
C LYS D 59 4.47 -29.25 23.78
N GLY D 60 4.71 -27.94 23.90
CA GLY D 60 3.68 -26.97 23.56
C GLY D 60 3.51 -26.74 22.07
N ASN D 61 2.28 -26.75 21.59
CA ASN D 61 1.99 -26.44 20.19
C ASN D 61 1.79 -24.95 20.03
N ILE D 62 1.97 -24.47 18.81
CA ILE D 62 1.80 -23.06 18.46
C ILE D 62 1.14 -22.98 17.10
N GLN D 63 0.01 -22.27 17.00
CA GLN D 63 -0.52 -21.86 15.71
C GLN D 63 -0.97 -20.42 15.74
N THR D 64 -1.02 -19.82 14.55
CA THR D 64 -1.55 -18.48 14.34
C THR D 64 -3.04 -18.58 14.05
N VAL D 65 -3.84 -17.87 14.84
CA VAL D 65 -5.28 -17.87 14.66
C VAL D 65 -5.74 -16.44 14.37
N ASN D 66 -6.82 -16.34 13.62
CA ASN D 66 -7.45 -15.05 13.38
C ASN D 66 -8.46 -14.75 14.47
N PHE D 67 -8.30 -13.59 15.08
CA PHE D 67 -9.16 -13.17 16.18
C PHE D 67 -9.84 -11.87 15.81
N ALA D 68 -11.04 -11.67 16.36
CA ALA D 68 -11.81 -10.45 16.15
C ALA D 68 -12.44 -10.07 17.48
N ASN D 69 -12.10 -8.88 17.98
CA ASN D 69 -12.67 -8.37 19.22
C ASN D 69 -13.28 -7.01 18.98
N LEU D 70 -14.19 -6.63 19.86
CA LEU D 70 -14.54 -5.22 19.98
C LEU D 70 -13.33 -4.46 20.48
N PRO D 71 -12.98 -3.33 19.85
CA PRO D 71 -11.86 -2.52 20.35
C PRO D 71 -12.17 -1.94 21.72
N HIS D 72 -11.11 -1.59 22.44
CA HIS D 72 -11.24 -1.26 23.85
C HIS D 72 -11.76 0.16 24.13
N ASN D 73 -12.44 0.81 23.19
CA ASN D 73 -13.18 2.03 23.47
C ASN D 73 -14.69 1.85 23.37
N LYS D 74 -15.16 0.69 22.90
CA LYS D 74 -16.57 0.46 22.60
C LYS D 74 -17.03 -0.84 23.24
N ASN D 75 -18.33 -0.94 23.48
CA ASN D 75 -18.89 -2.05 24.24
C ASN D 75 -20.16 -2.60 23.60
N THR D 76 -20.28 -2.50 22.28
CA THR D 76 -21.43 -3.05 21.58
C THR D 76 -21.00 -3.59 20.23
N LEU D 77 -21.42 -4.81 19.94
CA LEU D 77 -21.20 -5.41 18.63
C LEU D 77 -22.43 -5.19 17.75
N LEU D 78 -22.20 -4.69 16.54
CA LEU D 78 -23.26 -4.46 15.58
C LEU D 78 -23.10 -5.45 14.43
N VAL D 79 -24.20 -6.11 14.07
CA VAL D 79 -24.20 -7.08 12.99
C VAL D 79 -25.20 -6.59 11.95
N LYS D 80 -24.71 -6.27 10.76
CA LYS D 80 -25.52 -5.66 9.71
C LYS D 80 -25.65 -6.64 8.55
N TYR D 81 -26.90 -6.93 8.14
CA TYR D 81 -27.06 -7.74 6.95
C TYR D 81 -28.35 -7.33 6.25
N ASN D 82 -28.54 -7.86 5.05
CA ASN D 82 -29.78 -7.76 4.32
C ASN D 82 -30.27 -9.17 3.99
N VAL D 83 -31.57 -9.40 4.19
CA VAL D 83 -32.20 -10.68 3.90
C VAL D 83 -33.36 -10.44 2.95
N LYS D 84 -33.33 -11.08 1.79
CA LYS D 84 -34.37 -10.92 0.78
C LYS D 84 -35.23 -12.17 0.77
N PHE D 85 -36.43 -12.09 1.33
CA PHE D 85 -37.39 -13.19 1.27
C PHE D 85 -38.05 -13.13 -0.11
N VAL D 86 -37.74 -14.08 -0.97
CA VAL D 86 -38.30 -14.09 -2.32
C VAL D 86 -39.53 -14.99 -2.41
N GLY D 87 -40.43 -14.68 -3.33
CA GLY D 87 -41.62 -15.48 -3.52
C GLY D 87 -41.42 -16.47 -4.64
N ASP D 88 -42.49 -16.79 -5.38
CA ASP D 88 -42.41 -17.82 -6.42
C ASP D 88 -41.81 -19.04 -5.75
N VAL D 89 -42.37 -19.43 -4.62
CA VAL D 89 -41.82 -20.54 -3.85
C VAL D 89 -41.88 -21.87 -4.56
N PHE D 90 -43.06 -22.24 -5.05
CA PHE D 90 -43.22 -23.59 -5.61
C PHE D 90 -42.70 -23.85 -7.02
N LYS D 91 -42.58 -22.80 -7.83
CA LYS D 91 -42.15 -23.00 -9.20
C LYS D 91 -40.77 -23.64 -9.22
N ALA D 92 -40.67 -24.82 -9.81
CA ALA D 92 -39.40 -25.52 -9.85
C ALA D 92 -38.44 -24.86 -10.81
N GLU D 93 -37.25 -24.53 -10.28
CA GLU D 93 -36.28 -23.85 -11.07
C GLU D 93 -35.82 -24.87 -11.97
N LEU D 94 -35.17 -25.89 -11.48
CA LEU D 94 -34.85 -26.94 -12.41
C LEU D 94 -35.82 -28.03 -12.19
N GLY D 95 -36.17 -28.76 -13.22
CA GLY D 95 -37.21 -29.73 -13.07
C GLY D 95 -38.50 -29.01 -13.22
N GLY D 96 -39.61 -29.62 -12.85
CA GLY D 96 -40.83 -28.87 -12.86
C GLY D 96 -42.05 -29.28 -13.64
N GLY D 97 -42.30 -30.56 -13.68
CA GLY D 97 -43.49 -31.00 -14.35
C GLY D 97 -44.13 -32.05 -13.53
N GLU D 98 -45.39 -31.86 -13.18
CA GLU D 98 -46.13 -32.84 -12.45
C GLU D 98 -45.43 -33.34 -11.22
N TYR D 99 -44.59 -32.52 -10.62
CA TYR D 99 -43.97 -32.91 -9.39
C TYR D 99 -43.60 -31.60 -8.97
N SER D 100 -44.00 -30.64 -9.76
CA SER D 100 -43.85 -29.33 -9.27
C SER D 100 -45.29 -28.84 -9.28
N ASN D 101 -46.11 -29.32 -10.22
CA ASN D 101 -47.46 -28.77 -10.32
C ASN D 101 -48.46 -29.59 -9.50
N THR D 102 -48.24 -30.91 -9.42
CA THR D 102 -49.03 -31.71 -8.50
C THR D 102 -48.68 -31.38 -7.05
N LEU D 103 -47.45 -30.96 -6.81
CA LEU D 103 -47.12 -30.37 -5.50
C LEU D 103 -47.83 -29.04 -5.28
N GLN D 104 -48.05 -28.27 -6.35
CA GLN D 104 -48.77 -27.00 -6.21
C GLN D 104 -50.23 -27.23 -5.86
N THR D 105 -50.89 -28.18 -6.53
CA THR D 105 -52.27 -28.49 -6.20
C THR D 105 -52.43 -29.29 -4.92
N ALA D 106 -51.34 -29.79 -4.33
CA ALA D 106 -51.41 -30.47 -3.04
C ALA D 106 -50.73 -29.70 -1.91
N LEU D 107 -50.23 -28.50 -2.17
CA LEU D 107 -49.49 -27.74 -1.18
C LEU D 107 -49.89 -26.27 -1.15
N GLU D 108 -51.06 -25.93 -1.71
CA GLU D 108 -51.51 -24.55 -1.69
C GLU D 108 -52.19 -24.17 -0.39
N ASN D 109 -52.49 -25.13 0.48
CA ASN D 109 -53.23 -24.88 1.71
C ASN D 109 -52.35 -25.05 2.96
N THR D 110 -51.07 -24.68 2.87
CA THR D 110 -50.18 -24.76 4.01
C THR D 110 -50.36 -23.53 4.91
N ASP D 111 -49.59 -23.50 5.98
CA ASP D 111 -49.64 -22.39 6.95
C ASP D 111 -48.41 -21.52 6.71
N PHE D 112 -48.54 -20.56 5.80
CA PHE D 112 -47.44 -19.64 5.53
C PHE D 112 -47.27 -18.62 6.64
N GLY D 113 -48.34 -18.36 7.41
CA GLY D 113 -48.29 -17.31 8.41
C GLY D 113 -47.37 -17.64 9.57
N THR D 114 -47.51 -18.85 10.14
CA THR D 114 -46.64 -19.23 11.23
C THR D 114 -45.24 -19.58 10.73
N LEU D 115 -45.12 -19.99 9.46
CA LEU D 115 -43.83 -20.14 8.79
C LEU D 115 -43.06 -18.83 8.79
N ALA D 116 -43.71 -17.78 8.30
CA ALA D 116 -43.08 -16.46 8.28
C ALA D 116 -42.89 -15.92 9.68
N TYR D 117 -43.76 -16.30 10.62
CA TYR D 117 -43.60 -15.85 12.00
C TYR D 117 -42.36 -16.44 12.63
N ARG D 118 -42.10 -17.73 12.38
CA ARG D 118 -40.90 -18.35 12.93
C ARG D 118 -39.64 -17.81 12.25
N TYR D 119 -39.70 -17.52 10.95
CA TYR D 119 -38.53 -16.94 10.28
C TYR D 119 -38.23 -15.53 10.75
N VAL D 120 -39.25 -14.69 10.90
CA VAL D 120 -38.98 -13.33 11.36
C VAL D 120 -38.69 -13.33 12.86
N TYR D 121 -39.18 -14.34 13.59
CA TYR D 121 -38.83 -14.48 15.00
C TYR D 121 -37.37 -14.86 15.17
N ASN D 122 -36.84 -15.70 14.28
CA ASN D 122 -35.43 -16.09 14.37
C ASN D 122 -34.52 -14.91 14.12
N ILE D 123 -34.91 -14.00 13.23
CA ILE D 123 -34.16 -12.77 13.04
C ILE D 123 -34.35 -11.85 14.25
N ALA D 124 -35.58 -11.73 14.73
CA ALA D 124 -35.91 -10.76 15.77
C ALA D 124 -35.35 -11.17 17.12
N ALA D 125 -35.39 -12.47 17.45
CA ALA D 125 -34.79 -12.92 18.69
C ALA D 125 -33.27 -13.04 18.58
N GLY D 126 -32.71 -12.85 17.40
CA GLY D 126 -31.27 -12.84 17.24
C GLY D 126 -30.60 -14.18 17.39
N ARG D 127 -31.16 -15.24 16.79
CA ARG D 127 -30.51 -16.54 16.79
C ARG D 127 -29.52 -16.63 15.64
N THR D 128 -29.38 -15.54 14.89
CA THR D 128 -28.56 -15.50 13.69
C THR D 128 -27.10 -15.25 13.99
N LEU D 129 -26.72 -15.20 15.25
CA LEU D 129 -25.36 -14.85 15.65
C LEU D 129 -24.54 -16.05 16.07
N TRP D 130 -25.20 -17.07 16.64
CA TRP D 130 -24.73 -18.42 16.95
C TRP D 130 -23.72 -18.51 18.08
N ARG D 131 -23.06 -17.42 18.41
CA ARG D 131 -22.16 -17.39 19.56
C ARG D 131 -22.17 -16.07 20.31
N ASN D 132 -22.52 -14.96 19.66
CA ASN D 132 -22.47 -13.66 20.30
C ASN D 132 -23.65 -13.40 21.22
N ARG D 133 -24.62 -14.31 21.27
CA ARG D 133 -25.69 -14.21 22.27
C ARG D 133 -25.14 -14.35 23.69
N VAL D 134 -24.20 -15.29 23.88
CA VAL D 134 -23.67 -15.52 25.22
C VAL D 134 -22.71 -14.39 25.57
N GLY D 135 -22.64 -14.08 26.87
CA GLY D 135 -21.85 -12.95 27.33
C GLY D 135 -22.39 -11.61 26.87
N ALA D 136 -23.69 -11.50 26.65
CA ALA D 136 -24.32 -10.25 26.25
C ALA D 136 -25.41 -9.91 27.26
N GLU D 137 -25.39 -8.67 27.76
CA GLU D 137 -26.39 -8.27 28.74
C GLU D 137 -27.76 -8.11 28.09
N SER D 138 -27.88 -7.21 27.13
CA SER D 138 -29.14 -7.01 26.43
C SER D 138 -28.86 -6.91 24.94
N ILE D 139 -29.78 -7.46 24.15
CA ILE D 139 -29.71 -7.43 22.70
C ILE D 139 -30.80 -6.51 22.17
N GLU D 140 -30.48 -5.72 21.17
CA GLU D 140 -31.47 -4.88 20.50
C GLU D 140 -31.35 -5.16 19.00
N THR D 141 -32.33 -5.83 18.44
CA THR D 141 -32.34 -6.15 17.02
C THR D 141 -33.33 -5.23 16.33
N VAL D 142 -32.85 -4.45 15.36
CA VAL D 142 -33.70 -3.54 14.61
C VAL D 142 -33.80 -4.07 13.18
N ILE D 143 -35.02 -4.03 12.65
CA ILE D 143 -35.32 -4.54 11.32
C ILE D 143 -35.97 -3.40 10.55
N THR D 144 -35.45 -3.13 9.35
CA THR D 144 -36.06 -2.16 8.45
C THR D 144 -36.59 -2.89 7.23
N VAL D 145 -37.90 -2.80 7.03
CA VAL D 145 -38.56 -3.23 5.80
C VAL D 145 -39.22 -2.00 5.21
N ASN D 146 -38.99 -1.76 3.91
CA ASN D 146 -39.60 -0.78 2.97
C ASN D 146 -40.03 0.52 3.64
N ASP D 147 -39.06 1.21 4.26
CA ASP D 147 -39.20 2.46 5.00
C ASP D 147 -40.11 2.34 6.24
N GLN D 148 -39.81 1.38 7.11
CA GLN D 148 -40.36 1.32 8.47
C GLN D 148 -39.44 0.43 9.32
N THR D 149 -39.24 0.83 10.57
CA THR D 149 -38.16 0.35 11.43
C THR D 149 -38.72 -0.17 12.75
N PHE D 150 -38.25 -1.34 13.21
CA PHE D 150 -38.73 -1.87 14.48
C PHE D 150 -37.56 -2.37 15.32
N THR D 151 -37.75 -2.31 16.64
CA THR D 151 -36.71 -2.60 17.62
C THR D 151 -37.19 -3.70 18.56
N PHE D 152 -36.36 -4.70 18.80
CA PHE D 152 -36.69 -5.85 19.63
C PHE D 152 -35.66 -5.98 20.74
N SER D 153 -36.15 -6.08 21.99
CA SER D 153 -35.29 -6.16 23.17
C SER D 153 -35.11 -7.59 23.66
N ASP D 154 -36.19 -8.24 24.09
CA ASP D 154 -36.05 -9.55 24.72
C ASP D 154 -37.05 -10.52 24.13
N LEU D 155 -36.55 -11.64 23.64
CA LEU D 155 -37.38 -12.74 23.14
C LEU D 155 -36.63 -14.02 23.47
N LEU D 156 -37.22 -14.87 24.31
CA LEU D 156 -36.60 -16.16 24.61
C LEU D 156 -36.72 -17.04 23.38
N VAL D 157 -35.57 -17.51 22.88
CA VAL D 157 -35.49 -17.94 21.48
C VAL D 157 -36.01 -19.37 21.32
N ASN D 158 -35.88 -20.20 22.36
CA ASN D 158 -36.23 -21.61 22.22
C ASN D 158 -37.73 -21.83 22.11
N GLU D 159 -38.53 -21.01 22.80
CA GLU D 159 -39.98 -21.06 22.70
C GLU D 159 -40.46 -19.84 21.92
N PHE D 160 -41.07 -20.09 20.77
CA PHE D 160 -41.50 -19.02 19.87
C PHE D 160 -42.74 -18.35 20.45
N ASP D 161 -42.53 -17.30 21.22
CA ASP D 161 -43.63 -16.59 21.87
C ASP D 161 -44.40 -15.75 20.86
N GLU D 162 -45.59 -15.32 21.26
CA GLU D 162 -46.44 -14.49 20.42
C GLU D 162 -46.42 -13.06 20.91
N ASP D 163 -46.15 -12.13 19.99
CA ASP D 163 -46.18 -10.70 20.29
C ASP D 163 -46.79 -9.98 19.10
N VAL D 164 -46.70 -8.65 19.10
CA VAL D 164 -47.37 -7.83 18.09
C VAL D 164 -46.40 -7.17 17.12
N ASP D 165 -45.11 -7.06 17.46
CA ASP D 165 -44.16 -6.37 16.59
C ASP D 165 -43.43 -7.32 15.65
N VAL D 166 -43.54 -8.64 15.86
CA VAL D 166 -43.06 -9.58 14.85
C VAL D 166 -44.19 -9.95 13.88
N ALA D 167 -45.44 -9.92 14.37
CA ALA D 167 -46.57 -10.52 13.66
C ALA D 167 -46.94 -9.80 12.36
N GLU D 168 -46.84 -8.48 12.30
CA GLU D 168 -47.12 -7.78 11.05
C GLU D 168 -46.02 -7.98 10.01
N ILE D 169 -44.76 -8.11 10.44
CA ILE D 169 -43.71 -8.50 9.50
C ILE D 169 -43.93 -9.93 9.03
N ALA D 170 -44.49 -10.77 9.91
CA ALA D 170 -44.89 -12.12 9.51
C ALA D 170 -45.99 -12.08 8.46
N ASP D 171 -46.94 -11.15 8.58
CA ASP D 171 -47.95 -10.98 7.55
C ASP D 171 -47.35 -10.56 6.22
N MET D 172 -46.37 -9.64 6.25
CA MET D 172 -45.70 -9.23 5.00
C MET D 172 -44.93 -10.39 4.36
N VAL D 173 -44.16 -11.13 5.16
CA VAL D 173 -43.36 -12.22 4.61
C VAL D 173 -44.25 -13.38 4.17
N ALA D 174 -45.32 -13.65 4.91
CA ALA D 174 -46.27 -14.69 4.52
C ALA D 174 -47.04 -14.31 3.28
N GLY D 175 -47.30 -13.02 3.08
CA GLY D 175 -47.90 -12.60 1.82
C GLY D 175 -46.92 -12.64 0.68
N VAL D 176 -45.63 -12.52 0.95
CA VAL D 176 -44.68 -12.46 -0.16
C VAL D 176 -44.19 -13.85 -0.54
N LEU D 177 -44.30 -14.83 0.36
CA LEU D 177 -44.06 -16.20 -0.08
C LEU D 177 -45.28 -16.82 -0.74
N SER D 178 -46.49 -16.51 -0.27
CA SER D 178 -47.70 -17.11 -0.82
C SER D 178 -48.04 -16.61 -2.22
N GLY D 179 -47.36 -15.56 -2.69
CA GLY D 179 -47.55 -15.08 -4.04
C GLY D 179 -46.25 -14.83 -4.75
N GLU D 180 -46.08 -13.62 -5.30
CA GLU D 180 -44.94 -13.27 -6.10
C GLU D 180 -44.21 -12.08 -5.48
N GLY D 181 -42.92 -11.98 -5.75
CA GLY D 181 -42.16 -10.82 -5.35
C GLY D 181 -41.07 -11.09 -4.33
N PHE D 182 -40.73 -10.07 -3.54
CA PHE D 182 -39.65 -10.16 -2.57
C PHE D 182 -39.86 -9.09 -1.51
N VAL D 183 -39.34 -9.35 -0.32
CA VAL D 183 -39.34 -8.40 0.79
C VAL D 183 -37.94 -8.37 1.38
N THR D 184 -37.39 -7.16 1.51
CA THR D 184 -36.03 -6.96 1.98
C THR D 184 -36.04 -6.52 3.43
N LEU D 185 -35.36 -7.28 4.29
CA LEU D 185 -35.16 -6.95 5.70
C LEU D 185 -33.71 -6.52 5.85
N LYS D 186 -33.48 -5.23 6.05
CA LYS D 186 -32.15 -4.75 6.41
C LYS D 186 -32.08 -4.74 7.93
N VAL D 187 -31.31 -5.66 8.50
CA VAL D 187 -31.34 -5.95 9.93
C VAL D 187 -30.00 -5.58 10.57
N GLU D 188 -30.07 -4.91 11.71
CA GLU D 188 -28.90 -4.56 12.50
C GLU D 188 -29.10 -5.10 13.91
N HIS D 189 -28.14 -5.88 14.39
CA HIS D 189 -28.17 -6.45 15.73
C HIS D 189 -27.16 -5.73 16.61
N TYR D 190 -27.61 -5.28 17.77
CA TYR D 190 -26.75 -4.60 18.73
C TYR D 190 -26.66 -5.47 19.97
N MET D 191 -25.44 -5.78 20.40
CA MET D 191 -25.21 -6.60 21.58
C MET D 191 -24.24 -5.88 22.50
N LEU D 192 -24.71 -5.51 23.69
CA LEU D 192 -23.80 -4.98 24.70
C LEU D 192 -23.09 -6.20 25.27
N LEU D 193 -21.91 -6.49 24.73
CA LEU D 193 -21.14 -7.65 25.14
C LEU D 193 -20.27 -7.38 26.35
N GLY D 194 -20.27 -6.15 26.84
CA GLY D 194 -19.28 -5.75 27.81
C GLY D 194 -18.19 -4.98 27.11
N GLU D 195 -17.36 -4.29 27.87
CA GLU D 195 -16.34 -3.42 27.31
C GLU D 195 -15.22 -4.25 26.68
N GLY D 196 -15.00 -4.04 25.38
CA GLY D 196 -13.90 -4.65 24.66
C GLY D 196 -13.94 -6.15 24.51
N SER D 197 -15.14 -6.74 24.44
CA SER D 197 -15.28 -8.19 24.51
C SER D 197 -14.91 -8.84 23.18
N GLU D 198 -15.10 -10.16 23.13
CA GLU D 198 -14.77 -10.96 21.95
C GLU D 198 -16.02 -11.21 21.12
N VAL D 199 -15.90 -10.97 19.82
CA VAL D 199 -16.94 -11.31 18.86
C VAL D 199 -16.51 -12.57 18.13
N PHE D 200 -17.48 -13.21 17.49
CA PHE D 200 -17.25 -14.52 16.86
C PHE D 200 -17.76 -14.52 15.43
N PRO D 201 -16.91 -14.21 14.46
CA PRO D 201 -17.32 -14.32 13.05
C PRO D 201 -17.30 -15.77 12.61
N SER D 202 -17.74 -16.01 11.38
CA SER D 202 -17.77 -17.34 10.82
C SER D 202 -16.38 -17.71 10.35
N GLN D 203 -15.90 -18.88 10.77
CA GLN D 203 -14.62 -19.39 10.31
C GLN D 203 -14.75 -19.90 8.88
N GLU D 204 -13.73 -19.65 8.07
CA GLU D 204 -13.67 -20.26 6.76
C GLU D 204 -13.02 -21.64 6.85
N PHE D 205 -13.29 -22.46 5.84
CA PHE D 205 -12.49 -23.64 5.60
C PHE D 205 -11.11 -23.15 5.15
N VAL D 206 -10.07 -23.73 5.73
CA VAL D 206 -8.70 -23.54 5.26
C VAL D 206 -8.18 -24.91 4.84
N GLU D 207 -7.76 -25.01 3.58
CA GLU D 207 -7.25 -26.27 3.04
C GLU D 207 -5.73 -26.19 3.05
N ASN D 208 -5.13 -26.79 4.09
CA ASN D 208 -3.69 -26.86 4.34
C ASN D 208 -3.05 -25.48 4.34
N SER D 209 -3.42 -24.64 5.30
CA SER D 209 -2.88 -23.29 5.41
C SER D 209 -2.17 -23.15 6.75
N LYS D 210 -1.40 -22.07 6.87
CA LYS D 210 -0.72 -21.74 8.12
C LYS D 210 -1.70 -21.39 9.23
N LEU D 211 -2.77 -20.66 8.92
CA LEU D 211 -3.77 -20.27 9.91
C LEU D 211 -4.58 -21.50 10.30
N SER D 212 -4.55 -21.85 11.58
CA SER D 212 -5.38 -22.94 12.07
C SER D 212 -6.82 -22.49 12.28
N LYS D 213 -7.08 -21.18 12.28
CA LYS D 213 -8.41 -20.65 12.54
C LYS D 213 -8.48 -19.30 11.84
N GLN D 214 -9.12 -19.25 10.68
CA GLN D 214 -9.27 -18.02 9.91
C GLN D 214 -10.75 -17.69 9.80
N LEU D 215 -11.10 -16.47 10.19
CA LEU D 215 -12.48 -16.01 10.16
C LEU D 215 -12.82 -15.48 8.77
N PHE D 216 -14.12 -15.35 8.50
CA PHE D 216 -14.55 -14.82 7.21
C PHE D 216 -14.19 -13.35 7.08
N ASP D 217 -13.77 -12.97 5.88
CA ASP D 217 -13.17 -11.66 5.70
C ASP D 217 -13.68 -11.03 4.41
N LEU D 218 -14.19 -9.81 4.53
CA LEU D 218 -14.44 -8.92 3.40
C LEU D 218 -13.70 -7.62 3.67
N ASN D 219 -12.67 -7.36 2.85
CA ASN D 219 -11.85 -6.13 2.88
C ASN D 219 -11.20 -5.91 4.24
N GLY D 220 -10.55 -6.93 4.79
CA GLY D 220 -9.81 -6.80 6.02
C GLY D 220 -10.65 -6.83 7.28
N GLN D 221 -11.97 -6.99 7.15
CA GLN D 221 -12.91 -6.74 8.23
C GLN D 221 -13.70 -8.01 8.54
N ALA D 222 -13.99 -8.21 9.84
CA ALA D 222 -14.71 -9.39 10.31
C ALA D 222 -16.12 -9.44 9.76
N ALA D 223 -16.52 -10.63 9.32
CA ALA D 223 -17.81 -10.83 8.70
C ALA D 223 -18.27 -12.26 8.96
N MET D 224 -19.57 -12.50 8.85
CA MET D 224 -20.12 -13.83 9.00
C MET D 224 -20.67 -14.31 7.67
N HIS D 225 -20.71 -15.62 7.49
CA HIS D 225 -21.13 -16.21 6.23
C HIS D 225 -22.61 -15.98 5.97
N ASP D 226 -22.95 -15.77 4.70
CA ASP D 226 -24.35 -15.59 4.32
C ASP D 226 -25.14 -16.88 4.52
N GLN D 227 -24.53 -18.02 4.24
CA GLN D 227 -25.24 -19.28 4.43
C GLN D 227 -25.35 -19.63 5.91
N LYS D 228 -24.50 -19.06 6.76
CA LYS D 228 -24.67 -19.20 8.21
C LYS D 228 -25.90 -18.43 8.69
N ILE D 229 -26.07 -17.21 8.18
CA ILE D 229 -27.28 -16.43 8.46
C ILE D 229 -28.51 -17.19 7.97
N GLY D 230 -28.46 -17.67 6.72
CA GLY D 230 -29.60 -18.37 6.15
C GLY D 230 -29.84 -19.73 6.77
N ASN D 231 -28.81 -20.30 7.40
CA ASN D 231 -29.01 -21.42 8.31
C ASN D 231 -29.84 -21.00 9.49
N ALA D 232 -29.52 -19.85 10.07
CA ALA D 232 -30.17 -19.52 11.32
C ALA D 232 -31.50 -18.79 11.14
N ILE D 233 -31.89 -18.49 9.90
CA ILE D 233 -33.28 -18.06 9.69
C ILE D 233 -34.21 -19.23 9.93
N ARG D 234 -33.81 -20.41 9.47
CA ARG D 234 -34.70 -21.56 9.33
C ARG D 234 -34.51 -22.62 10.42
N THR D 235 -34.08 -22.21 11.62
CA THR D 235 -34.07 -23.12 12.77
C THR D 235 -35.45 -23.11 13.40
N ILE D 236 -36.39 -23.74 12.71
CA ILE D 236 -37.81 -23.66 13.04
C ILE D 236 -38.40 -25.05 13.25
N ASP D 237 -37.61 -26.08 12.94
CA ASP D 237 -38.12 -27.45 12.92
C ASP D 237 -38.42 -27.95 14.33
N THR D 238 -39.70 -28.09 14.66
CA THR D 238 -40.16 -28.60 15.95
C THR D 238 -41.18 -29.71 15.77
N TRP D 239 -41.15 -30.38 14.63
CA TRP D 239 -42.15 -31.41 14.34
C TRP D 239 -41.48 -32.75 14.03
N TYR D 240 -40.49 -33.12 14.83
CA TYR D 240 -39.81 -34.38 14.62
C TYR D 240 -40.04 -35.35 15.78
N GLU D 241 -39.34 -36.48 15.80
CA GLU D 241 -39.49 -37.43 16.90
C GLU D 241 -39.06 -36.79 18.21
N ASP D 242 -39.86 -36.93 19.27
CA ASP D 242 -39.57 -36.27 20.55
C ASP D 242 -39.25 -34.81 20.30
N ALA D 243 -40.21 -34.09 19.71
CA ALA D 243 -40.01 -32.68 19.40
C ALA D 243 -39.40 -31.86 20.54
N THR D 244 -38.24 -31.27 20.28
CA THR D 244 -37.56 -30.51 21.33
C THR D 244 -37.09 -29.16 20.82
N THR D 245 -35.79 -29.03 20.57
CA THR D 245 -35.23 -27.77 20.12
C THR D 245 -35.63 -27.39 18.71
N PRO D 246 -35.72 -26.09 18.43
CA PRO D 246 -36.00 -25.71 17.04
C PRO D 246 -34.72 -25.83 16.23
N ILE D 247 -34.49 -26.97 15.59
CA ILE D 247 -33.28 -27.16 14.81
C ILE D 247 -33.53 -26.67 13.39
N ALA D 248 -32.44 -26.53 12.62
CA ALA D 248 -32.54 -26.11 11.23
C ALA D 248 -33.28 -27.15 10.41
N VAL D 249 -34.03 -26.68 9.41
CA VAL D 249 -34.91 -27.56 8.67
C VAL D 249 -34.17 -28.06 7.42
N GLU D 250 -34.07 -29.38 7.30
CA GLU D 250 -33.34 -30.06 6.22
C GLU D 250 -34.11 -31.33 5.87
N PRO D 251 -33.87 -31.91 4.69
CA PRO D 251 -34.68 -33.09 4.28
C PRO D 251 -34.51 -34.31 5.17
N TYR D 252 -33.44 -34.41 5.94
CA TYR D 252 -33.32 -35.46 6.93
C TYR D 252 -33.31 -34.94 8.35
N GLY D 253 -33.58 -33.65 8.56
CA GLY D 253 -33.57 -33.05 9.88
C GLY D 253 -32.22 -33.13 10.54
N SER D 254 -31.17 -32.84 9.79
CA SER D 254 -29.82 -33.22 10.16
C SER D 254 -29.04 -32.01 10.64
N VAL D 255 -28.65 -32.05 11.92
CA VAL D 255 -27.62 -31.15 12.41
C VAL D 255 -26.29 -31.90 12.40
N VAL D 256 -25.27 -31.29 11.81
CA VAL D 256 -24.00 -31.99 11.65
C VAL D 256 -23.10 -31.79 12.85
N ARG D 257 -23.40 -30.85 13.73
CA ARG D 257 -22.67 -30.71 14.97
C ARG D 257 -22.93 -31.89 15.89
N ASN D 258 -24.21 -32.25 16.06
CA ASN D 258 -24.57 -33.40 16.87
C ASN D 258 -24.32 -34.72 16.16
N GLY D 259 -24.19 -34.71 14.83
CA GLY D 259 -23.96 -35.93 14.09
C GLY D 259 -25.12 -36.88 14.04
N VAL D 260 -26.34 -36.39 14.27
CA VAL D 260 -27.54 -37.22 14.25
C VAL D 260 -28.64 -36.49 13.49
N ALA D 261 -29.25 -37.17 12.53
CA ALA D 261 -30.36 -36.62 11.77
C ALA D 261 -31.67 -36.91 12.46
N TYR D 262 -32.47 -35.87 12.69
CA TYR D 262 -33.66 -35.98 13.52
C TYR D 262 -34.89 -36.42 12.75
N ARG D 263 -34.81 -36.52 11.42
CA ARG D 263 -35.95 -36.87 10.59
C ARG D 263 -35.65 -38.05 9.67
N ALA D 264 -34.51 -38.71 9.83
CA ALA D 264 -34.07 -39.76 8.92
C ALA D 264 -34.38 -41.14 9.47
N GLY D 265 -34.77 -42.04 8.57
CA GLY D 265 -34.90 -43.45 8.88
C GLY D 265 -36.12 -43.85 9.67
N ASN D 266 -37.08 -42.94 9.87
CA ASN D 266 -38.28 -43.26 10.63
C ASN D 266 -39.53 -42.85 9.85
N LYS D 267 -39.33 -42.71 8.54
CA LYS D 267 -40.39 -42.35 7.63
C LYS D 267 -40.89 -40.95 7.87
N THR D 268 -39.98 -40.08 8.29
CA THR D 268 -40.41 -38.73 8.47
C THR D 268 -39.73 -37.71 7.57
N ASP D 269 -38.63 -38.06 6.91
CA ASP D 269 -37.94 -37.16 5.99
C ASP D 269 -38.71 -36.45 4.90
N LEU D 270 -38.19 -35.37 4.36
CA LEU D 270 -38.92 -34.59 3.38
C LEU D 270 -39.15 -35.34 2.13
N PHE D 271 -38.18 -36.12 1.73
CA PHE D 271 -38.35 -36.79 0.49
C PHE D 271 -39.56 -37.69 0.60
N THR D 272 -39.63 -38.43 1.70
CA THR D 272 -40.75 -39.31 1.90
C THR D 272 -41.99 -38.50 1.94
N LEU D 273 -41.95 -37.39 2.65
CA LEU D 273 -43.10 -36.54 2.77
C LEU D 273 -43.38 -35.78 1.52
N MET D 274 -43.21 -36.41 0.37
CA MET D 274 -43.54 -35.76 -0.85
C MET D 274 -44.12 -36.74 -1.85
N ASP D 275 -43.58 -37.94 -1.87
CA ASP D 275 -44.03 -38.92 -2.84
C ASP D 275 -45.46 -39.34 -2.53
N GLY D 276 -45.82 -39.38 -1.24
CA GLY D 276 -47.22 -39.53 -0.88
C GLY D 276 -48.07 -38.34 -1.29
N ALA D 277 -47.50 -37.12 -1.21
CA ALA D 277 -48.25 -35.92 -1.55
C ALA D 277 -48.55 -35.85 -3.04
N VAL D 278 -47.57 -36.18 -3.87
CA VAL D 278 -47.79 -36.23 -5.31
C VAL D 278 -48.68 -37.41 -5.67
N ASN D 279 -48.50 -38.54 -4.99
CA ASN D 279 -49.41 -39.68 -5.16
C ASN D 279 -50.81 -39.40 -4.60
N GLY D 280 -50.98 -38.39 -3.75
CA GLY D 280 -52.28 -37.93 -3.36
C GLY D 280 -52.70 -38.23 -1.93
N LYS D 281 -51.79 -38.66 -1.06
CA LYS D 281 -52.17 -38.92 0.32
C LYS D 281 -52.36 -37.60 1.06
N SER D 282 -53.12 -37.66 2.15
CA SER D 282 -53.48 -36.46 2.90
C SER D 282 -52.33 -36.06 3.81
N LEU D 283 -51.70 -34.92 3.52
CA LEU D 283 -50.62 -34.42 4.36
C LEU D 283 -51.18 -33.62 5.53
N THR D 284 -50.61 -33.84 6.71
CA THR D 284 -51.09 -33.22 7.92
C THR D 284 -50.70 -31.74 7.98
N GLU D 285 -51.19 -31.05 9.01
CA GLU D 285 -51.06 -29.61 9.08
C GLU D 285 -49.65 -29.15 9.47
N GLU D 286 -48.87 -29.97 10.16
CA GLU D 286 -47.57 -29.52 10.65
C GLU D 286 -46.38 -30.11 9.91
N ASP D 287 -46.60 -30.99 8.93
CA ASP D 287 -45.50 -31.49 8.12
C ASP D 287 -45.51 -30.99 6.68
N GLN D 288 -46.65 -30.54 6.15
CA GLN D 288 -46.61 -29.82 4.89
C GLN D 288 -45.95 -28.47 5.06
N MET D 289 -46.00 -27.90 6.27
CA MET D 289 -45.25 -26.71 6.57
C MET D 289 -43.75 -26.99 6.61
N PHE D 290 -43.37 -28.17 7.07
CA PHE D 290 -41.98 -28.64 6.97
C PHE D 290 -41.53 -28.77 5.52
N VAL D 291 -42.41 -29.33 4.67
CA VAL D 291 -42.13 -29.47 3.25
C VAL D 291 -41.97 -28.10 2.60
N THR D 292 -42.84 -27.16 2.97
CA THR D 292 -42.74 -25.81 2.42
C THR D 292 -41.51 -25.07 2.93
N ALA D 293 -41.10 -25.32 4.17
CA ALA D 293 -39.88 -24.72 4.69
C ALA D 293 -38.66 -25.25 3.96
N ASN D 294 -38.73 -26.50 3.49
CA ASN D 294 -37.63 -27.04 2.69
C ASN D 294 -37.72 -26.64 1.22
N LEU D 295 -38.93 -26.31 0.75
CA LEU D 295 -39.07 -25.63 -0.53
C LEU D 295 -38.37 -24.27 -0.51
N ILE D 296 -38.54 -23.53 0.58
CA ILE D 296 -37.90 -22.23 0.73
C ILE D 296 -36.49 -22.35 1.29
N ARG D 297 -36.03 -23.56 1.63
CA ARG D 297 -34.61 -23.76 1.87
C ARG D 297 -33.86 -23.95 0.55
N GLY D 298 -34.14 -25.05 -0.14
CA GLY D 298 -33.52 -25.39 -1.41
C GLY D 298 -33.20 -26.87 -1.48
N GLY D 299 -32.15 -27.20 -2.21
CA GLY D 299 -31.63 -28.56 -2.29
C GLY D 299 -31.87 -29.17 -3.66
N VAL D 300 -31.34 -30.38 -3.83
CA VAL D 300 -31.60 -31.15 -5.04
C VAL D 300 -32.60 -32.22 -4.65
N PHE D 301 -33.47 -32.56 -5.60
CA PHE D 301 -34.48 -33.60 -5.38
C PHE D 301 -34.24 -34.60 -6.51
N GLY D 302 -33.30 -35.53 -6.28
CA GLY D 302 -32.81 -36.41 -7.30
C GLY D 302 -33.69 -37.62 -7.53
N GLY D 303 -33.10 -38.61 -8.21
CA GLY D 303 -33.83 -39.82 -8.57
C GLY D 303 -33.69 -40.95 -7.55
N THR E 2 -22.44 -50.22 28.34
CA THR E 2 -21.98 -48.86 28.52
C THR E 2 -21.01 -48.46 27.43
N LYS E 3 -19.83 -48.04 27.82
CA LYS E 3 -18.80 -47.66 26.87
C LYS E 3 -19.25 -46.59 25.91
N LEU E 4 -19.84 -45.51 26.41
CA LEU E 4 -20.20 -44.46 25.53
C LEU E 4 -18.87 -43.88 25.23
N LYS E 5 -18.35 -44.18 24.06
CA LYS E 5 -17.10 -43.58 23.69
C LYS E 5 -17.39 -42.16 23.23
N ALA E 6 -16.72 -41.18 23.83
CA ALA E 6 -16.88 -39.80 23.43
C ALA E 6 -16.92 -39.60 21.96
N PRO E 7 -17.90 -38.84 21.49
CA PRO E 7 -18.05 -38.60 20.06
C PRO E 7 -16.78 -38.33 19.32
N ALA E 8 -16.64 -38.88 18.13
CA ALA E 8 -15.42 -38.72 17.34
C ALA E 8 -14.97 -37.26 17.31
N VAL E 9 -15.92 -36.34 17.20
CA VAL E 9 -15.64 -34.91 17.36
C VAL E 9 -16.53 -34.37 18.47
N LEU E 10 -15.93 -34.17 19.64
CA LEU E 10 -16.60 -33.59 20.79
C LEU E 10 -15.75 -32.42 21.27
N ALA E 11 -16.37 -31.26 21.42
CA ALA E 11 -15.64 -30.07 21.81
C ALA E 11 -16.50 -29.20 22.70
N TYR E 12 -15.85 -28.57 23.68
CA TYR E 12 -16.52 -27.73 24.66
C TYR E 12 -16.01 -26.32 24.52
N SER E 13 -16.93 -25.35 24.53
CA SER E 13 -16.56 -23.97 24.32
C SER E 13 -16.14 -23.32 25.64
N ARG E 14 -15.56 -22.12 25.53
CA ARG E 14 -15.16 -21.37 26.71
C ARG E 14 -16.37 -20.91 27.50
N LYS E 15 -16.32 -21.14 28.81
CA LYS E 15 -17.30 -20.57 29.72
C LYS E 15 -16.71 -19.44 30.54
N ILE E 16 -15.43 -19.16 30.38
CA ILE E 16 -14.80 -17.95 30.90
C ILE E 16 -14.29 -17.19 29.69
N ASN E 17 -14.75 -15.96 29.51
CA ASN E 17 -14.32 -15.13 28.39
C ASN E 17 -13.58 -13.93 28.94
N PRO E 18 -12.25 -14.00 29.05
CA PRO E 18 -11.48 -12.81 29.44
C PRO E 18 -11.15 -11.95 28.24
N THR E 19 -11.03 -10.65 28.50
CA THR E 19 -10.71 -9.72 27.43
C THR E 19 -9.20 -9.58 27.27
N ASN E 20 -8.79 -8.92 26.19
CA ASN E 20 -7.40 -8.55 26.04
C ASN E 20 -7.03 -7.51 27.08
N ALA E 21 -6.20 -7.89 28.04
CA ALA E 21 -5.90 -7.00 29.16
C ALA E 21 -4.97 -5.89 28.71
N LEU E 22 -5.49 -4.66 28.71
CA LEU E 22 -4.71 -3.50 28.35
C LEU E 22 -3.94 -3.01 29.57
N MET E 23 -2.80 -2.36 29.32
CA MET E 23 -1.97 -1.84 30.38
C MET E 23 -1.94 -0.32 30.31
N PHE E 24 -1.94 0.31 31.48
CA PHE E 24 -1.95 1.76 31.62
C PHE E 24 -0.96 2.15 32.70
N ALA E 25 -0.67 3.44 32.80
CA ALA E 25 0.23 3.96 33.81
C ALA E 25 -0.50 5.01 34.62
N VAL E 26 -0.66 4.76 35.93
CA VAL E 26 -1.32 5.68 36.84
C VAL E 26 -0.38 5.97 38.00
N ASN E 27 -0.76 6.95 38.81
CA ASN E 27 -0.09 7.21 40.07
C ASN E 27 -0.88 6.59 41.21
N TRP E 28 -0.21 6.41 42.35
CA TRP E 28 -0.85 5.74 43.48
C TRP E 28 -1.94 6.62 44.11
N SER E 29 -1.69 7.92 44.21
CA SER E 29 -2.72 8.85 44.67
C SER E 29 -3.60 9.33 43.54
N ASP E 30 -3.00 9.70 42.41
CA ASP E 30 -3.75 10.12 41.22
C ASP E 30 -4.07 8.87 40.42
N ARG E 31 -5.12 8.17 40.84
CA ARG E 31 -5.48 6.89 40.28
C ARG E 31 -6.43 6.98 39.10
N ASP E 32 -6.79 8.19 38.68
CA ASP E 32 -7.75 8.37 37.59
C ASP E 32 -7.13 8.76 36.27
N ASN E 33 -5.95 9.37 36.29
CA ASN E 33 -5.27 9.80 35.07
C ASN E 33 -4.42 8.64 34.55
N THR E 34 -5.02 7.83 33.68
CA THR E 34 -4.37 6.65 33.14
C THR E 34 -3.61 7.04 31.87
N THR E 35 -2.29 7.00 31.95
CA THR E 35 -1.45 7.21 30.78
C THR E 35 -1.23 5.87 30.09
N ALA E 36 -1.57 5.82 28.81
CA ALA E 36 -1.47 4.56 28.08
C ALA E 36 -0.01 4.25 27.76
N VAL E 37 0.47 3.12 28.28
CA VAL E 37 1.84 2.68 28.03
C VAL E 37 1.90 2.13 26.60
N MET E 38 2.87 2.61 25.84
CA MET E 38 3.00 2.21 24.45
C MET E 38 4.19 1.28 24.28
N VAL E 39 4.04 0.33 23.35
CA VAL E 39 5.13 -0.56 22.99
C VAL E 39 6.11 0.25 22.15
N GLY E 40 7.32 0.41 22.66
CA GLY E 40 8.38 1.04 21.92
C GLY E 40 9.30 0.00 21.30
N THR E 41 10.19 0.48 20.44
CA THR E 41 11.09 -0.39 19.69
C THR E 41 12.52 0.06 19.96
N LYS E 42 13.29 -0.79 20.65
CA LYS E 42 14.66 -0.46 20.99
C LYS E 42 15.59 -1.55 20.46
N THR E 43 16.80 -1.16 20.10
CA THR E 43 17.72 -2.12 19.50
C THR E 43 18.79 -2.51 20.51
N VAL E 44 19.20 -3.77 20.44
CA VAL E 44 19.87 -4.47 21.52
C VAL E 44 21.14 -5.11 20.98
N ALA E 45 22.26 -4.77 21.58
CA ALA E 45 23.55 -5.37 21.22
C ALA E 45 23.94 -6.32 22.34
N GLY E 46 23.73 -7.60 22.13
CA GLY E 46 23.96 -8.60 23.13
C GLY E 46 25.22 -9.39 22.89
N THR E 47 25.16 -10.68 23.22
CA THR E 47 26.27 -11.59 22.98
C THR E 47 25.71 -13.00 22.80
N GLN E 48 26.44 -13.84 22.09
CA GLN E 48 26.03 -15.23 21.92
C GLN E 48 26.34 -16.00 23.19
N SER E 49 25.31 -16.60 23.79
CA SER E 49 25.43 -17.37 25.03
C SER E 49 24.82 -18.74 24.78
N VAL E 50 25.61 -19.63 24.21
CA VAL E 50 25.16 -20.97 23.84
C VAL E 50 26.10 -22.00 24.44
N ARG E 51 25.54 -23.12 24.88
CA ARG E 51 26.35 -24.15 25.53
C ARG E 51 26.91 -25.14 24.52
N GLY E 52 27.51 -24.63 23.45
CA GLY E 52 28.11 -25.38 22.35
C GLY E 52 28.85 -24.38 21.48
N ASN E 53 30.01 -24.81 20.95
CA ASN E 53 30.86 -24.03 20.04
C ASN E 53 31.24 -22.68 20.65
N PRO E 54 32.06 -22.75 21.70
CA PRO E 54 32.35 -21.59 22.56
C PRO E 54 33.15 -20.49 21.86
N ASN E 55 33.70 -20.76 20.66
CA ASN E 55 34.53 -19.79 19.96
C ASN E 55 33.75 -18.60 19.40
N ASP E 56 32.41 -18.64 19.41
CA ASP E 56 31.63 -17.54 18.88
C ASP E 56 31.39 -16.41 19.89
N ALA E 57 31.84 -16.57 21.13
CA ALA E 57 31.55 -15.60 22.17
C ALA E 57 32.33 -14.30 22.00
N ASP E 58 33.47 -14.34 21.30
CA ASP E 58 34.27 -13.13 21.10
C ASP E 58 33.66 -12.16 20.10
N LYS E 59 32.63 -12.57 19.37
CA LYS E 59 31.94 -11.76 18.39
C LYS E 59 30.53 -11.51 18.87
N GLY E 60 30.10 -10.25 18.85
CA GLY E 60 28.79 -9.87 19.36
C GLY E 60 27.70 -10.00 18.31
N ASN E 61 26.51 -9.56 18.70
CA ASN E 61 25.34 -9.65 17.82
C ASN E 61 24.32 -8.59 18.21
N ILE E 62 23.46 -8.24 17.25
CA ILE E 62 22.53 -7.13 17.40
C ILE E 62 21.16 -7.57 16.91
N GLN E 63 20.16 -7.42 17.78
CA GLN E 63 18.77 -7.75 17.46
C GLN E 63 17.90 -6.60 17.94
N THR E 64 16.79 -6.36 17.27
CA THR E 64 15.92 -5.25 17.63
C THR E 64 14.69 -5.83 18.33
N VAL E 65 14.40 -5.33 19.53
CA VAL E 65 13.31 -5.85 20.36
C VAL E 65 12.26 -4.77 20.54
N ASN E 66 11.11 -5.19 21.04
CA ASN E 66 10.09 -4.27 21.57
C ASN E 66 10.20 -4.25 23.09
N PHE E 67 9.85 -3.11 23.67
CA PHE E 67 9.91 -2.92 25.10
C PHE E 67 8.70 -2.13 25.56
N ALA E 68 8.25 -2.41 26.78
CA ALA E 68 7.15 -1.67 27.40
C ALA E 68 7.62 -1.19 28.77
N ASN E 69 7.78 0.12 28.89
CA ASN E 69 8.23 0.74 30.12
C ASN E 69 7.19 1.73 30.61
N LEU E 70 7.07 1.81 31.94
CA LEU E 70 6.22 2.82 32.55
C LEU E 70 6.80 4.20 32.26
N PRO E 71 5.94 5.18 31.99
CA PRO E 71 6.40 6.57 31.97
C PRO E 71 6.97 6.97 33.32
N HIS E 72 8.01 7.81 33.27
CA HIS E 72 8.77 8.17 34.48
C HIS E 72 7.95 9.01 35.46
N ASN E 73 6.88 9.67 35.01
CA ASN E 73 6.04 10.43 35.92
C ASN E 73 4.96 9.58 36.57
N LYS E 74 4.87 8.30 36.26
CA LYS E 74 3.87 7.41 36.81
C LYS E 74 4.56 6.24 37.51
N ASN E 75 4.09 5.91 38.72
CA ASN E 75 4.74 4.90 39.55
C ASN E 75 3.83 3.71 39.84
N THR E 76 2.79 3.51 39.04
CA THR E 76 1.85 2.41 39.24
C THR E 76 1.38 1.99 37.86
N LEU E 77 1.25 0.69 37.63
CA LEU E 77 0.62 0.26 36.41
C LEU E 77 -0.79 -0.24 36.70
N LEU E 78 -1.68 0.03 35.74
CA LEU E 78 -3.04 -0.46 35.68
C LEU E 78 -3.10 -1.60 34.66
N VAL E 79 -3.82 -2.66 35.00
CA VAL E 79 -4.21 -3.68 34.04
C VAL E 79 -5.73 -3.69 34.00
N LYS E 80 -6.28 -3.38 32.83
CA LYS E 80 -7.72 -3.40 32.61
C LYS E 80 -8.09 -4.66 31.84
N TYR E 81 -9.00 -5.46 32.38
CA TYR E 81 -9.69 -6.43 31.53
C TYR E 81 -11.08 -6.65 32.09
N ASN E 82 -11.92 -7.32 31.32
CA ASN E 82 -13.18 -7.85 31.84
C ASN E 82 -13.12 -9.35 31.73
N VAL E 83 -13.61 -10.05 32.74
CA VAL E 83 -13.79 -11.49 32.67
C VAL E 83 -15.29 -11.77 32.72
N LYS E 84 -15.78 -12.45 31.70
CA LYS E 84 -17.19 -12.78 31.58
C LYS E 84 -17.36 -14.25 31.93
N PHE E 85 -17.91 -14.52 33.10
CA PHE E 85 -18.23 -15.89 33.47
C PHE E 85 -19.59 -16.23 32.92
N VAL E 86 -19.62 -17.06 31.89
CA VAL E 86 -20.88 -17.40 31.23
C VAL E 86 -21.23 -18.85 31.56
N GLY E 87 -22.48 -19.07 31.95
CA GLY E 87 -22.94 -20.36 32.42
C GLY E 87 -23.17 -21.36 31.31
N ASP E 88 -23.96 -22.39 31.66
CA ASP E 88 -24.20 -23.57 30.84
C ASP E 88 -22.89 -24.23 30.43
N VAL E 89 -22.12 -24.60 31.47
CA VAL E 89 -20.79 -25.19 31.27
C VAL E 89 -20.84 -26.62 30.79
N PHE E 90 -22.01 -27.26 30.79
CA PHE E 90 -22.12 -28.67 30.49
C PHE E 90 -22.65 -28.97 29.10
N LYS E 91 -23.08 -27.98 28.33
CA LYS E 91 -23.48 -28.29 26.95
C LYS E 91 -22.43 -27.97 25.95
N ALA E 92 -22.08 -28.92 25.15
CA ALA E 92 -21.02 -28.70 24.27
C ALA E 92 -21.42 -27.93 23.12
N GLU E 93 -20.46 -27.69 22.24
CA GLU E 93 -20.76 -26.97 21.04
C GLU E 93 -20.73 -27.96 19.91
N LEU E 94 -19.66 -28.70 19.77
CA LEU E 94 -19.68 -29.67 18.74
C LEU E 94 -19.89 -30.91 19.49
N GLY E 95 -20.35 -31.97 18.85
CA GLY E 95 -20.67 -33.19 19.57
C GLY E 95 -21.91 -32.97 20.38
N GLY E 96 -21.78 -32.98 21.68
CA GLY E 96 -22.91 -32.60 22.51
C GLY E 96 -24.21 -33.36 22.30
N GLY E 97 -24.23 -34.63 22.69
CA GLY E 97 -25.43 -35.42 22.57
C GLY E 97 -25.23 -36.74 23.27
N GLU E 98 -26.13 -37.10 24.19
CA GLU E 98 -26.04 -38.35 24.97
C GLU E 98 -24.83 -38.44 25.91
N TYR E 99 -23.62 -38.50 25.36
CA TYR E 99 -22.42 -38.51 26.18
C TYR E 99 -22.41 -37.34 27.14
N SER E 100 -22.85 -36.18 26.67
CA SER E 100 -22.87 -34.99 27.52
C SER E 100 -24.04 -35.03 28.49
N ASN E 101 -25.12 -35.72 28.13
CA ASN E 101 -26.30 -35.77 29.00
C ASN E 101 -26.06 -36.67 30.21
N THR E 102 -25.39 -37.81 30.01
CA THR E 102 -25.00 -38.62 31.15
C THR E 102 -23.89 -37.96 31.96
N LEU E 103 -23.09 -37.11 31.33
CA LEU E 103 -22.15 -36.28 32.08
C LEU E 103 -22.90 -35.26 32.94
N GLN E 104 -24.00 -34.70 32.42
CA GLN E 104 -24.83 -33.77 33.17
C GLN E 104 -25.49 -34.46 34.36
N THR E 105 -26.02 -35.66 34.15
CA THR E 105 -26.61 -36.40 35.26
C THR E 105 -25.58 -37.14 36.11
N ALA E 106 -24.29 -37.02 35.77
CA ALA E 106 -23.22 -37.50 36.64
C ALA E 106 -22.49 -36.37 37.36
N LEU E 107 -22.80 -35.11 37.06
CA LEU E 107 -22.07 -33.97 37.62
C LEU E 107 -23.02 -32.94 38.23
N GLU E 108 -24.15 -33.38 38.78
CA GLU E 108 -25.06 -32.44 39.42
C GLU E 108 -24.66 -32.13 40.86
N ASN E 109 -23.62 -32.79 41.38
CA ASN E 109 -23.19 -32.59 42.76
C ASN E 109 -21.77 -32.08 42.86
N THR E 110 -21.26 -31.40 41.83
CA THR E 110 -19.92 -30.83 41.91
C THR E 110 -19.94 -29.58 42.79
N ASP E 111 -18.87 -29.39 43.57
CA ASP E 111 -18.74 -28.21 44.42
C ASP E 111 -18.37 -26.99 43.57
N PHE E 112 -19.41 -26.36 43.02
CA PHE E 112 -19.21 -25.17 42.20
C PHE E 112 -18.82 -23.96 43.02
N GLY E 113 -19.13 -23.96 44.32
CA GLY E 113 -18.71 -22.85 45.17
C GLY E 113 -17.21 -22.77 45.34
N THR E 114 -16.57 -23.92 45.60
CA THR E 114 -15.12 -23.98 45.69
C THR E 114 -14.46 -23.70 44.35
N LEU E 115 -15.05 -24.20 43.27
CA LEU E 115 -14.54 -23.91 41.93
C LEU E 115 -14.61 -22.42 41.61
N ALA E 116 -15.72 -21.77 41.93
CA ALA E 116 -15.84 -20.33 41.70
C ALA E 116 -14.89 -19.55 42.60
N TYR E 117 -14.69 -20.03 43.84
CA TYR E 117 -13.76 -19.38 44.76
C TYR E 117 -12.34 -19.42 44.23
N ARG E 118 -11.90 -20.57 43.75
CA ARG E 118 -10.55 -20.65 43.21
C ARG E 118 -10.43 -19.98 41.84
N TYR E 119 -11.52 -19.94 41.06
CA TYR E 119 -11.46 -19.30 39.75
C TYR E 119 -11.38 -17.78 39.89
N VAL E 120 -11.98 -17.23 40.95
CA VAL E 120 -11.89 -15.79 41.17
C VAL E 120 -10.77 -15.42 42.13
N TYR E 121 -10.14 -16.41 42.77
CA TYR E 121 -9.00 -16.12 43.63
C TYR E 121 -7.80 -15.64 42.83
N ASN E 122 -7.64 -16.14 41.61
CA ASN E 122 -6.52 -15.73 40.78
C ASN E 122 -6.65 -14.28 40.32
N ILE E 123 -7.88 -13.81 40.13
CA ILE E 123 -8.12 -12.37 40.03
C ILE E 123 -7.91 -11.69 41.36
N ALA E 124 -8.40 -12.27 42.46
CA ALA E 124 -8.31 -11.61 43.76
C ALA E 124 -6.87 -11.37 44.17
N ALA E 125 -5.99 -12.19 43.67
CA ALA E 125 -4.62 -11.97 43.93
C ALA E 125 -4.28 -11.29 42.72
N GLY E 126 -3.67 -12.02 41.78
CA GLY E 126 -3.23 -11.42 40.54
C GLY E 126 -2.29 -12.38 39.86
N ARG E 127 -2.80 -13.52 39.44
CA ARG E 127 -1.98 -14.48 38.71
C ARG E 127 -1.72 -13.90 37.33
N THR E 128 -2.67 -13.14 36.81
CA THR E 128 -2.54 -12.53 35.49
C THR E 128 -1.26 -11.77 35.28
N LEU E 129 -0.80 -11.08 36.31
CA LEU E 129 0.37 -10.24 36.17
C LEU E 129 1.67 -10.99 36.02
N TRP E 130 1.88 -12.01 36.86
CA TRP E 130 3.11 -12.81 36.82
C TRP E 130 4.38 -11.98 36.97
N ARG E 131 4.93 -11.49 35.86
CA ARG E 131 6.13 -10.67 35.91
C ARG E 131 5.85 -9.25 36.41
N ASN E 132 4.68 -8.70 36.11
CA ASN E 132 4.32 -7.40 36.66
C ASN E 132 3.99 -7.49 38.13
N ARG E 133 3.78 -8.71 38.65
CA ARG E 133 3.54 -8.90 40.07
C ARG E 133 4.83 -8.77 40.87
N VAL E 134 5.94 -9.24 40.32
CA VAL E 134 7.22 -9.11 41.00
C VAL E 134 7.67 -7.65 40.96
N GLY E 135 8.39 -7.24 41.99
CA GLY E 135 8.84 -5.86 42.08
C GLY E 135 7.75 -4.86 42.37
N ALA E 136 6.64 -5.29 42.97
CA ALA E 136 5.52 -4.41 43.27
C ALA E 136 5.37 -4.29 44.78
N GLU E 137 5.29 -3.05 45.28
CA GLU E 137 5.21 -2.82 46.72
C GLU E 137 3.88 -3.33 47.27
N SER E 138 2.79 -3.07 46.57
CA SER E 138 1.48 -3.52 47.00
C SER E 138 0.58 -3.64 45.78
N ILE E 139 0.04 -4.83 45.59
CA ILE E 139 -0.96 -5.09 44.57
C ILE E 139 -2.29 -4.60 45.13
N GLU E 140 -3.14 -4.05 44.27
CA GLU E 140 -4.50 -3.69 44.65
C GLU E 140 -5.39 -3.95 43.44
N THR E 141 -6.28 -4.91 43.55
CA THR E 141 -7.20 -5.24 42.48
C THR E 141 -8.60 -4.80 42.87
N VAL E 142 -9.24 -4.03 42.01
CA VAL E 142 -10.62 -3.62 42.21
C VAL E 142 -11.49 -4.35 41.20
N ILE E 143 -12.55 -4.98 41.70
CA ILE E 143 -13.48 -5.76 40.91
C ILE E 143 -14.81 -5.02 40.93
N THR E 144 -15.36 -4.74 39.75
CA THR E 144 -16.70 -4.18 39.65
C THR E 144 -17.59 -5.24 39.01
N VAL E 145 -18.69 -5.55 39.70
CA VAL E 145 -19.64 -6.54 39.20
C VAL E 145 -21.02 -6.03 39.60
N ASN E 146 -21.94 -5.87 38.64
CA ASN E 146 -23.27 -5.30 38.91
C ASN E 146 -23.37 -4.35 40.11
N ASP E 147 -22.73 -3.19 40.03
CA ASP E 147 -22.73 -2.21 41.12
C ASP E 147 -22.28 -2.75 42.48
N GLN E 148 -21.12 -3.39 42.51
CA GLN E 148 -20.56 -3.93 43.76
C GLN E 148 -19.05 -3.91 43.65
N THR E 149 -18.43 -2.80 44.01
CA THR E 149 -16.98 -2.69 43.88
C THR E 149 -16.22 -3.26 45.07
N PHE E 150 -15.38 -4.27 44.84
CA PHE E 150 -14.64 -4.89 45.93
C PHE E 150 -13.14 -4.79 45.75
N THR E 151 -12.50 -4.00 46.59
CA THR E 151 -11.05 -3.87 46.51
C THR E 151 -10.34 -4.99 47.22
N PHE E 152 -9.29 -5.50 46.62
CA PHE E 152 -8.51 -6.56 47.24
C PHE E 152 -7.10 -6.05 47.33
N SER E 153 -6.28 -6.70 48.15
CA SER E 153 -4.89 -6.31 48.27
C SER E 153 -4.03 -7.34 47.57
N ASP E 154 -3.16 -7.99 48.33
CA ASP E 154 -2.33 -9.03 47.75
C ASP E 154 -2.53 -10.35 48.46
N LEU E 155 -3.53 -11.11 48.02
CA LEU E 155 -3.74 -12.44 48.59
C LEU E 155 -2.55 -13.26 48.14
N LEU E 156 -1.95 -14.04 49.04
CA LEU E 156 -0.87 -14.88 48.61
C LEU E 156 -1.41 -15.77 47.55
N VAL E 157 -0.76 -15.82 46.44
CA VAL E 157 -1.22 -16.59 45.29
C VAL E 157 -1.48 -18.07 45.51
N ASN E 158 -0.44 -18.87 45.76
CA ASN E 158 -0.59 -20.32 45.89
C ASN E 158 -1.63 -20.83 46.88
N GLU E 159 -1.42 -20.55 48.16
CA GLU E 159 -2.37 -21.00 49.19
C GLU E 159 -3.66 -20.20 49.05
N PHE E 160 -4.80 -20.89 49.09
CA PHE E 160 -6.07 -20.19 48.89
C PHE E 160 -6.68 -19.89 50.26
N ASP E 161 -6.51 -18.65 50.71
CA ASP E 161 -7.01 -18.22 52.00
C ASP E 161 -8.53 -17.99 51.95
N GLU E 162 -9.13 -17.89 53.13
CA GLU E 162 -10.56 -17.74 53.27
C GLU E 162 -10.88 -16.36 53.87
N ASP E 163 -11.76 -15.62 53.18
CA ASP E 163 -12.24 -14.33 53.67
C ASP E 163 -13.68 -14.08 53.22
N VAL E 164 -14.14 -12.83 53.33
CA VAL E 164 -15.51 -12.50 53.04
C VAL E 164 -15.70 -11.84 51.68
N ASP E 165 -14.81 -10.94 51.27
CA ASP E 165 -14.99 -10.18 50.04
C ASP E 165 -14.80 -11.01 48.79
N VAL E 166 -13.94 -12.03 48.84
CA VAL E 166 -13.82 -12.96 47.71
C VAL E 166 -15.08 -13.80 47.62
N ALA E 167 -15.65 -14.17 48.78
CA ALA E 167 -16.74 -15.14 48.85
C ALA E 167 -18.04 -14.63 48.23
N GLU E 168 -18.31 -13.33 48.27
CA GLU E 168 -19.52 -12.79 47.68
C GLU E 168 -19.50 -12.88 46.15
N ILE E 169 -18.39 -12.47 45.55
CA ILE E 169 -18.23 -12.57 44.11
C ILE E 169 -18.19 -14.05 43.70
N ALA E 170 -17.56 -14.88 44.53
CA ALA E 170 -17.54 -16.32 44.31
C ALA E 170 -18.95 -16.92 44.39
N ASP E 171 -19.81 -16.38 45.25
CA ASP E 171 -21.20 -16.83 45.30
C ASP E 171 -21.93 -16.44 44.02
N MET E 172 -21.64 -15.26 43.48
CA MET E 172 -22.22 -14.86 42.20
C MET E 172 -21.77 -15.78 41.06
N VAL E 173 -20.47 -16.12 41.03
CA VAL E 173 -19.95 -16.99 39.98
C VAL E 173 -20.49 -18.40 40.15
N ALA E 174 -20.63 -18.86 41.39
CA ALA E 174 -21.20 -20.18 41.65
C ALA E 174 -22.67 -20.23 41.29
N GLY E 175 -23.39 -19.11 41.45
CA GLY E 175 -24.75 -19.05 40.96
C GLY E 175 -24.86 -18.98 39.45
N VAL E 176 -23.82 -18.52 38.76
CA VAL E 176 -23.80 -18.47 37.31
C VAL E 176 -23.43 -19.84 36.70
N LEU E 177 -22.36 -20.46 37.20
CA LEU E 177 -21.85 -21.67 36.57
C LEU E 177 -22.71 -22.89 36.86
N SER E 178 -23.38 -22.90 38.01
CA SER E 178 -24.26 -24.02 38.34
C SER E 178 -25.61 -23.93 37.65
N GLY E 179 -25.92 -22.81 36.99
CA GLY E 179 -27.19 -22.65 36.33
C GLY E 179 -27.12 -21.98 34.98
N GLU E 180 -27.94 -20.94 34.79
CA GLU E 180 -28.09 -20.25 33.53
C GLU E 180 -27.63 -18.81 33.69
N GLY E 181 -27.25 -18.20 32.57
CA GLY E 181 -26.93 -16.80 32.53
C GLY E 181 -25.44 -16.54 32.49
N PHE E 182 -25.08 -15.32 32.85
CA PHE E 182 -23.68 -14.89 32.84
C PHE E 182 -23.49 -13.74 33.80
N VAL E 183 -22.24 -13.54 34.21
CA VAL E 183 -21.86 -12.42 35.07
C VAL E 183 -20.58 -11.82 34.49
N THR E 184 -20.36 -10.54 34.80
CA THR E 184 -19.22 -9.80 34.28
C THR E 184 -18.45 -9.19 35.44
N LEU E 185 -17.12 -9.32 35.41
CA LEU E 185 -16.25 -8.66 36.37
C LEU E 185 -15.34 -7.74 35.57
N LYS E 186 -15.58 -6.44 35.64
CA LYS E 186 -14.64 -5.47 35.09
C LYS E 186 -13.56 -5.28 36.14
N VAL E 187 -12.33 -5.64 35.78
CA VAL E 187 -11.28 -5.88 36.75
C VAL E 187 -10.12 -4.95 36.43
N GLU E 188 -9.66 -4.24 37.45
CA GLU E 188 -8.56 -3.30 37.33
C GLU E 188 -7.48 -3.67 38.34
N HIS E 189 -6.28 -3.97 37.86
CA HIS E 189 -5.13 -4.26 38.70
C HIS E 189 -4.27 -3.01 38.83
N TYR E 190 -3.73 -2.79 40.03
CA TYR E 190 -3.01 -1.57 40.39
C TYR E 190 -1.76 -1.98 41.14
N MET E 191 -0.58 -1.75 40.58
CA MET E 191 0.64 -2.16 41.30
C MET E 191 1.72 -1.10 41.24
N LEU E 192 2.33 -0.83 42.39
CA LEU E 192 3.42 0.13 42.53
C LEU E 192 4.72 -0.52 42.05
N LEU E 193 4.92 -0.50 40.73
CA LEU E 193 6.19 -0.97 40.21
C LEU E 193 7.28 0.09 40.32
N GLY E 194 6.92 1.31 40.71
CA GLY E 194 7.87 2.39 40.84
C GLY E 194 7.93 3.21 39.56
N GLU E 195 8.78 4.22 39.60
CA GLU E 195 8.92 5.13 38.46
C GLU E 195 9.65 4.46 37.30
N GLY E 196 8.92 4.10 36.25
CA GLY E 196 9.55 3.77 34.99
C GLY E 196 10.00 2.33 34.82
N SER E 197 9.71 1.46 35.80
CA SER E 197 10.19 0.08 35.75
C SER E 197 9.54 -0.69 34.61
N GLU E 198 10.27 -1.66 34.08
CA GLU E 198 9.86 -2.37 32.87
C GLU E 198 8.71 -3.31 33.17
N VAL E 199 7.69 -3.25 32.32
CA VAL E 199 6.49 -4.05 32.49
C VAL E 199 6.44 -5.06 31.36
N PHE E 200 5.63 -6.09 31.56
CA PHE E 200 5.73 -7.31 30.77
C PHE E 200 4.37 -7.72 30.21
N PRO E 201 4.07 -7.29 28.99
CA PRO E 201 2.86 -7.78 28.32
C PRO E 201 3.09 -9.16 27.72
N SER E 202 2.08 -9.70 27.04
CA SER E 202 2.31 -10.91 26.28
C SER E 202 3.11 -10.56 25.02
N GLN E 203 3.81 -11.56 24.49
CA GLN E 203 4.68 -11.36 23.34
C GLN E 203 4.14 -12.12 22.14
N GLU E 204 3.98 -11.41 21.02
CA GLU E 204 3.41 -11.97 19.80
C GLU E 204 4.46 -12.78 19.04
N PHE E 205 4.16 -13.08 17.78
CA PHE E 205 5.03 -13.92 16.97
C PHE E 205 5.59 -13.16 15.78
N VAL E 206 6.90 -13.25 15.62
CA VAL E 206 7.66 -12.62 14.55
C VAL E 206 7.69 -13.52 13.32
N GLU E 207 8.20 -12.97 12.21
CA GLU E 207 8.59 -13.74 11.03
C GLU E 207 9.94 -14.41 11.25
N ASN E 208 10.58 -14.84 10.16
CA ASN E 208 11.88 -15.52 10.22
C ASN E 208 12.96 -14.71 10.93
N SER E 209 13.16 -13.45 10.51
CA SER E 209 14.03 -12.53 11.24
C SER E 209 13.54 -11.11 10.99
N LYS E 210 12.72 -10.60 11.90
CA LYS E 210 12.34 -9.18 11.81
C LYS E 210 12.45 -8.45 13.14
N LEU E 211 12.10 -9.10 14.25
CA LEU E 211 12.17 -8.53 15.59
C LEU E 211 12.59 -9.66 16.51
N SER E 212 13.37 -9.35 17.54
CA SER E 212 13.74 -10.39 18.49
C SER E 212 12.61 -10.71 19.44
N LYS E 213 11.88 -9.69 19.88
CA LYS E 213 10.78 -9.87 20.82
C LYS E 213 9.70 -8.87 20.42
N GLN E 214 8.56 -9.37 19.98
CA GLN E 214 7.47 -8.51 19.53
C GLN E 214 6.37 -8.56 20.59
N LEU E 215 6.19 -7.45 21.29
CA LEU E 215 5.16 -7.38 22.32
C LEU E 215 3.78 -7.24 21.68
N PHE E 216 2.77 -7.72 22.39
CA PHE E 216 1.41 -7.70 21.88
C PHE E 216 0.88 -6.27 21.97
N ASP E 217 0.82 -5.59 20.84
CA ASP E 217 0.34 -4.22 20.78
C ASP E 217 -1.09 -4.15 20.24
N LEU E 218 -1.86 -3.22 20.78
CA LEU E 218 -3.22 -2.95 20.33
C LEU E 218 -3.33 -1.45 20.10
N ASN E 219 -3.32 -1.05 18.82
CA ASN E 219 -3.21 0.35 18.38
C ASN E 219 -2.00 1.03 19.02
N GLY E 220 -0.88 0.29 19.07
CA GLY E 220 0.34 0.81 19.64
C GLY E 220 0.43 0.74 21.14
N GLN E 221 -0.59 0.24 21.82
CA GLN E 221 -0.62 0.15 23.27
C GLN E 221 -0.30 -1.26 23.70
N ALA E 222 0.55 -1.38 24.73
CA ALA E 222 0.90 -2.68 25.28
C ALA E 222 -0.32 -3.38 25.86
N ALA E 223 -0.42 -4.68 25.63
CA ALA E 223 -1.61 -5.41 26.03
C ALA E 223 -1.26 -6.87 26.27
N MET E 224 -2.00 -7.51 27.16
CA MET E 224 -1.82 -8.92 27.43
C MET E 224 -2.75 -9.75 26.55
N HIS E 225 -2.34 -10.97 26.28
CA HIS E 225 -3.15 -11.89 25.51
C HIS E 225 -4.33 -12.39 26.34
N ASP E 226 -5.48 -12.58 25.69
CA ASP E 226 -6.66 -13.01 26.42
C ASP E 226 -6.55 -14.47 26.86
N GLN E 227 -5.85 -15.30 26.09
CA GLN E 227 -5.62 -16.67 26.53
C GLN E 227 -4.59 -16.72 27.65
N LYS E 228 -3.69 -15.74 27.73
CA LYS E 228 -2.79 -15.67 28.87
C LYS E 228 -3.56 -15.35 30.14
N ILE E 229 -4.55 -14.46 30.03
CA ILE E 229 -5.45 -14.18 31.14
C ILE E 229 -6.26 -15.42 31.49
N GLY E 230 -6.69 -16.16 30.46
CA GLY E 230 -7.43 -17.39 30.69
C GLY E 230 -6.61 -18.49 31.35
N ASN E 231 -5.30 -18.51 31.05
CA ASN E 231 -4.38 -19.37 31.78
C ASN E 231 -4.33 -18.94 33.24
N ALA E 232 -4.34 -17.64 33.48
CA ALA E 232 -4.29 -17.14 34.85
C ALA E 232 -5.53 -17.52 35.65
N ILE E 233 -6.72 -17.38 35.05
CA ILE E 233 -7.97 -17.61 35.78
C ILE E 233 -8.07 -19.08 36.20
N ARG E 234 -7.69 -19.97 35.29
CA ARG E 234 -7.87 -21.39 35.49
C ARG E 234 -6.71 -22.05 36.24
N THR E 235 -5.75 -21.27 36.74
CA THR E 235 -4.62 -21.79 37.50
C THR E 235 -5.08 -22.19 38.90
N ILE E 236 -5.81 -23.30 38.98
CA ILE E 236 -6.50 -23.70 40.20
C ILE E 236 -6.19 -25.15 40.55
N ASP E 237 -5.54 -25.88 39.64
CA ASP E 237 -5.41 -27.33 39.76
C ASP E 237 -4.41 -27.68 40.85
N THR E 238 -4.91 -28.17 41.98
CA THR E 238 -4.12 -28.69 43.09
C THR E 238 -4.56 -30.10 43.45
N TRP E 239 -4.92 -30.90 42.43
CA TRP E 239 -5.49 -32.21 42.69
C TRP E 239 -4.79 -33.33 41.95
N TYR E 240 -3.62 -33.10 41.37
CA TYR E 240 -2.81 -34.18 40.84
C TYR E 240 -2.08 -34.89 41.98
N GLU E 241 -1.34 -35.93 41.63
CA GLU E 241 -0.49 -36.57 42.64
C GLU E 241 0.69 -35.67 42.96
N ASP E 242 1.04 -35.62 44.25
CA ASP E 242 2.05 -34.73 44.82
C ASP E 242 1.76 -33.26 44.46
N ALA E 243 0.62 -32.77 44.93
CA ALA E 243 0.15 -31.44 44.57
C ALA E 243 0.95 -30.39 45.34
N THR E 244 1.90 -29.75 44.64
CA THR E 244 2.75 -28.73 45.25
C THR E 244 2.21 -27.32 45.01
N THR E 245 2.06 -26.93 43.74
CA THR E 245 1.64 -25.59 43.37
C THR E 245 0.46 -25.69 42.42
N PRO E 246 -0.44 -24.70 42.45
CA PRO E 246 -1.55 -24.70 41.48
C PRO E 246 -1.07 -24.46 40.06
N ILE E 247 -1.59 -25.26 39.14
CA ILE E 247 -1.36 -25.09 37.72
C ILE E 247 -2.71 -24.87 37.05
N ALA E 248 -2.64 -24.55 35.76
CA ALA E 248 -3.85 -24.41 34.95
C ALA E 248 -4.53 -25.76 34.80
N VAL E 249 -5.87 -25.78 34.84
CA VAL E 249 -6.57 -27.03 34.61
C VAL E 249 -6.43 -27.39 33.14
N GLU E 250 -5.88 -28.57 32.89
CA GLU E 250 -5.56 -29.07 31.57
C GLU E 250 -6.13 -30.46 31.44
N PRO E 251 -6.44 -30.91 30.22
CA PRO E 251 -6.86 -32.31 30.07
C PRO E 251 -5.76 -33.31 30.39
N TYR E 252 -4.50 -32.94 30.18
CA TYR E 252 -3.37 -33.79 30.52
C TYR E 252 -2.56 -33.27 31.70
N GLY E 253 -2.99 -32.19 32.33
CA GLY E 253 -2.20 -31.57 33.39
C GLY E 253 -0.90 -30.96 32.91
N SER E 254 -0.91 -30.38 31.71
CA SER E 254 0.33 -29.97 31.07
C SER E 254 0.80 -28.61 31.59
N VAL E 255 2.06 -28.56 31.98
CA VAL E 255 2.76 -27.31 32.27
C VAL E 255 3.88 -27.22 31.24
N VAL E 256 3.64 -26.47 30.17
CA VAL E 256 4.56 -26.49 29.02
C VAL E 256 5.85 -25.74 29.35
N ARG E 257 5.79 -24.78 30.27
CA ARG E 257 6.99 -24.02 30.62
C ARG E 257 7.95 -24.85 31.46
N ASN E 258 7.44 -25.79 32.24
CA ASN E 258 8.30 -26.73 32.95
C ASN E 258 8.50 -28.03 32.19
N GLY E 259 7.70 -28.28 31.16
CA GLY E 259 7.84 -29.49 30.35
C GLY E 259 7.53 -30.77 31.08
N VAL E 260 6.58 -30.74 32.00
CA VAL E 260 6.21 -31.91 32.78
C VAL E 260 4.71 -32.13 32.66
N ALA E 261 4.33 -33.37 32.37
CA ALA E 261 2.94 -33.76 32.25
C ALA E 261 2.50 -34.29 33.61
N TYR E 262 1.71 -33.48 34.34
CA TYR E 262 1.38 -33.82 35.71
C TYR E 262 0.33 -34.92 35.79
N ARG E 263 -0.60 -34.98 34.84
CA ARG E 263 -1.69 -35.94 34.93
C ARG E 263 -1.68 -36.99 33.83
N ALA E 264 -0.71 -36.96 32.92
CA ALA E 264 -0.74 -37.88 31.78
C ALA E 264 -0.20 -39.25 32.15
N GLY E 265 -0.86 -40.29 31.65
CA GLY E 265 -0.36 -41.64 31.72
C GLY E 265 -0.57 -42.37 33.02
N ASN E 266 -1.26 -41.76 33.99
CA ASN E 266 -1.44 -42.38 35.30
C ASN E 266 -2.86 -42.20 35.82
N LYS E 267 -3.87 -42.32 34.95
CA LYS E 267 -5.31 -42.36 35.21
C LYS E 267 -5.87 -41.01 35.67
N THR E 268 -5.04 -40.05 36.04
CA THR E 268 -5.52 -38.77 36.54
C THR E 268 -5.65 -37.73 35.44
N ASP E 269 -5.49 -38.12 34.17
CA ASP E 269 -5.82 -37.25 33.06
C ASP E 269 -7.33 -37.15 32.91
N LEU E 270 -7.75 -36.32 31.94
CA LEU E 270 -9.16 -36.03 31.78
C LEU E 270 -9.93 -37.23 31.25
N PHE E 271 -9.38 -37.87 30.21
CA PHE E 271 -10.14 -38.81 29.40
C PHE E 271 -10.37 -40.13 30.11
N THR E 272 -9.70 -40.38 31.22
CA THR E 272 -9.94 -41.59 32.00
C THR E 272 -11.04 -41.37 33.02
N LEU E 273 -10.97 -40.30 33.81
CA LEU E 273 -11.99 -40.07 34.83
C LEU E 273 -13.25 -39.43 34.27
N MET E 274 -13.26 -39.03 32.99
CA MET E 274 -14.51 -38.62 32.37
C MET E 274 -15.22 -39.80 31.73
N ASP E 275 -14.43 -40.73 31.15
CA ASP E 275 -14.98 -41.99 30.68
C ASP E 275 -15.49 -42.84 31.84
N GLY E 276 -14.81 -42.80 32.99
CA GLY E 276 -15.33 -43.47 34.16
C GLY E 276 -16.59 -42.83 34.70
N ALA E 277 -16.70 -41.51 34.55
CA ALA E 277 -17.91 -40.81 34.97
C ALA E 277 -19.11 -41.17 34.10
N VAL E 278 -18.89 -41.28 32.79
CA VAL E 278 -20.03 -41.59 31.91
C VAL E 278 -20.32 -43.08 31.91
N ASN E 279 -19.34 -43.91 32.28
CA ASN E 279 -19.56 -45.35 32.30
C ASN E 279 -20.31 -45.81 33.55
N GLY E 280 -20.44 -44.96 34.56
CA GLY E 280 -21.15 -45.29 35.78
C GLY E 280 -20.29 -45.41 37.00
N LYS E 281 -18.96 -45.35 36.87
CA LYS E 281 -18.09 -45.38 38.04
C LYS E 281 -18.19 -44.07 38.79
N SER E 282 -18.43 -44.16 40.09
CA SER E 282 -18.58 -42.97 40.92
C SER E 282 -17.24 -42.26 41.11
N LEU E 283 -17.31 -40.96 41.31
CA LEU E 283 -16.13 -40.13 41.49
C LEU E 283 -16.11 -39.55 42.89
N THR E 284 -14.96 -38.99 43.26
CA THR E 284 -14.78 -38.32 44.54
C THR E 284 -15.30 -36.89 44.42
N GLU E 285 -15.01 -36.07 45.43
CA GLU E 285 -15.39 -34.67 45.40
C GLU E 285 -14.34 -33.79 44.73
N GLU E 286 -13.22 -34.35 44.32
CA GLU E 286 -12.13 -33.58 43.74
C GLU E 286 -11.85 -33.90 42.28
N ASP E 287 -12.26 -35.07 41.79
CA ASP E 287 -12.05 -35.37 40.38
C ASP E 287 -13.21 -34.86 39.53
N GLN E 288 -14.43 -34.92 40.06
CA GLN E 288 -15.58 -34.43 39.31
C GLN E 288 -15.56 -32.91 39.22
N MET E 289 -15.01 -32.24 40.23
CA MET E 289 -14.92 -30.79 40.14
C MET E 289 -13.79 -30.40 39.18
N PHE E 290 -12.77 -31.25 39.08
CA PHE E 290 -11.75 -31.09 38.03
C PHE E 290 -12.34 -31.28 36.64
N VAL E 291 -13.22 -32.28 36.46
CA VAL E 291 -13.77 -32.56 35.14
C VAL E 291 -14.71 -31.44 34.71
N THR E 292 -15.50 -30.88 35.64
CA THR E 292 -16.33 -29.75 35.23
C THR E 292 -15.50 -28.48 35.09
N ALA E 293 -14.38 -28.37 35.82
CA ALA E 293 -13.50 -27.21 35.65
C ALA E 293 -12.84 -27.22 34.29
N ASN E 294 -12.50 -28.40 33.79
CA ASN E 294 -11.94 -28.46 32.45
C ASN E 294 -13.02 -28.26 31.40
N LEU E 295 -14.28 -28.60 31.72
CA LEU E 295 -15.38 -28.24 30.83
C LEU E 295 -15.54 -26.71 30.75
N ILE E 296 -15.37 -26.01 31.88
CA ILE E 296 -15.25 -24.55 31.85
C ILE E 296 -14.02 -24.09 31.08
N ARG E 297 -12.93 -24.88 31.10
CA ARG E 297 -11.74 -24.48 30.34
C ARG E 297 -11.98 -24.60 28.84
N GLY E 298 -12.51 -25.73 28.39
CA GLY E 298 -12.75 -25.92 26.97
C GLY E 298 -11.86 -26.96 26.32
N GLY E 299 -11.71 -26.88 25.00
CA GLY E 299 -10.90 -27.82 24.25
C GLY E 299 -11.74 -28.79 23.45
N VAL E 300 -11.07 -29.74 22.80
CA VAL E 300 -11.74 -30.82 22.11
C VAL E 300 -11.42 -32.11 22.86
N PHE E 301 -12.39 -33.02 22.90
CA PHE E 301 -12.24 -34.29 23.60
C PHE E 301 -12.70 -35.37 22.64
N GLY E 302 -11.81 -35.81 21.76
CA GLY E 302 -12.17 -36.79 20.75
C GLY E 302 -10.99 -37.44 20.06
N GLY E 303 -11.03 -38.75 19.91
CA GLY E 303 -9.95 -39.47 19.28
C GLY E 303 -10.31 -40.04 17.92
N THR F 2 24.26 -41.41 39.13
CA THR F 2 24.33 -39.96 39.20
C THR F 2 24.61 -39.35 37.83
N LYS F 3 25.35 -38.24 37.85
CA LYS F 3 25.76 -37.48 36.65
C LYS F 3 24.55 -37.04 35.84
N LEU F 4 23.74 -36.18 36.46
CA LEU F 4 22.53 -35.69 35.83
C LEU F 4 22.83 -34.48 34.96
N LYS F 5 22.06 -34.33 33.89
CA LYS F 5 22.29 -33.30 32.89
C LYS F 5 21.37 -32.10 33.13
N ALA F 6 21.74 -30.97 32.54
CA ALA F 6 20.92 -29.77 32.60
C ALA F 6 19.63 -29.98 31.79
N PRO F 7 18.55 -29.30 32.17
CA PRO F 7 17.32 -29.37 31.36
C PRO F 7 17.51 -28.73 29.99
N ALA F 8 16.69 -29.18 29.04
CA ALA F 8 16.78 -28.71 27.67
C ALA F 8 16.45 -27.23 27.55
N VAL F 9 15.47 -26.77 28.30
CA VAL F 9 15.17 -25.35 28.43
C VAL F 9 15.17 -24.98 29.92
N LEU F 10 16.04 -24.05 30.28
CA LEU F 10 16.12 -23.56 31.66
C LEU F 10 16.51 -22.10 31.60
N ALA F 11 15.74 -21.26 32.27
CA ALA F 11 15.87 -19.82 32.14
C ALA F 11 15.78 -19.19 33.52
N TYR F 12 16.21 -17.94 33.60
CA TYR F 12 16.30 -17.21 34.85
C TYR F 12 15.93 -15.76 34.60
N SER F 13 14.96 -15.26 35.34
CA SER F 13 14.58 -13.85 35.22
C SER F 13 15.65 -12.99 35.86
N ARG F 14 15.83 -11.78 35.32
CA ARG F 14 16.89 -10.91 35.84
C ARG F 14 16.51 -10.37 37.20
N LYS F 15 17.45 -10.43 38.14
CA LYS F 15 17.24 -9.93 39.48
C LYS F 15 17.81 -8.53 39.65
N ILE F 16 18.26 -7.92 38.57
CA ILE F 16 18.47 -6.48 38.48
C ILE F 16 17.47 -5.99 37.44
N ASN F 17 16.55 -5.12 37.85
CA ASN F 17 15.66 -4.49 36.90
C ASN F 17 15.99 -3.01 36.90
N PRO F 18 16.87 -2.55 36.01
CA PRO F 18 17.14 -1.11 35.95
C PRO F 18 16.19 -0.42 34.99
N THR F 19 16.00 0.87 35.25
CA THR F 19 15.17 1.71 34.41
C THR F 19 15.98 2.25 33.24
N ASN F 20 15.27 2.55 32.15
CA ASN F 20 15.84 3.33 31.07
C ASN F 20 16.22 4.70 31.60
N ALA F 21 17.52 4.96 31.67
CA ALA F 21 18.04 6.15 32.33
C ALA F 21 17.79 7.38 31.48
N LEU F 22 17.07 8.34 32.04
CA LEU F 22 16.81 9.59 31.35
C LEU F 22 17.92 10.58 31.64
N MET F 23 18.24 11.39 30.64
CA MET F 23 19.20 12.47 30.80
C MET F 23 18.48 13.80 30.91
N PHE F 24 18.70 14.48 32.02
CA PHE F 24 18.24 15.83 32.28
C PHE F 24 19.44 16.77 32.27
N ALA F 25 19.15 18.06 32.17
CA ALA F 25 20.18 19.09 32.30
C ALA F 25 19.87 19.91 33.53
N VAL F 26 20.87 20.05 34.41
CA VAL F 26 20.75 20.80 35.64
C VAL F 26 22.01 21.64 35.81
N ASN F 27 21.93 22.67 36.64
CA ASN F 27 23.09 23.43 37.06
C ASN F 27 23.68 22.80 38.32
N TRP F 28 24.95 23.10 38.57
CA TRP F 28 25.64 22.47 39.69
C TRP F 28 25.17 23.04 41.03
N SER F 29 24.98 24.34 41.10
CA SER F 29 24.50 24.97 42.32
C SER F 29 23.03 24.65 42.57
N ASP F 30 22.22 24.62 41.51
CA ASP F 30 20.78 24.41 41.62
C ASP F 30 20.45 23.11 40.89
N ARG F 31 20.28 22.03 41.65
CA ARG F 31 20.03 20.70 41.11
C ARG F 31 18.56 20.42 40.86
N ASP F 32 17.66 21.35 41.18
CA ASP F 32 16.24 21.08 41.18
C ASP F 32 15.56 21.35 39.84
N ASN F 33 15.91 22.43 39.15
CA ASN F 33 15.27 22.79 37.89
C ASN F 33 15.80 21.91 36.76
N THR F 34 15.26 20.71 36.64
CA THR F 34 15.71 19.81 35.56
C THR F 34 15.02 20.11 34.25
N THR F 35 15.79 20.21 33.18
CA THR F 35 15.20 20.41 31.87
C THR F 35 15.54 19.19 31.04
N ALA F 36 14.80 18.94 29.97
CA ALA F 36 15.02 17.72 29.20
C ALA F 36 16.12 17.82 28.15
N VAL F 37 17.10 16.92 28.20
CA VAL F 37 18.11 16.89 27.15
C VAL F 37 17.43 16.15 26.02
N MET F 38 17.24 16.82 24.89
CA MET F 38 16.51 16.19 23.80
C MET F 38 17.37 15.66 22.68
N VAL F 39 16.90 14.62 22.01
CA VAL F 39 17.62 14.10 20.87
C VAL F 39 17.22 14.96 19.68
N GLY F 40 18.19 15.63 19.07
CA GLY F 40 17.89 16.44 17.90
C GLY F 40 18.57 15.82 16.70
N THR F 41 18.51 16.48 15.56
CA THR F 41 19.09 15.91 14.34
C THR F 41 20.06 16.86 13.63
N LYS F 42 21.25 16.39 13.28
CA LYS F 42 22.20 17.19 12.54
C LYS F 42 22.77 16.38 11.39
N THR F 43 23.61 17.02 10.57
CA THR F 43 24.19 16.35 9.42
C THR F 43 25.69 16.57 9.42
N VAL F 44 26.41 15.64 8.80
CA VAL F 44 27.86 15.62 8.81
C VAL F 44 28.37 15.42 7.40
N ALA F 45 29.43 16.15 7.06
CA ALA F 45 30.06 16.10 5.74
C ALA F 45 31.51 15.71 5.98
N GLY F 46 31.76 14.41 6.05
CA GLY F 46 33.08 13.95 6.43
C GLY F 46 33.98 13.64 5.26
N THR F 47 34.89 12.70 5.48
CA THR F 47 35.84 12.29 4.45
C THR F 47 35.97 10.78 4.50
N GLN F 48 35.53 10.15 3.43
CA GLN F 48 35.54 8.74 3.41
C GLN F 48 36.92 8.42 3.69
N SER F 49 37.19 7.92 4.87
CA SER F 49 38.51 7.44 5.08
C SER F 49 38.47 6.14 5.79
N VAL F 50 38.72 5.06 5.08
CA VAL F 50 38.80 3.79 5.72
C VAL F 50 40.23 3.51 5.34
N ARG F 51 40.84 2.38 5.65
CA ARG F 51 42.20 2.19 5.17
C ARG F 51 42.35 1.95 3.64
N GLY F 52 41.32 2.19 2.82
CA GLY F 52 41.35 2.04 1.35
C GLY F 52 41.20 3.39 0.65
N ASN F 53 42.25 3.88 0.01
CA ASN F 53 42.25 5.22 -0.58
C ASN F 53 41.36 5.61 -1.69
N PRO F 54 41.77 6.63 -2.42
CA PRO F 54 41.05 7.09 -3.60
C PRO F 54 39.60 7.49 -3.53
N ASN F 55 38.99 7.45 -2.37
CA ASN F 55 37.64 7.95 -2.29
C ASN F 55 37.70 9.02 -1.24
N ASP F 56 38.89 9.36 -0.82
CA ASP F 56 39.03 10.32 0.23
C ASP F 56 39.15 11.64 -0.37
N ALA F 57 38.68 11.78 -1.56
CA ALA F 57 38.70 13.06 -2.14
C ALA F 57 37.33 13.06 -2.63
N ASP F 58 36.80 11.87 -2.76
CA ASP F 58 35.47 11.79 -3.30
C ASP F 58 34.73 12.36 -2.19
N LYS F 59 35.04 11.90 -1.00
CA LYS F 59 34.45 12.48 0.17
C LYS F 59 33.02 12.75 0.18
N GLY F 60 32.68 13.76 0.93
CA GLY F 60 31.31 14.15 1.00
C GLY F 60 30.36 13.13 1.47
N ASN F 61 30.58 12.60 2.63
CA ASN F 61 29.62 11.71 3.07
C ASN F 61 28.72 12.69 3.67
N ILE F 62 27.50 12.83 3.18
CA ILE F 62 26.58 13.71 3.86
C ILE F 62 25.67 12.84 4.62
N GLN F 63 26.14 12.34 5.72
CA GLN F 63 25.41 11.46 6.62
C GLN F 63 24.51 12.32 7.49
N THR F 64 23.35 11.80 7.83
CA THR F 64 22.48 12.46 8.79
C THR F 64 22.52 11.66 10.08
N VAL F 65 22.82 12.33 11.20
CA VAL F 65 22.97 11.66 12.49
C VAL F 65 22.05 12.34 13.50
N ASN F 66 21.73 11.58 14.55
CA ASN F 66 21.13 12.19 15.72
C ASN F 66 22.22 12.73 16.62
N PHE F 67 21.90 13.79 17.34
CA PHE F 67 22.86 14.34 18.28
C PHE F 67 22.12 14.77 19.53
N ALA F 68 22.86 14.85 20.62
CA ALA F 68 22.30 15.30 21.89
C ALA F 68 23.37 16.11 22.60
N ASN F 69 23.01 17.29 23.07
CA ASN F 69 23.91 18.13 23.85
C ASN F 69 23.13 18.72 25.00
N LEU F 70 23.86 19.13 26.03
CA LEU F 70 23.26 19.98 27.04
C LEU F 70 22.96 21.35 26.44
N PRO F 71 21.94 22.05 26.93
CA PRO F 71 21.80 23.45 26.56
C PRO F 71 22.91 24.28 27.18
N HIS F 72 23.18 25.44 26.58
CA HIS F 72 24.35 26.23 26.95
C HIS F 72 24.21 26.90 28.31
N ASN F 73 22.99 27.07 28.82
CA ASN F 73 22.81 27.72 30.10
C ASN F 73 23.03 26.78 31.28
N LYS F 74 23.15 25.47 31.04
CA LYS F 74 23.31 24.50 32.11
C LYS F 74 24.56 23.66 31.86
N ASN F 75 25.30 23.36 32.93
CA ASN F 75 26.61 22.74 32.80
C ASN F 75 26.69 21.41 33.55
N THR F 76 25.54 20.79 33.84
CA THR F 76 25.51 19.57 34.64
C THR F 76 24.59 18.58 33.96
N LEU F 77 25.10 17.39 33.66
CA LEU F 77 24.24 16.32 33.18
C LEU F 77 23.71 15.53 34.36
N LEU F 78 22.39 15.37 34.41
CA LEU F 78 21.71 14.52 35.38
C LEU F 78 21.32 13.24 34.66
N VAL F 79 21.65 12.09 35.24
CA VAL F 79 21.22 10.79 34.75
C VAL F 79 20.33 10.19 35.83
N LYS F 80 19.05 10.05 35.52
CA LYS F 80 18.08 9.56 36.50
C LYS F 80 17.55 8.20 36.07
N TYR F 81 17.60 7.24 36.98
CA TYR F 81 17.01 5.93 36.75
C TYR F 81 16.67 5.31 38.10
N ASN F 82 16.15 4.09 38.07
CA ASN F 82 15.92 3.32 39.28
C ASN F 82 16.45 1.92 39.04
N VAL F 83 17.01 1.31 40.08
CA VAL F 83 17.48 -0.07 40.05
C VAL F 83 16.63 -0.86 41.01
N LYS F 84 16.05 -1.96 40.56
CA LYS F 84 15.20 -2.79 41.39
C LYS F 84 15.84 -4.15 41.54
N PHE F 85 16.46 -4.41 42.68
CA PHE F 85 16.97 -5.73 42.98
C PHE F 85 15.83 -6.54 43.58
N VAL F 86 15.43 -7.61 42.89
CA VAL F 86 14.33 -8.45 43.37
C VAL F 86 14.91 -9.77 43.88
N GLY F 87 14.28 -10.29 44.93
CA GLY F 87 14.77 -11.48 45.59
C GLY F 87 14.34 -12.75 44.91
N ASP F 88 14.57 -13.87 45.60
CA ASP F 88 14.42 -15.23 45.10
C ASP F 88 15.18 -15.41 43.79
N VAL F 89 16.51 -15.25 43.89
CA VAL F 89 17.38 -15.30 42.72
C VAL F 89 17.43 -16.70 42.11
N PHE F 90 17.35 -17.74 42.93
CA PHE F 90 17.57 -19.09 42.43
C PHE F 90 16.30 -19.74 41.89
N LYS F 91 15.15 -19.09 42.00
CA LYS F 91 13.88 -19.65 41.51
C LYS F 91 13.86 -19.57 39.99
N ALA F 92 13.86 -20.74 39.35
CA ALA F 92 13.83 -20.79 37.90
C ALA F 92 12.46 -20.41 37.36
N GLU F 93 12.45 -19.53 36.37
CA GLU F 93 11.22 -19.26 35.64
C GLU F 93 10.87 -20.44 34.74
N LEU F 94 11.85 -20.94 34.00
CA LEU F 94 11.70 -22.15 33.21
C LEU F 94 12.66 -23.20 33.75
N GLY F 95 12.15 -24.41 33.92
CA GLY F 95 12.96 -25.49 34.48
C GLY F 95 12.69 -25.69 35.96
N GLY F 96 13.41 -26.65 36.52
CA GLY F 96 13.17 -27.04 37.90
C GLY F 96 12.08 -28.09 38.03
N GLY F 97 12.28 -29.02 38.95
CA GLY F 97 13.40 -29.10 39.87
C GLY F 97 14.49 -30.07 39.46
N GLU F 98 15.19 -30.61 40.46
CA GLU F 98 16.24 -31.63 40.40
C GLU F 98 17.55 -31.12 39.76
N TYR F 99 17.54 -29.92 39.20
CA TYR F 99 18.74 -29.24 38.75
C TYR F 99 18.90 -27.89 39.44
N SER F 100 17.82 -27.10 39.48
CA SER F 100 17.89 -25.76 40.05
C SER F 100 17.99 -25.80 41.57
N ASN F 101 17.25 -26.71 42.21
CA ASN F 101 17.27 -26.78 43.68
C ASN F 101 18.59 -27.35 44.19
N THR F 102 19.18 -28.29 43.44
CA THR F 102 20.53 -28.73 43.76
C THR F 102 21.55 -27.64 43.51
N LEU F 103 21.22 -26.71 42.61
CA LEU F 103 22.14 -25.59 42.32
C LEU F 103 22.02 -24.58 43.37
N GLN F 104 20.83 -24.48 43.99
CA GLN F 104 20.63 -23.59 45.12
C GLN F 104 21.40 -24.10 46.33
N THR F 105 21.53 -25.42 46.45
CA THR F 105 22.20 -25.97 47.63
C THR F 105 23.69 -25.93 47.46
N ALA F 106 24.16 -25.95 46.21
CA ALA F 106 25.58 -25.82 45.97
C ALA F 106 25.91 -24.36 46.14
N LEU F 107 24.90 -23.51 46.02
CA LEU F 107 25.09 -22.09 46.19
C LEU F 107 24.33 -21.63 47.40
N GLU F 108 24.41 -22.40 48.49
CA GLU F 108 23.77 -21.98 49.73
C GLU F 108 24.90 -21.41 50.53
N ASN F 109 26.11 -21.57 50.03
CA ASN F 109 27.29 -21.07 50.71
C ASN F 109 27.87 -19.96 49.88
N THR F 110 27.02 -19.27 49.12
CA THR F 110 27.50 -18.20 48.24
C THR F 110 27.77 -16.91 48.95
N ASP F 111 27.91 -15.86 48.16
CA ASP F 111 28.17 -14.56 48.73
C ASP F 111 27.51 -13.48 47.91
N PHE F 112 26.68 -12.67 48.54
CA PHE F 112 26.09 -11.55 47.85
C PHE F 112 26.77 -10.50 48.66
N GLY F 113 27.80 -10.89 49.37
CA GLY F 113 28.51 -10.02 50.23
C GLY F 113 29.28 -9.18 49.33
N THR F 114 29.89 -9.75 48.32
CA THR F 114 30.59 -8.84 47.51
C THR F 114 29.77 -8.56 46.31
N LEU F 115 28.96 -9.50 45.87
CA LEU F 115 28.24 -9.30 44.65
C LEU F 115 27.52 -8.06 44.81
N ALA F 116 26.81 -7.92 45.89
CA ALA F 116 25.99 -6.77 46.03
C ALA F 116 26.83 -5.63 46.31
N TYR F 117 27.79 -5.79 47.17
CA TYR F 117 28.66 -4.61 47.37
C TYR F 117 29.15 -4.03 46.05
N ARG F 118 29.64 -4.88 45.15
CA ARG F 118 30.09 -4.44 43.83
C ARG F 118 28.93 -3.95 42.98
N TYR F 119 27.76 -4.57 43.14
CA TYR F 119 26.56 -4.16 42.40
C TYR F 119 26.14 -2.74 42.74
N VAL F 120 26.13 -2.40 44.03
CA VAL F 120 25.74 -1.03 44.37
C VAL F 120 26.92 -0.09 44.11
N TYR F 121 28.15 -0.60 44.18
CA TYR F 121 29.27 0.31 44.11
C TYR F 121 29.58 0.69 42.67
N ASN F 122 29.19 -0.16 41.70
CA ASN F 122 29.25 0.26 40.30
C ASN F 122 28.27 1.37 40.00
N ILE F 123 27.12 1.37 40.68
CA ILE F 123 26.22 2.51 40.61
C ILE F 123 26.85 3.71 41.28
N ALA F 124 27.58 3.48 42.37
CA ALA F 124 28.17 4.56 43.17
C ALA F 124 29.29 5.27 42.41
N ALA F 125 30.17 4.51 41.78
CA ALA F 125 31.33 5.07 41.10
C ALA F 125 31.01 5.57 39.71
N GLY F 126 29.79 5.39 39.23
CA GLY F 126 29.42 5.86 37.92
C GLY F 126 30.04 5.10 36.77
N ARG F 127 30.10 3.77 36.83
CA ARG F 127 30.46 3.02 35.64
C ARG F 127 29.29 2.92 34.68
N THR F 128 28.08 3.25 35.13
CA THR F 128 26.76 3.26 34.52
C THR F 128 26.57 4.36 33.48
N LEU F 129 27.66 5.03 33.10
CA LEU F 129 27.65 6.19 32.22
C LEU F 129 28.37 5.92 30.91
N TRP F 130 29.59 5.40 31.00
CA TRP F 130 30.45 4.83 29.97
C TRP F 130 31.08 5.82 28.99
N ARG F 131 30.49 6.99 28.80
CA ARG F 131 31.15 8.06 28.04
C ARG F 131 30.91 9.44 28.61
N ASN F 132 29.82 9.68 29.34
CA ASN F 132 29.60 10.98 29.95
C ASN F 132 30.49 11.18 31.17
N ARG F 133 31.07 10.10 31.68
CA ARG F 133 32.12 10.21 32.69
C ARG F 133 33.37 10.89 32.14
N VAL F 134 33.62 10.76 30.84
CA VAL F 134 34.82 11.31 30.23
C VAL F 134 34.69 12.82 30.12
N GLY F 135 35.61 13.55 30.74
CA GLY F 135 35.63 14.99 30.67
C GLY F 135 35.08 15.72 31.86
N ALA F 136 34.41 15.04 32.78
CA ALA F 136 33.87 15.71 33.95
C ALA F 136 34.89 15.72 35.09
N GLU F 137 34.96 16.84 35.82
CA GLU F 137 35.82 16.91 36.98
C GLU F 137 35.10 16.54 38.26
N SER F 138 33.77 16.63 38.29
CA SER F 138 33.02 16.33 39.49
C SER F 138 31.82 15.47 39.13
N ILE F 139 31.79 14.26 39.67
CA ILE F 139 30.68 13.33 39.50
C ILE F 139 30.10 13.07 40.87
N GLU F 140 28.85 13.50 41.07
CA GLU F 140 28.17 13.26 42.33
C GLU F 140 26.92 12.44 42.07
N THR F 141 26.87 11.25 42.64
CA THR F 141 25.77 10.31 42.46
C THR F 141 25.04 10.19 43.78
N VAL F 142 23.74 10.45 43.78
CA VAL F 142 22.91 10.29 44.96
C VAL F 142 21.98 9.11 44.74
N ILE F 143 21.85 8.28 45.76
CA ILE F 143 21.03 7.08 45.74
C ILE F 143 20.00 7.20 46.85
N THR F 144 18.73 7.08 46.50
CA THR F 144 17.63 7.16 47.44
C THR F 144 17.01 5.77 47.59
N VAL F 145 17.02 5.25 48.81
CA VAL F 145 16.40 3.97 49.12
C VAL F 145 15.57 4.12 50.40
N ASN F 146 14.30 3.69 50.32
CA ASN F 146 13.25 3.72 51.36
C ASN F 146 13.30 4.95 52.26
N ASP F 147 13.24 6.13 51.60
CA ASP F 147 13.34 7.45 52.22
C ASP F 147 14.64 7.60 53.02
N GLN F 148 15.76 7.37 52.33
CA GLN F 148 17.08 7.44 52.94
C GLN F 148 18.08 7.69 51.82
N THR F 149 18.83 8.80 51.91
CA THR F 149 19.62 9.30 50.80
C THR F 149 21.11 9.18 51.10
N PHE F 150 21.87 8.73 50.10
CA PHE F 150 23.32 8.63 50.19
C PHE F 150 23.93 9.40 49.03
N THR F 151 25.06 10.07 49.28
CA THR F 151 25.71 10.92 48.30
C THR F 151 27.16 10.50 48.16
N PHE F 152 27.58 10.24 46.92
CA PHE F 152 28.96 9.87 46.62
C PHE F 152 29.54 10.90 45.66
N SER F 153 30.80 11.25 45.85
CA SER F 153 31.43 12.32 45.08
C SER F 153 32.77 11.96 44.48
N ASP F 154 33.51 11.01 45.07
CA ASP F 154 34.86 10.71 44.59
C ASP F 154 35.15 9.23 44.85
N LEU F 155 34.93 8.41 43.82
CA LEU F 155 35.21 6.98 43.92
C LEU F 155 35.93 6.53 42.65
N LEU F 156 36.99 5.74 42.84
CA LEU F 156 37.70 5.17 41.70
C LEU F 156 36.85 4.10 41.04
N VAL F 157 36.82 4.13 39.70
CA VAL F 157 35.90 3.26 38.97
C VAL F 157 36.43 1.83 38.92
N ASN F 158 37.69 1.67 38.53
CA ASN F 158 38.23 0.34 38.30
C ASN F 158 38.85 -0.29 39.54
N GLU F 159 39.03 0.46 40.62
CA GLU F 159 39.51 -0.08 41.88
C GLU F 159 38.33 -0.15 42.83
N PHE F 160 38.18 -1.29 43.50
CA PHE F 160 36.92 -1.68 44.14
C PHE F 160 36.95 -1.28 45.61
N ASP F 161 37.08 0.03 45.83
CA ASP F 161 37.47 0.54 47.14
C ASP F 161 36.32 0.54 48.14
N GLU F 162 36.68 0.41 49.41
CA GLU F 162 35.73 0.28 50.51
C GLU F 162 35.46 1.62 51.18
N ASP F 163 34.19 1.87 51.49
CA ASP F 163 33.80 2.89 52.46
C ASP F 163 32.53 2.43 53.16
N VAL F 164 31.92 3.32 53.95
CA VAL F 164 30.88 2.92 54.87
C VAL F 164 29.46 3.14 54.32
N ASP F 165 29.27 4.00 53.32
CA ASP F 165 27.93 4.23 52.80
C ASP F 165 27.53 3.14 51.82
N VAL F 166 28.49 2.65 51.03
CA VAL F 166 28.15 1.63 50.04
C VAL F 166 27.89 0.30 50.72
N ALA F 167 28.49 0.08 51.90
CA ALA F 167 28.11 -1.08 52.69
C ALA F 167 26.74 -0.88 53.33
N GLU F 168 26.40 0.37 53.66
CA GLU F 168 25.10 0.70 54.22
C GLU F 168 23.97 0.52 53.20
N ILE F 169 24.28 0.54 51.90
CA ILE F 169 23.29 0.10 50.92
C ILE F 169 23.43 -1.39 50.61
N ALA F 170 24.67 -1.89 50.67
CA ALA F 170 24.95 -3.25 50.24
C ALA F 170 24.39 -4.29 51.20
N ASP F 171 24.23 -3.94 52.48
CA ASP F 171 23.69 -4.91 53.42
C ASP F 171 22.20 -5.17 53.16
N MET F 172 21.44 -4.13 52.82
CA MET F 172 20.03 -4.36 52.50
C MET F 172 19.89 -4.95 51.10
N VAL F 173 20.80 -4.61 50.18
CA VAL F 173 20.77 -5.23 48.86
C VAL F 173 21.09 -6.72 48.94
N ALA F 174 22.07 -7.08 49.78
CA ALA F 174 22.41 -8.49 49.97
C ALA F 174 21.34 -9.24 50.74
N GLY F 175 20.69 -8.60 51.72
CA GLY F 175 19.59 -9.22 52.41
C GLY F 175 18.38 -9.43 51.52
N VAL F 176 18.20 -8.58 50.52
CA VAL F 176 17.20 -8.79 49.48
C VAL F 176 17.58 -9.94 48.55
N LEU F 177 18.84 -9.95 48.08
CA LEU F 177 19.23 -10.88 47.03
C LEU F 177 19.37 -12.30 47.55
N SER F 178 19.85 -12.45 48.79
CA SER F 178 19.99 -13.78 49.36
C SER F 178 18.62 -14.36 49.75
N GLY F 179 17.67 -13.49 50.08
CA GLY F 179 16.37 -13.95 50.53
C GLY F 179 15.21 -13.56 49.64
N GLU F 180 14.14 -13.08 50.26
CA GLU F 180 12.90 -12.75 49.56
C GLU F 180 12.53 -11.30 49.84
N GLY F 181 12.23 -10.57 48.76
CA GLY F 181 11.87 -9.18 48.85
C GLY F 181 12.47 -8.43 47.69
N PHE F 182 12.51 -7.10 47.80
CA PHE F 182 13.14 -6.26 46.79
C PHE F 182 13.65 -4.99 47.43
N VAL F 183 14.59 -4.35 46.74
CA VAL F 183 15.10 -3.04 47.14
C VAL F 183 15.19 -2.16 45.89
N THR F 184 14.67 -0.95 46.01
CA THR F 184 14.64 0.00 44.91
C THR F 184 15.60 1.16 45.22
N LEU F 185 16.54 1.39 44.31
CA LEU F 185 17.51 2.47 44.42
C LEU F 185 17.20 3.50 43.35
N LYS F 186 16.62 4.64 43.75
CA LYS F 186 16.41 5.74 42.83
C LYS F 186 17.72 6.50 42.70
N VAL F 187 18.33 6.45 41.53
CA VAL F 187 19.69 6.92 41.31
C VAL F 187 19.66 8.19 40.47
N GLU F 188 20.35 9.21 40.94
CA GLU F 188 20.57 10.44 40.19
C GLU F 188 22.07 10.68 40.08
N HIS F 189 22.53 11.05 38.89
CA HIS F 189 23.93 11.34 38.61
C HIS F 189 24.06 12.80 38.18
N TYR F 190 25.06 13.50 38.69
CA TYR F 190 25.33 14.88 38.32
C TYR F 190 26.78 15.01 37.90
N MET F 191 26.99 15.56 36.69
CA MET F 191 28.34 15.68 36.13
C MET F 191 28.56 17.09 35.59
N LEU F 192 29.73 17.64 35.83
CA LEU F 192 30.13 18.87 35.14
C LEU F 192 30.84 18.52 33.83
N LEU F 193 30.01 18.27 32.82
CA LEU F 193 30.54 18.13 31.47
C LEU F 193 30.96 19.48 30.91
N GLY F 194 30.40 20.56 31.42
CA GLY F 194 30.66 21.90 30.93
C GLY F 194 29.41 22.51 30.32
N GLU F 195 29.55 23.78 29.97
CA GLU F 195 28.43 24.56 29.46
C GLU F 195 28.01 24.07 28.08
N GLY F 196 26.93 23.30 28.04
CA GLY F 196 26.39 22.81 26.77
C GLY F 196 27.27 21.82 26.05
N SER F 197 28.01 21.00 26.79
CA SER F 197 29.00 20.12 26.19
C SER F 197 28.31 18.90 25.55
N GLU F 198 29.11 18.09 24.86
CA GLU F 198 28.61 16.94 24.12
C GLU F 198 28.27 15.83 25.09
N VAL F 199 27.07 15.26 24.95
CA VAL F 199 26.60 14.19 25.82
C VAL F 199 26.42 12.94 24.96
N PHE F 200 26.41 11.78 25.61
CA PHE F 200 26.37 10.49 24.92
C PHE F 200 25.26 9.62 25.47
N PRO F 201 24.06 9.68 24.91
CA PRO F 201 23.05 8.68 25.23
C PRO F 201 23.28 7.42 24.42
N SER F 202 22.52 6.37 24.74
CA SER F 202 22.63 5.11 24.03
C SER F 202 22.08 5.25 22.63
N GLN F 203 22.58 4.42 21.72
CA GLN F 203 22.19 4.52 20.31
C GLN F 203 21.39 3.31 19.86
N GLU F 204 20.77 3.47 18.69
CA GLU F 204 19.86 2.49 18.14
C GLU F 204 20.31 2.07 16.75
N PHE F 205 20.15 0.79 16.45
CA PHE F 205 20.34 0.29 15.11
C PHE F 205 19.25 0.81 14.19
N VAL F 206 19.61 1.07 12.94
CA VAL F 206 18.78 1.83 12.02
C VAL F 206 18.34 0.94 10.86
N GLU F 207 17.62 1.52 9.92
CA GLU F 207 17.15 0.81 8.72
C GLU F 207 18.31 0.67 7.73
N ASN F 208 17.97 0.36 6.47
CA ASN F 208 18.98 0.12 5.44
C ASN F 208 19.82 1.37 5.16
N SER F 209 19.15 2.49 4.86
CA SER F 209 19.85 3.77 4.75
C SER F 209 18.85 4.89 5.03
N LYS F 210 18.82 5.37 6.26
CA LYS F 210 18.09 6.60 6.56
C LYS F 210 18.80 7.56 7.50
N LEU F 211 19.72 7.08 8.34
CA LEU F 211 20.27 7.86 9.44
C LEU F 211 21.52 7.17 9.96
N SER F 212 22.65 7.86 10.00
CA SER F 212 23.92 7.19 10.27
C SER F 212 24.10 6.85 11.74
N LYS F 213 23.59 7.68 12.63
CA LYS F 213 23.70 7.44 14.07
C LYS F 213 22.39 7.91 14.70
N GLN F 214 21.61 6.98 15.23
CA GLN F 214 20.34 7.32 15.87
C GLN F 214 20.47 7.04 17.35
N LEU F 215 20.30 8.08 18.16
CA LEU F 215 20.36 7.92 19.60
C LEU F 215 19.01 7.47 20.13
N PHE F 216 19.05 6.81 21.29
CA PHE F 216 17.83 6.34 21.92
C PHE F 216 17.06 7.49 22.51
N ASP F 217 15.77 7.56 22.20
CA ASP F 217 14.92 8.61 22.72
C ASP F 217 13.68 8.04 23.40
N LEU F 218 13.19 8.75 24.40
CA LEU F 218 11.94 8.46 25.07
C LEU F 218 11.14 9.75 25.12
N ASN F 219 10.08 9.82 24.31
CA ASN F 219 9.30 11.03 24.04
C ASN F 219 10.19 12.18 23.55
N GLY F 220 11.21 11.85 22.75
CA GLY F 220 12.13 12.83 22.21
C GLY F 220 13.33 13.14 23.07
N GLN F 221 13.35 12.67 24.31
CA GLN F 221 14.41 12.99 25.25
C GLN F 221 15.47 11.91 25.24
N ALA F 222 16.75 12.34 25.23
CA ALA F 222 17.87 11.43 25.16
C ALA F 222 17.93 10.53 26.39
N ALA F 223 18.15 9.24 26.15
CA ALA F 223 18.10 8.27 27.21
C ALA F 223 19.10 7.16 26.96
N MET F 224 19.52 6.52 28.05
CA MET F 224 20.33 5.31 27.99
C MET F 224 19.40 4.12 28.04
N HIS F 225 19.76 3.05 27.34
CA HIS F 225 18.99 1.82 27.43
C HIS F 225 19.10 1.23 28.82
N ASP F 226 18.05 0.55 29.26
CA ASP F 226 18.08 -0.08 30.57
C ASP F 226 19.06 -1.23 30.59
N GLN F 227 19.27 -1.87 29.45
CA GLN F 227 20.27 -2.94 29.36
C GLN F 227 21.68 -2.39 29.49
N LYS F 228 21.89 -1.12 29.14
CA LYS F 228 23.22 -0.53 29.26
C LYS F 228 23.54 -0.23 30.72
N ILE F 229 22.54 0.27 31.45
CA ILE F 229 22.69 0.50 32.87
C ILE F 229 22.87 -0.82 33.61
N GLY F 230 22.08 -1.83 33.23
CA GLY F 230 22.23 -3.15 33.84
C GLY F 230 23.50 -3.85 33.43
N ASN F 231 24.05 -3.48 32.28
CA ASN F 231 25.37 -3.96 31.87
C ASN F 231 26.44 -3.40 32.77
N ALA F 232 26.43 -2.10 33.00
CA ALA F 232 27.51 -1.51 33.77
C ALA F 232 27.32 -1.68 35.26
N ILE F 233 26.10 -2.03 35.71
CA ILE F 233 25.88 -2.34 37.11
C ILE F 233 26.59 -3.65 37.46
N ARG F 234 26.46 -4.64 36.58
CA ARG F 234 26.99 -5.97 36.83
C ARG F 234 28.44 -6.12 36.37
N THR F 235 29.08 -5.04 35.92
CA THR F 235 30.47 -5.10 35.50
C THR F 235 31.35 -5.22 36.73
N ILE F 236 31.52 -6.45 37.22
CA ILE F 236 32.11 -6.70 38.53
C ILE F 236 33.22 -7.73 38.43
N ASP F 237 33.31 -8.44 37.31
CA ASP F 237 34.24 -9.58 37.21
C ASP F 237 35.74 -9.35 37.30
N THR F 238 36.30 -9.64 38.47
CA THR F 238 37.75 -9.58 38.60
C THR F 238 38.12 -10.99 38.99
N TRP F 239 37.35 -11.95 38.52
CA TRP F 239 37.59 -13.35 38.91
C TRP F 239 38.05 -14.20 37.75
N TYR F 240 38.20 -13.61 36.58
CA TYR F 240 38.63 -14.37 35.41
C TYR F 240 40.14 -14.57 35.39
N GLU F 241 40.60 -15.48 34.54
CA GLU F 241 42.04 -15.75 34.44
C GLU F 241 42.80 -14.49 34.10
N ASP F 242 43.84 -14.18 34.88
CA ASP F 242 44.61 -12.95 34.68
C ASP F 242 43.70 -11.74 34.64
N ALA F 243 42.94 -11.54 35.72
CA ALA F 243 42.01 -10.42 35.79
C ALA F 243 42.71 -9.10 35.66
N THR F 244 42.49 -8.40 34.55
CA THR F 244 43.10 -7.11 34.35
C THR F 244 42.13 -6.02 34.79
N THR F 245 40.99 -5.93 34.12
CA THR F 245 40.01 -4.92 34.45
C THR F 245 38.66 -5.58 34.75
N PRO F 246 37.80 -5.01 35.66
CA PRO F 246 36.53 -5.71 35.79
C PRO F 246 35.72 -5.64 34.51
N ILE F 247 35.22 -6.80 34.09
CA ILE F 247 34.36 -6.92 32.92
C ILE F 247 32.97 -7.31 33.39
N ALA F 248 32.01 -7.20 32.47
CA ALA F 248 30.63 -7.55 32.79
C ALA F 248 30.48 -9.06 32.90
N VAL F 249 29.59 -9.50 33.78
CA VAL F 249 29.35 -10.93 33.92
C VAL F 249 28.50 -11.42 32.74
N GLU F 250 29.11 -12.20 31.88
CA GLU F 250 28.42 -12.98 30.86
C GLU F 250 28.74 -14.43 31.13
N PRO F 251 27.95 -15.37 30.60
CA PRO F 251 28.27 -16.79 30.79
C PRO F 251 29.60 -17.22 30.21
N TYR F 252 30.12 -16.52 29.21
CA TYR F 252 31.44 -16.79 28.67
C TYR F 252 32.43 -15.67 28.97
N GLY F 253 32.03 -14.67 29.74
CA GLY F 253 32.89 -13.53 30.03
C GLY F 253 33.19 -12.73 28.78
N SER F 254 32.18 -12.48 27.96
CA SER F 254 32.36 -11.91 26.64
C SER F 254 32.23 -10.40 26.69
N VAL F 255 33.25 -9.71 26.19
CA VAL F 255 33.21 -8.27 25.97
C VAL F 255 33.25 -8.07 24.47
N VAL F 256 32.15 -7.55 23.90
CA VAL F 256 32.00 -7.56 22.46
C VAL F 256 32.78 -6.42 21.81
N ARG F 257 33.11 -5.38 22.58
CA ARG F 257 33.88 -4.28 21.99
C ARG F 257 35.37 -4.59 21.92
N ASN F 258 35.89 -5.39 22.85
CA ASN F 258 37.28 -5.82 22.79
C ASN F 258 37.50 -6.97 21.82
N GLY F 259 36.42 -7.62 21.37
CA GLY F 259 36.56 -8.71 20.43
C GLY F 259 37.12 -9.98 21.02
N VAL F 260 37.08 -10.12 22.34
CA VAL F 260 37.63 -11.28 23.02
C VAL F 260 36.64 -11.70 24.10
N ALA F 261 36.70 -12.98 24.49
CA ALA F 261 35.92 -13.50 25.61
C ALA F 261 36.92 -14.07 26.60
N TYR F 262 37.04 -13.42 27.76
CA TYR F 262 38.12 -13.75 28.69
C TYR F 262 37.88 -15.09 29.39
N ARG F 263 36.64 -15.55 29.45
CA ARG F 263 36.27 -16.73 30.21
C ARG F 263 35.75 -17.87 29.33
N ALA F 264 36.18 -17.93 28.08
CA ALA F 264 35.70 -18.91 27.13
C ALA F 264 36.80 -19.88 26.74
N GLY F 265 36.44 -21.16 26.65
CA GLY F 265 37.36 -22.19 26.20
C GLY F 265 38.40 -22.62 27.20
N ASN F 266 38.21 -22.34 28.48
CA ASN F 266 39.18 -22.69 29.50
C ASN F 266 38.50 -23.19 30.77
N LYS F 267 37.33 -23.82 30.61
CA LYS F 267 36.57 -24.54 31.65
C LYS F 267 35.95 -23.61 32.71
N THR F 268 36.39 -22.35 32.77
CA THR F 268 35.93 -21.39 33.76
C THR F 268 34.75 -20.55 33.30
N ASP F 269 34.01 -21.01 32.29
CA ASP F 269 32.79 -20.35 31.87
C ASP F 269 31.64 -20.67 32.83
N LEU F 270 30.43 -20.34 32.42
CA LEU F 270 29.26 -20.67 33.22
C LEU F 270 29.00 -22.17 33.27
N PHE F 271 28.87 -22.80 32.10
CA PHE F 271 28.11 -24.04 32.00
C PHE F 271 28.86 -25.23 32.58
N THR F 272 30.16 -25.30 32.34
CA THR F 272 30.98 -26.35 32.96
C THR F 272 31.03 -26.19 34.47
N LEU F 273 31.08 -24.94 34.95
CA LEU F 273 31.11 -24.68 36.37
C LEU F 273 29.77 -25.02 37.03
N MET F 274 28.66 -24.75 36.33
CA MET F 274 27.34 -25.08 36.85
C MET F 274 27.12 -26.60 36.85
N ASP F 275 27.65 -27.29 35.84
CA ASP F 275 27.60 -28.75 35.82
C ASP F 275 28.42 -29.33 36.97
N GLY F 276 29.57 -28.74 37.27
CA GLY F 276 30.36 -29.19 38.41
C GLY F 276 29.67 -28.90 39.73
N ALA F 277 28.97 -27.77 39.82
CA ALA F 277 28.26 -27.43 41.05
C ALA F 277 27.07 -28.36 41.27
N VAL F 278 26.34 -28.70 40.21
CA VAL F 278 25.17 -29.55 40.34
C VAL F 278 25.58 -30.99 40.64
N ASN F 279 26.59 -31.50 39.92
CA ASN F 279 27.01 -32.89 40.08
C ASN F 279 27.71 -33.18 41.41
N GLY F 280 28.08 -32.15 42.18
CA GLY F 280 28.58 -32.34 43.52
C GLY F 280 30.00 -31.90 43.76
N LYS F 281 30.69 -31.40 42.74
CA LYS F 281 32.06 -30.94 42.95
C LYS F 281 32.06 -29.62 43.71
N SER F 282 33.13 -29.40 44.47
CA SER F 282 33.23 -28.20 45.28
C SER F 282 33.54 -26.98 44.42
N LEU F 283 33.09 -25.82 44.88
CA LEU F 283 33.37 -24.55 44.25
C LEU F 283 34.22 -23.70 45.16
N THR F 284 34.99 -22.80 44.55
CA THR F 284 35.77 -21.84 45.34
C THR F 284 34.86 -20.74 45.85
N GLU F 285 35.45 -19.84 46.65
CA GLU F 285 34.69 -18.75 47.24
C GLU F 285 34.49 -17.58 46.28
N GLU F 286 35.09 -17.61 45.10
CA GLU F 286 35.00 -16.51 44.15
C GLU F 286 34.33 -16.86 42.84
N ASP F 287 34.33 -18.14 42.45
CA ASP F 287 33.64 -18.55 41.24
C ASP F 287 32.19 -18.82 41.60
N GLN F 288 31.92 -18.89 42.90
CA GLN F 288 30.54 -19.07 43.35
C GLN F 288 29.90 -17.76 43.02
N MET F 289 30.61 -16.68 43.32
CA MET F 289 30.10 -15.35 43.03
C MET F 289 29.82 -15.17 41.55
N PHE F 290 30.68 -15.72 40.70
CA PHE F 290 30.45 -15.62 39.25
C PHE F 290 29.15 -16.31 38.85
N VAL F 291 28.89 -17.49 39.42
CA VAL F 291 27.68 -18.24 39.06
C VAL F 291 26.43 -17.52 39.56
N THR F 292 26.47 -16.99 40.79
CA THR F 292 25.27 -16.28 41.26
C THR F 292 25.14 -14.90 40.60
N ALA F 293 26.22 -14.32 40.09
CA ALA F 293 26.10 -13.10 39.29
C ALA F 293 25.43 -13.39 37.96
N ASN F 294 25.74 -14.52 37.35
CA ASN F 294 25.03 -14.95 36.15
C ASN F 294 23.58 -15.26 36.46
N LEU F 295 23.32 -15.83 37.64
CA LEU F 295 21.95 -16.11 38.08
C LEU F 295 21.16 -14.82 38.24
N ILE F 296 21.82 -13.78 38.76
CA ILE F 296 21.18 -12.48 38.89
C ILE F 296 20.93 -11.87 37.52
N ARG F 297 21.91 -11.99 36.61
CA ARG F 297 21.74 -11.51 35.24
C ARG F 297 20.64 -12.27 34.51
N GLY F 298 20.64 -13.60 34.62
CA GLY F 298 19.70 -14.41 33.89
C GLY F 298 20.26 -14.90 32.57
N GLY F 299 19.36 -15.24 31.68
CA GLY F 299 19.75 -15.78 30.40
C GLY F 299 19.47 -17.26 30.30
N VAL F 300 19.20 -17.73 29.07
CA VAL F 300 18.79 -19.10 28.89
C VAL F 300 20.00 -20.04 28.95
N PHE F 301 19.88 -21.07 29.78
CA PHE F 301 20.96 -22.03 30.01
C PHE F 301 20.37 -23.41 29.71
N GLY F 302 20.43 -23.81 28.45
CA GLY F 302 19.86 -25.08 28.05
C GLY F 302 20.58 -25.64 26.85
N GLY F 303 20.63 -26.96 26.76
CA GLY F 303 21.30 -27.63 25.66
C GLY F 303 20.49 -27.64 24.38
N THR G 2 55.77 -11.79 12.95
CA THR G 2 56.69 -10.86 12.36
C THR G 2 55.91 -9.92 11.47
N LYS G 3 56.18 -8.61 11.55
CA LYS G 3 55.42 -7.61 10.78
C LYS G 3 53.91 -7.65 11.05
N LEU G 4 53.51 -7.12 12.20
CA LEU G 4 52.11 -7.16 12.57
C LEU G 4 51.33 -6.10 11.85
N LYS G 5 50.03 -6.07 12.09
CA LYS G 5 49.23 -5.15 11.35
C LYS G 5 48.22 -4.48 12.16
N ALA G 6 47.35 -3.81 11.48
CA ALA G 6 46.36 -3.09 12.15
C ALA G 6 45.12 -3.95 12.41
N PRO G 7 44.56 -4.00 13.66
CA PRO G 7 43.31 -4.77 13.85
C PRO G 7 42.23 -4.35 12.89
N ALA G 8 41.31 -5.29 12.63
CA ALA G 8 40.22 -5.03 11.69
C ALA G 8 39.22 -4.03 12.26
N VAL G 9 39.04 -4.00 13.58
CA VAL G 9 38.17 -3.03 14.24
C VAL G 9 39.05 -2.31 15.26
N LEU G 10 39.38 -1.07 14.98
CA LEU G 10 40.15 -0.23 15.88
C LEU G 10 39.65 1.21 15.74
N ALA G 11 39.30 1.82 16.86
CA ALA G 11 38.73 3.15 16.80
C ALA G 11 39.23 3.98 17.97
N TYR G 12 39.25 5.29 17.78
CA TYR G 12 39.78 6.23 18.75
C TYR G 12 38.73 7.31 18.98
N SER G 13 38.40 7.56 20.25
CA SER G 13 37.38 8.53 20.55
C SER G 13 37.95 9.95 20.47
N ARG G 14 37.05 10.93 20.46
CA ARG G 14 37.44 12.31 20.22
C ARG G 14 38.01 12.93 21.49
N LYS G 15 39.26 13.38 21.41
CA LYS G 15 39.92 14.00 22.56
C LYS G 15 39.73 15.50 22.61
N ILE G 16 39.48 16.15 21.48
CA ILE G 16 39.25 17.58 21.41
C ILE G 16 37.78 17.77 21.10
N ASN G 17 36.99 18.09 22.13
CA ASN G 17 35.54 18.19 21.98
C ASN G 17 35.09 19.64 21.98
N PRO G 18 34.77 20.21 20.82
CA PRO G 18 34.08 21.51 20.86
C PRO G 18 32.58 21.31 20.93
N THR G 19 31.88 22.11 21.71
CA THR G 19 30.44 22.09 21.61
C THR G 19 30.00 22.96 20.44
N ASN G 20 28.86 22.64 19.86
CA ASN G 20 28.36 23.38 18.73
C ASN G 20 27.91 24.77 19.16
N ALA G 21 28.38 25.78 18.43
CA ALA G 21 28.43 27.15 18.92
C ALA G 21 27.04 27.79 18.94
N LEU G 22 27.00 28.96 19.57
CA LEU G 22 25.83 29.81 19.56
C LEU G 22 26.19 31.16 18.95
N MET G 23 25.31 31.67 18.11
CA MET G 23 25.48 32.98 17.50
C MET G 23 24.66 34.01 18.24
N PHE G 24 25.27 35.16 18.51
CA PHE G 24 24.60 36.26 19.20
C PHE G 24 24.92 37.56 18.49
N ALA G 25 24.03 38.52 18.63
CA ALA G 25 24.28 39.89 18.20
C ALA G 25 24.64 40.70 19.44
N VAL G 26 25.78 41.36 19.39
CA VAL G 26 26.25 42.21 20.48
C VAL G 26 26.73 43.53 19.89
N ASN G 27 26.58 44.59 20.68
CA ASN G 27 27.27 45.82 20.37
C ASN G 27 28.75 45.67 20.70
N TRP G 28 29.60 46.35 19.94
CA TRP G 28 31.03 46.29 20.19
C TRP G 28 31.40 46.97 21.50
N SER G 29 30.75 48.08 21.82
CA SER G 29 31.03 48.76 23.09
C SER G 29 30.38 48.03 24.25
N ASP G 30 29.21 47.44 24.04
CA ASP G 30 28.43 46.79 25.10
C ASP G 30 28.33 45.31 24.80
N ARG G 31 29.16 44.50 25.45
CA ARG G 31 29.25 43.07 25.18
C ARG G 31 28.29 42.23 26.00
N ASP G 32 27.52 42.84 26.91
CA ASP G 32 26.71 42.07 27.84
C ASP G 32 25.29 41.82 27.37
N ASN G 33 24.74 42.70 26.52
CA ASN G 33 23.37 42.55 26.06
C ASN G 33 23.32 41.67 24.81
N THR G 34 23.61 40.39 25.03
CA THR G 34 23.58 39.42 23.95
C THR G 34 22.15 39.06 23.61
N THR G 35 21.84 39.06 22.31
CA THR G 35 20.55 38.58 21.82
C THR G 35 20.80 37.50 20.78
N ALA G 36 20.00 36.44 20.83
CA ALA G 36 20.23 35.28 19.99
C ALA G 36 19.84 35.57 18.54
N VAL G 37 20.66 35.07 17.63
CA VAL G 37 20.41 35.21 16.19
C VAL G 37 19.38 34.16 15.81
N MET G 38 18.15 34.59 15.60
CA MET G 38 17.09 33.66 15.24
C MET G 38 17.14 33.34 13.75
N VAL G 39 17.03 32.05 13.43
CA VAL G 39 17.04 31.62 12.04
C VAL G 39 15.66 31.86 11.45
N GLY G 40 15.60 32.68 10.39
CA GLY G 40 14.38 32.90 9.65
C GLY G 40 14.40 32.16 8.32
N THR G 41 13.33 32.37 7.56
CA THR G 41 13.20 31.76 6.24
C THR G 41 12.93 32.85 5.21
N LYS G 42 13.78 32.93 4.20
CA LYS G 42 13.57 33.82 3.08
C LYS G 42 13.31 33.00 1.82
N THR G 43 13.02 33.69 0.72
CA THR G 43 12.58 33.06 -0.52
C THR G 43 13.49 33.45 -1.66
N VAL G 44 13.74 32.49 -2.55
CA VAL G 44 14.66 32.71 -3.66
C VAL G 44 14.01 32.32 -4.99
N ALA G 45 14.12 33.18 -5.99
CA ALA G 45 13.62 32.82 -7.32
C ALA G 45 14.55 33.39 -8.37
N GLY G 46 14.83 32.59 -9.40
CA GLY G 46 15.66 33.10 -10.48
C GLY G 46 17.02 32.55 -10.70
N THR G 47 17.49 32.60 -11.94
CA THR G 47 18.79 32.07 -12.31
C THR G 47 18.84 30.56 -12.19
N GLN G 48 18.56 29.88 -13.29
CA GLN G 48 18.60 28.43 -13.28
C GLN G 48 19.87 28.05 -13.96
N SER G 49 20.90 28.86 -13.79
CA SER G 49 22.09 28.63 -14.54
C SER G 49 22.95 27.53 -14.13
N VAL G 50 23.74 27.03 -15.08
CA VAL G 50 24.75 26.01 -14.79
C VAL G 50 25.61 25.97 -16.03
N ARG G 51 26.87 25.57 -15.90
CA ARG G 51 27.70 25.42 -17.07
C ARG G 51 26.95 24.50 -18.01
N GLY G 52 26.40 25.03 -19.10
CA GLY G 52 25.63 24.26 -20.10
C GLY G 52 24.22 23.79 -19.75
N ASN G 53 23.25 24.71 -19.73
CA ASN G 53 21.85 24.36 -19.51
C ASN G 53 21.14 25.48 -20.17
N PRO G 54 21.83 26.15 -21.07
CA PRO G 54 21.28 27.29 -21.75
C PRO G 54 19.83 27.25 -22.07
N ASN G 55 19.36 26.15 -22.58
CA ASN G 55 17.98 26.06 -23.00
C ASN G 55 16.96 26.55 -21.99
N ASP G 56 17.17 26.28 -20.72
CA ASP G 56 16.18 26.66 -19.77
C ASP G 56 16.62 27.82 -18.92
N ALA G 57 17.52 28.66 -19.42
CA ALA G 57 18.03 29.75 -18.61
C ALA G 57 16.88 30.54 -18.12
N ASP G 58 15.96 30.82 -19.01
CA ASP G 58 14.79 31.55 -18.64
C ASP G 58 14.09 30.91 -17.47
N LYS G 59 13.89 29.61 -17.49
CA LYS G 59 13.09 28.95 -16.45
C LYS G 59 13.37 29.37 -14.99
N GLY G 60 12.33 29.81 -14.26
CA GLY G 60 12.55 30.29 -12.90
C GLY G 60 12.81 29.20 -11.89
N ASN G 61 13.45 29.54 -10.79
CA ASN G 61 13.66 28.55 -9.76
C ASN G 61 13.23 29.03 -8.44
N ILE G 62 12.08 28.55 -8.01
CA ILE G 62 11.56 29.02 -6.77
C ILE G 62 11.72 28.06 -5.65
N GLN G 63 12.40 28.49 -4.62
CA GLN G 63 12.58 27.71 -3.42
C GLN G 63 12.56 28.62 -2.20
N THR G 64 12.45 28.02 -1.03
CA THR G 64 12.57 28.72 0.24
C THR G 64 13.82 28.23 0.93
N VAL G 65 14.63 29.17 1.43
CA VAL G 65 15.87 28.81 2.12
C VAL G 65 15.82 29.40 3.52
N ASN G 66 16.60 28.81 4.41
CA ASN G 66 16.80 29.41 5.72
C ASN G 66 17.93 30.44 5.65
N PHE G 67 17.85 31.42 6.54
CA PHE G 67 18.87 32.44 6.61
C PHE G 67 19.00 32.90 8.04
N ALA G 68 20.21 33.33 8.41
CA ALA G 68 20.47 33.90 9.71
C ALA G 68 21.11 35.26 9.50
N ASN G 69 20.61 36.26 10.21
CA ASN G 69 21.07 37.62 10.03
C ASN G 69 21.12 38.31 11.39
N LEU G 70 22.13 39.15 11.58
CA LEU G 70 22.17 39.97 12.78
C LEU G 70 21.05 41.00 12.72
N PRO G 71 20.31 41.19 13.82
CA PRO G 71 19.30 42.25 13.87
C PRO G 71 19.93 43.62 13.75
N HIS G 72 19.18 44.55 13.14
CA HIS G 72 19.71 45.84 12.73
C HIS G 72 19.83 46.85 13.86
N ASN G 73 19.73 46.44 15.12
CA ASN G 73 20.06 47.31 16.23
C ASN G 73 21.47 47.09 16.74
N LYS G 74 22.14 46.01 16.31
CA LYS G 74 23.46 45.63 16.78
C LYS G 74 24.34 45.37 15.57
N ASN G 75 25.66 45.41 15.80
CA ASN G 75 26.60 45.38 14.68
C ASN G 75 27.81 44.50 14.92
N THR G 76 27.73 43.58 15.89
CA THR G 76 28.86 42.73 16.21
C THR G 76 28.38 41.29 16.37
N LEU G 77 29.08 40.36 15.73
CA LEU G 77 28.78 38.95 15.90
C LEU G 77 29.56 38.38 17.07
N LEU G 78 28.85 37.72 17.99
CA LEU G 78 29.45 36.93 19.05
C LEU G 78 29.23 35.46 18.72
N VAL G 79 30.31 34.69 18.72
CA VAL G 79 30.23 33.25 18.61
C VAL G 79 30.72 32.67 19.92
N LYS G 80 29.85 31.93 20.59
CA LYS G 80 30.14 31.32 21.89
C LYS G 80 30.28 29.82 21.72
N TYR G 81 31.39 29.26 22.22
CA TYR G 81 31.47 27.81 22.34
C TYR G 81 32.44 27.47 23.45
N ASN G 82 32.63 26.18 23.67
CA ASN G 82 33.56 25.61 24.62
C ASN G 82 34.43 24.62 23.88
N VAL G 83 35.67 24.47 24.33
CA VAL G 83 36.57 23.43 23.83
C VAL G 83 37.06 22.63 25.01
N LYS G 84 36.85 21.33 24.98
CA LYS G 84 37.25 20.42 26.04
C LYS G 84 38.37 19.55 25.49
N PHE G 85 39.60 19.91 25.81
CA PHE G 85 40.73 19.05 25.49
C PHE G 85 40.78 17.93 26.52
N VAL G 86 40.50 16.71 26.08
CA VAL G 86 40.45 15.55 26.97
C VAL G 86 41.78 14.83 26.89
N GLY G 87 42.39 14.58 28.05
CA GLY G 87 43.64 13.87 28.11
C GLY G 87 43.47 12.37 27.91
N ASP G 88 44.57 11.65 28.17
CA ASP G 88 44.73 10.22 27.86
C ASP G 88 44.40 9.98 26.39
N VAL G 89 45.20 10.64 25.53
CA VAL G 89 44.88 10.74 24.11
C VAL G 89 45.37 9.56 23.30
N PHE G 90 46.03 8.58 23.93
CA PHE G 90 46.60 7.45 23.20
C PHE G 90 45.84 6.15 23.39
N LYS G 91 44.91 6.08 24.35
CA LYS G 91 44.16 4.85 24.54
C LYS G 91 43.13 4.70 23.44
N ALA G 92 42.91 3.46 23.01
CA ALA G 92 41.94 3.17 21.97
C ALA G 92 40.64 2.73 22.62
N GLU G 93 39.53 3.32 22.18
CA GLU G 93 38.23 2.91 22.69
C GLU G 93 37.88 1.50 22.26
N LEU G 94 38.21 1.15 21.01
CA LEU G 94 38.04 -0.20 20.49
C LEU G 94 39.40 -0.72 20.08
N GLY G 95 39.73 -1.93 20.49
CA GLY G 95 41.01 -2.53 20.21
C GLY G 95 42.05 -2.21 21.27
N GLY G 96 43.21 -2.81 21.11
CA GLY G 96 44.25 -2.68 22.11
C GLY G 96 44.18 -3.78 23.17
N GLY G 97 45.34 -4.16 23.67
CA GLY G 97 46.65 -3.63 23.35
C GLY G 97 47.38 -4.35 22.24
N GLU G 98 48.72 -4.33 22.33
CA GLU G 98 49.71 -4.99 21.46
C GLU G 98 49.81 -4.32 20.09
N TYR G 99 48.96 -3.33 19.82
CA TYR G 99 49.10 -2.48 18.65
C TYR G 99 49.05 -1.01 19.04
N SER G 100 48.24 -0.66 20.04
CA SER G 100 48.25 0.69 20.57
C SER G 100 49.36 0.87 21.61
N ASN G 101 49.84 -0.22 22.19
CA ASN G 101 50.93 -0.11 23.17
C ASN G 101 52.26 0.17 22.49
N THR G 102 52.51 -0.48 21.34
CA THR G 102 53.71 -0.15 20.57
C THR G 102 53.59 1.21 19.91
N LEU G 103 52.36 1.68 19.67
CA LEU G 103 52.18 3.06 19.22
C LEU G 103 52.46 4.04 20.36
N GLN G 104 52.08 3.67 21.59
CA GLN G 104 52.40 4.49 22.76
C GLN G 104 53.91 4.58 22.99
N THR G 105 54.60 3.44 22.91
CA THR G 105 56.05 3.46 23.09
C THR G 105 56.77 3.98 21.85
N ALA G 106 56.07 4.09 20.72
CA ALA G 106 56.61 4.74 19.54
C ALA G 106 56.37 6.24 19.53
N LEU G 107 55.33 6.71 20.22
CA LEU G 107 54.97 8.12 20.27
C LEU G 107 55.14 8.70 21.68
N GLU G 108 56.15 8.21 22.41
CA GLU G 108 56.41 8.74 23.75
C GLU G 108 57.11 10.08 23.70
N ASN G 109 57.97 10.31 22.70
CA ASN G 109 58.78 11.52 22.61
C ASN G 109 58.18 12.55 21.66
N THR G 110 56.86 12.66 21.63
CA THR G 110 56.19 13.61 20.75
C THR G 110 56.38 15.04 21.28
N ASP G 111 56.25 15.99 20.36
CA ASP G 111 56.34 17.42 20.66
C ASP G 111 54.93 17.96 20.76
N PHE G 112 54.33 17.80 21.95
CA PHE G 112 52.97 18.25 22.18
C PHE G 112 52.85 19.76 22.34
N GLY G 113 53.96 20.45 22.63
CA GLY G 113 53.91 21.90 22.76
C GLY G 113 53.61 22.58 21.44
N THR G 114 54.24 22.14 20.36
CA THR G 114 53.99 22.69 19.04
C THR G 114 52.56 22.42 18.59
N LEU G 115 52.07 21.20 18.85
CA LEU G 115 50.70 20.85 18.46
C LEU G 115 49.67 21.61 19.27
N ALA G 116 49.91 21.78 20.57
CA ALA G 116 49.01 22.58 21.39
C ALA G 116 49.03 24.04 20.95
N TYR G 117 50.20 24.52 20.53
CA TYR G 117 50.32 25.89 20.02
C TYR G 117 49.50 26.09 18.77
N ARG G 118 49.60 25.16 17.81
CA ARG G 118 48.79 25.22 16.61
C ARG G 118 47.31 25.06 16.93
N TYR G 119 47.00 24.21 17.92
CA TYR G 119 45.63 23.83 18.19
C TYR G 119 44.85 24.95 18.85
N VAL G 120 45.50 25.73 19.71
CA VAL G 120 44.80 26.88 20.27
C VAL G 120 45.14 28.15 19.50
N TYR G 121 46.06 28.08 18.53
CA TYR G 121 46.23 29.21 17.62
C TYR G 121 45.13 29.24 16.58
N ASN G 122 44.62 28.07 16.17
CA ASN G 122 43.47 28.04 15.28
C ASN G 122 42.24 28.62 15.96
N ILE G 123 42.16 28.51 17.28
CA ILE G 123 41.23 29.33 18.06
C ILE G 123 41.64 30.79 17.99
N ALA G 124 42.92 31.07 18.25
CA ALA G 124 43.37 32.44 18.48
C ALA G 124 43.36 33.27 17.21
N ALA G 125 43.61 32.63 16.07
CA ALA G 125 43.55 33.33 14.79
C ALA G 125 42.12 33.49 14.30
N GLY G 126 41.15 32.90 14.98
CA GLY G 126 39.76 32.95 14.54
C GLY G 126 39.52 32.22 13.24
N ARG G 127 40.15 31.06 13.06
CA ARG G 127 39.89 30.26 11.87
C ARG G 127 38.63 29.41 12.01
N THR G 128 38.01 29.42 13.19
CA THR G 128 36.91 28.51 13.50
C THR G 128 35.57 28.95 12.93
N LEU G 129 35.52 29.86 11.96
CA LEU G 129 34.26 30.34 11.42
C LEU G 129 34.16 30.15 9.90
N TRP G 130 35.25 30.41 9.17
CA TRP G 130 35.47 30.22 7.73
C TRP G 130 34.71 31.14 6.81
N ARG G 131 33.67 31.81 7.30
CA ARG G 131 32.94 32.75 6.46
C ARG G 131 32.54 34.02 7.18
N ASN G 132 32.44 34.01 8.50
CA ASN G 132 32.11 35.21 9.24
C ASN G 132 33.29 36.18 9.30
N ARG G 133 34.50 35.72 8.96
CA ARG G 133 35.64 36.62 8.87
C ARG G 133 35.59 37.50 7.63
N VAL G 134 34.75 37.15 6.66
CA VAL G 134 34.68 37.86 5.40
C VAL G 134 34.10 39.25 5.64
N GLY G 135 34.92 40.27 5.46
CA GLY G 135 34.51 41.63 5.77
C GLY G 135 34.48 41.88 7.26
N ALA G 136 35.64 41.84 7.91
CA ALA G 136 35.73 42.02 9.35
C ALA G 136 36.72 43.13 9.67
N GLU G 137 36.29 44.11 10.47
CA GLU G 137 37.21 45.14 10.92
C GLU G 137 38.22 44.60 11.92
N SER G 138 37.74 43.90 12.94
CA SER G 138 38.60 43.36 13.98
C SER G 138 37.90 42.18 14.61
N ILE G 139 38.64 41.09 14.83
CA ILE G 139 38.11 39.85 15.34
C ILE G 139 38.74 39.60 16.70
N GLU G 140 38.09 40.09 17.75
CA GLU G 140 38.60 39.98 19.11
C GLU G 140 38.12 38.67 19.70
N THR G 141 39.04 37.78 20.04
CA THR G 141 38.69 36.48 20.59
C THR G 141 39.17 36.40 22.03
N VAL G 142 38.26 36.12 22.96
CA VAL G 142 38.61 36.02 24.37
C VAL G 142 38.37 34.60 24.85
N ILE G 143 39.30 34.12 25.67
CA ILE G 143 39.32 32.75 26.17
C ILE G 143 39.25 32.79 27.68
N THR G 144 38.30 32.07 28.24
CA THR G 144 38.21 31.86 29.67
C THR G 144 38.59 30.42 29.95
N VAL G 145 39.78 30.22 30.50
CA VAL G 145 40.24 28.92 30.99
C VAL G 145 40.68 29.10 32.44
N ASN G 146 40.13 28.24 33.32
CA ASN G 146 40.29 28.17 34.79
C ASN G 146 40.47 29.52 35.48
N ASP G 147 39.61 30.48 35.11
CA ASP G 147 39.58 31.85 35.63
C ASP G 147 40.91 32.59 35.39
N GLN G 148 41.32 32.63 34.12
CA GLN G 148 42.29 33.64 33.66
C GLN G 148 41.95 33.97 32.21
N THR G 149 41.29 35.11 32.01
CA THR G 149 40.81 35.48 30.68
C THR G 149 41.94 36.05 29.84
N PHE G 150 42.08 35.55 28.62
CA PHE G 150 43.06 36.02 27.66
C PHE G 150 42.35 36.60 26.44
N THR G 151 42.98 37.59 25.81
CA THR G 151 42.36 38.27 24.68
C THR G 151 43.32 38.31 23.50
N PHE G 152 42.75 38.20 22.30
CA PHE G 152 43.50 38.16 21.05
C PHE G 152 42.84 39.13 20.09
N SER G 153 43.52 40.24 19.77
CA SER G 153 42.91 41.24 18.90
C SER G 153 43.12 40.91 17.43
N ASP G 154 44.37 40.95 16.96
CA ASP G 154 44.70 40.69 15.56
C ASP G 154 45.79 39.63 15.50
N LEU G 155 45.48 38.48 14.92
CA LEU G 155 46.47 37.45 14.67
C LEU G 155 46.40 37.03 13.20
N LEU G 156 47.54 36.61 12.67
CA LEU G 156 47.59 36.12 11.30
C LEU G 156 46.92 34.76 11.18
N VAL G 157 46.34 34.51 10.01
CA VAL G 157 45.52 33.31 9.83
C VAL G 157 46.39 32.12 9.46
N ASN G 158 47.10 32.22 8.34
CA ASN G 158 47.84 31.09 7.80
C ASN G 158 49.25 30.95 8.37
N GLU G 159 49.99 32.05 8.45
CA GLU G 159 51.31 32.02 9.05
C GLU G 159 51.17 31.98 10.57
N PHE G 160 51.77 30.96 11.18
CA PHE G 160 51.63 30.75 12.62
C PHE G 160 52.58 31.68 13.35
N ASP G 161 52.02 32.63 14.10
CA ASP G 161 52.82 33.67 14.74
C ASP G 161 53.52 33.12 15.98
N GLU G 162 54.38 33.94 16.57
CA GLU G 162 55.12 33.59 17.78
C GLU G 162 54.83 34.64 18.85
N ASP G 163 53.95 34.29 19.79
CA ASP G 163 53.60 35.16 20.90
C ASP G 163 53.46 34.31 22.17
N VAL G 164 53.24 34.99 23.30
CA VAL G 164 53.30 34.33 24.60
C VAL G 164 51.89 34.17 25.14
N ASP G 165 50.92 34.90 24.57
CA ASP G 165 49.55 34.81 25.05
C ASP G 165 48.91 33.48 24.62
N VAL G 166 49.11 33.10 23.37
CA VAL G 166 48.65 31.79 22.90
C VAL G 166 49.49 30.67 23.52
N ALA G 167 50.79 30.93 23.69
CA ALA G 167 51.70 29.91 24.21
C ALA G 167 51.43 29.62 25.68
N GLU G 168 50.87 30.57 26.42
CA GLU G 168 50.53 30.33 27.81
C GLU G 168 49.37 29.34 27.93
N ILE G 169 48.42 29.41 26.99
CA ILE G 169 47.39 28.38 26.90
C ILE G 169 48.01 27.06 26.43
N ALA G 170 48.94 27.15 25.48
CA ALA G 170 49.51 25.96 24.85
C ALA G 170 50.33 25.13 25.82
N ASP G 171 51.08 25.78 26.71
CA ASP G 171 51.99 25.08 27.61
C ASP G 171 51.22 24.23 28.64
N MET G 172 50.03 24.67 29.01
CA MET G 172 49.18 23.87 29.88
C MET G 172 48.29 22.89 29.12
N VAL G 173 47.90 23.22 27.90
CA VAL G 173 47.07 22.31 27.10
C VAL G 173 47.88 21.09 26.66
N ALA G 174 49.15 21.28 26.34
CA ALA G 174 50.04 20.16 26.03
C ALA G 174 50.26 19.28 27.25
N GLY G 175 50.23 19.87 28.46
CA GLY G 175 50.30 19.07 29.67
C GLY G 175 49.09 18.18 29.86
N VAL G 176 47.91 18.66 29.45
CA VAL G 176 46.70 17.86 29.51
C VAL G 176 46.74 16.76 28.45
N LEU G 177 47.18 17.11 27.23
CA LEU G 177 47.12 16.18 26.11
C LEU G 177 48.34 15.25 26.07
N SER G 178 49.23 15.43 27.04
CA SER G 178 50.35 14.51 27.21
C SER G 178 50.08 13.59 28.38
N GLY G 179 49.23 14.04 29.31
CA GLY G 179 48.97 13.28 30.51
C GLY G 179 47.56 12.73 30.62
N GLU G 180 46.74 13.38 31.43
CA GLU G 180 45.44 12.83 31.82
C GLU G 180 44.48 13.99 32.05
N GLY G 181 43.23 13.65 32.38
CA GLY G 181 42.28 14.67 32.74
C GLY G 181 41.73 15.39 31.53
N PHE G 182 41.45 16.67 31.72
CA PHE G 182 40.83 17.50 30.68
C PHE G 182 41.06 18.97 31.02
N VAL G 183 40.77 19.82 30.05
CA VAL G 183 40.71 21.25 30.26
C VAL G 183 39.60 21.84 29.39
N THR G 184 38.67 22.56 30.01
CA THR G 184 37.57 23.21 29.32
C THR G 184 37.86 24.69 29.23
N LEU G 185 37.92 25.21 28.01
CA LEU G 185 38.20 26.61 27.75
C LEU G 185 37.07 27.20 26.91
N LYS G 186 36.43 28.25 27.42
CA LYS G 186 35.30 28.86 26.74
C LYS G 186 35.77 29.98 25.83
N VAL G 187 35.30 29.94 24.59
CA VAL G 187 35.77 30.82 23.53
C VAL G 187 34.62 31.75 23.14
N GLU G 188 34.91 33.05 23.13
CA GLU G 188 34.00 34.05 22.60
C GLU G 188 34.70 34.77 21.45
N HIS G 189 33.99 34.91 20.33
CA HIS G 189 34.46 35.67 19.18
C HIS G 189 33.57 36.90 19.02
N TYR G 190 34.18 38.09 18.99
CA TYR G 190 33.49 39.33 18.71
C TYR G 190 34.03 39.90 17.41
N MET G 191 33.16 40.04 16.41
CA MET G 191 33.59 40.45 15.06
C MET G 191 32.72 41.60 14.58
N LEU G 192 33.38 42.68 14.10
CA LEU G 192 32.70 43.75 13.37
C LEU G 192 32.58 43.38 11.90
N LEU G 193 31.45 42.77 11.55
CA LEU G 193 31.11 42.59 10.15
C LEU G 193 30.41 43.82 9.62
N GLY G 194 29.40 44.28 10.33
CA GLY G 194 28.67 45.47 9.92
C GLY G 194 27.33 45.53 10.60
N GLU G 195 26.67 46.67 10.44
CA GLU G 195 25.37 46.89 11.05
C GLU G 195 24.32 46.06 10.33
N GLY G 196 23.73 45.10 11.04
CA GLY G 196 22.74 44.21 10.46
C GLY G 196 23.29 43.27 9.41
N SER G 197 24.57 42.90 9.51
CA SER G 197 25.25 42.21 8.43
C SER G 197 24.74 40.77 8.27
N GLU G 198 25.29 40.09 7.26
CA GLU G 198 24.87 38.75 6.90
C GLU G 198 25.79 37.78 7.63
N VAL G 199 25.21 36.73 8.21
CA VAL G 199 25.97 35.76 8.99
C VAL G 199 25.71 34.36 8.46
N PHE G 200 26.70 33.49 8.64
CA PHE G 200 26.78 32.20 7.96
C PHE G 200 27.01 31.07 8.94
N PRO G 201 25.94 30.48 9.49
CA PRO G 201 26.09 29.28 10.30
C PRO G 201 26.24 28.04 9.44
N SER G 202 26.36 26.87 10.06
CA SER G 202 26.49 25.63 9.32
C SER G 202 25.15 25.22 8.73
N GLN G 203 25.15 24.90 7.44
CA GLN G 203 23.94 24.48 6.76
C GLN G 203 23.70 23.00 7.06
N GLU G 204 22.63 22.44 6.49
CA GLU G 204 22.26 21.06 6.79
C GLU G 204 21.75 20.41 5.51
N PHE G 205 21.82 19.10 5.46
CA PHE G 205 21.41 18.37 4.28
C PHE G 205 19.97 18.50 4.28
N VAL G 206 19.50 19.33 3.38
CA VAL G 206 18.09 19.43 3.24
C VAL G 206 17.68 18.09 2.73
N GLU G 207 16.89 17.39 3.51
CA GLU G 207 16.52 16.07 3.10
C GLU G 207 15.22 16.20 2.38
N ASN G 208 15.24 16.82 1.21
CA ASN G 208 14.02 17.06 0.47
C ASN G 208 12.94 17.60 1.39
N SER G 209 13.15 18.77 1.97
CA SER G 209 12.20 19.26 2.96
C SER G 209 11.67 20.67 2.82
N LYS G 210 11.09 21.00 1.68
CA LYS G 210 10.49 22.32 1.48
C LYS G 210 11.39 23.45 1.79
N LEU G 211 12.68 23.25 1.64
CA LEU G 211 13.62 24.24 1.94
C LEU G 211 14.70 23.91 0.99
N SER G 212 15.87 24.49 1.19
CA SER G 212 16.92 24.27 0.27
C SER G 212 18.22 24.70 0.85
N LYS G 213 18.21 25.22 2.06
CA LYS G 213 19.45 25.53 2.72
C LYS G 213 19.05 25.52 4.13
N GLN G 214 18.59 24.39 4.63
CA GLN G 214 18.13 24.35 5.97
C GLN G 214 19.30 24.70 6.76
N LEU G 215 19.26 25.76 7.55
CA LEU G 215 20.39 25.95 8.44
C LEU G 215 20.26 25.07 9.68
N PHE G 216 21.21 25.21 10.60
CA PHE G 216 21.25 24.43 11.83
C PHE G 216 20.74 25.30 12.97
N ASP G 217 19.62 24.92 13.56
CA ASP G 217 18.96 25.72 14.58
C ASP G 217 18.89 24.95 15.90
N LEU G 218 19.17 25.66 16.99
CA LEU G 218 19.04 25.12 18.34
C LEU G 218 17.97 25.94 19.05
N ASN G 219 16.75 25.38 19.09
CA ASN G 219 15.55 26.08 19.55
C ASN G 219 15.35 27.39 18.79
N GLY G 220 15.61 27.34 17.49
CA GLY G 220 15.46 28.49 16.62
C GLY G 220 16.63 29.46 16.58
N GLN G 221 17.74 29.12 17.23
CA GLN G 221 18.89 30.01 17.31
C GLN G 221 19.95 29.55 16.32
N ALA G 222 20.58 30.52 15.64
CA ALA G 222 21.62 30.23 14.66
C ALA G 222 22.83 29.59 15.33
N ALA G 223 23.30 28.50 14.74
CA ALA G 223 24.30 27.67 15.40
C ALA G 223 25.11 26.95 14.35
N MET G 224 26.43 26.94 14.51
CA MET G 224 27.29 26.12 13.69
C MET G 224 27.45 24.75 14.31
N HIS G 225 27.83 23.78 13.49
CA HIS G 225 28.00 22.42 13.96
C HIS G 225 29.25 22.29 14.82
N ASP G 226 29.26 21.30 15.69
CA ASP G 226 30.43 21.08 16.53
C ASP G 226 31.57 20.48 15.72
N GLN G 227 31.23 19.68 14.71
CA GLN G 227 32.28 19.14 13.85
C GLN G 227 32.80 20.20 12.89
N LYS G 228 31.99 21.22 12.58
CA LYS G 228 32.48 22.33 11.78
C LYS G 228 33.52 23.14 12.54
N ILE G 229 33.31 23.33 13.84
CA ILE G 229 34.34 23.95 14.67
C ILE G 229 35.54 23.03 14.80
N GLY G 230 35.29 21.73 14.99
CA GLY G 230 36.38 20.80 15.24
C GLY G 230 37.25 20.56 14.01
N ASN G 231 36.70 20.79 12.82
CA ASN G 231 37.50 20.73 11.61
C ASN G 231 38.50 21.88 11.56
N ALA G 232 38.04 23.09 11.84
CA ALA G 232 38.94 24.24 11.85
C ALA G 232 39.83 24.27 13.09
N ILE G 233 39.48 23.47 14.11
CA ILE G 233 40.37 23.24 15.23
C ILE G 233 41.65 22.58 14.75
N ARG G 234 41.51 21.56 13.89
CA ARG G 234 42.62 20.70 13.51
C ARG G 234 43.23 21.09 12.17
N THR G 235 43.16 22.37 11.80
CA THR G 235 43.84 22.86 10.60
C THR G 235 45.33 23.01 10.93
N ILE G 236 46.02 21.87 10.94
CA ILE G 236 47.40 21.80 11.40
C ILE G 236 48.36 21.37 10.30
N ASP G 237 47.88 20.67 9.26
CA ASP G 237 48.76 20.05 8.25
C ASP G 237 49.52 21.05 7.40
N THR G 238 50.82 21.19 7.67
CA THR G 238 51.70 22.05 6.90
C THR G 238 52.93 21.30 6.39
N TRP G 239 53.00 19.98 6.56
CA TRP G 239 54.27 19.27 6.40
C TRP G 239 54.29 18.33 5.19
N TYR G 240 53.24 18.28 4.39
CA TYR G 240 53.33 17.59 3.11
C TYR G 240 54.07 18.46 2.11
N GLU G 241 54.46 17.84 0.99
CA GLU G 241 55.50 18.43 0.15
C GLU G 241 54.97 19.42 -0.88
N ASP G 242 54.10 20.34 -0.46
CA ASP G 242 53.48 21.36 -1.29
C ASP G 242 52.65 22.25 -0.38
N ALA G 243 52.32 23.45 -0.89
CA ALA G 243 51.15 24.25 -0.51
C ALA G 243 51.10 24.55 0.99
N THR G 244 52.04 25.40 1.42
CA THR G 244 52.31 25.66 2.84
C THR G 244 51.18 26.36 3.59
N THR G 245 50.04 26.64 2.96
CA THR G 245 48.85 27.02 3.70
C THR G 245 48.43 25.86 4.60
N PRO G 246 47.97 26.14 5.82
CA PRO G 246 47.61 25.04 6.74
C PRO G 246 46.35 24.32 6.33
N ILE G 247 46.37 23.00 6.49
CA ILE G 247 45.30 22.09 6.09
C ILE G 247 44.80 21.33 7.32
N ALA G 248 43.53 20.96 7.29
CA ALA G 248 42.97 20.07 8.30
C ALA G 248 43.63 18.70 8.24
N VAL G 249 43.80 18.09 9.41
CA VAL G 249 44.38 16.75 9.44
C VAL G 249 43.30 15.73 9.14
N GLU G 250 43.72 14.62 8.56
CA GLU G 250 42.84 13.56 8.09
C GLU G 250 43.71 12.31 7.92
N PRO G 251 43.14 11.12 8.06
CA PRO G 251 43.89 9.89 7.74
C PRO G 251 44.43 9.82 6.33
N TYR G 252 43.78 10.47 5.37
CA TYR G 252 44.37 10.63 4.05
C TYR G 252 44.86 12.04 3.78
N GLY G 253 44.69 12.95 4.74
CA GLY G 253 45.15 14.34 4.62
C GLY G 253 44.53 15.10 3.47
N SER G 254 43.22 15.33 3.54
CA SER G 254 42.47 15.81 2.39
C SER G 254 41.41 16.82 2.81
N VAL G 255 41.02 17.66 1.86
CA VAL G 255 39.81 18.48 1.97
C VAL G 255 38.82 17.99 0.94
N VAL G 256 37.53 18.13 1.25
CA VAL G 256 36.49 17.75 0.30
C VAL G 256 36.27 18.84 -0.74
N ARG G 257 36.48 20.11 -0.38
CA ARG G 257 36.08 21.23 -1.23
C ARG G 257 36.93 21.35 -2.49
N ASN G 258 38.25 21.23 -2.37
CA ASN G 258 39.09 21.23 -3.56
C ASN G 258 39.07 19.90 -4.29
N GLY G 259 38.61 18.83 -3.63
CA GLY G 259 38.52 17.53 -4.26
C GLY G 259 39.83 16.84 -4.53
N VAL G 260 40.90 17.21 -3.84
CA VAL G 260 42.21 16.60 -4.03
C VAL G 260 42.81 16.29 -2.66
N ALA G 261 43.35 15.09 -2.51
CA ALA G 261 43.99 14.66 -1.26
C ALA G 261 45.45 15.07 -1.26
N TYR G 262 45.96 15.49 -0.11
CA TYR G 262 47.34 15.97 -0.03
C TYR G 262 48.34 14.97 0.55
N ARG G 263 47.90 14.13 1.47
CA ARG G 263 48.78 13.11 2.03
C ARG G 263 48.57 11.78 1.34
N ALA G 264 47.45 11.63 0.63
CA ALA G 264 47.22 10.40 -0.12
C ALA G 264 47.85 10.53 -1.50
N GLY G 265 48.21 9.39 -2.09
CA GLY G 265 48.83 9.40 -3.41
C GLY G 265 50.33 9.33 -3.33
N ASN G 266 50.90 9.74 -2.20
CA ASN G 266 52.34 9.72 -2.03
C ASN G 266 52.69 8.84 -0.84
N LYS G 267 51.85 7.84 -0.56
CA LYS G 267 52.08 6.92 0.57
C LYS G 267 52.37 7.62 1.89
N THR G 268 51.74 8.75 2.13
CA THR G 268 51.93 9.47 3.38
C THR G 268 50.60 9.46 4.09
N ASP G 269 49.70 8.58 3.64
CA ASP G 269 48.41 8.46 4.32
C ASP G 269 48.69 7.91 5.70
N LEU G 270 47.95 8.36 6.70
CA LEU G 270 48.20 7.98 8.10
C LEU G 270 48.48 6.50 8.26
N PHE G 271 47.71 5.66 7.55
CA PHE G 271 47.69 4.22 7.76
C PHE G 271 49.04 3.57 7.43
N THR G 272 49.81 4.20 6.55
CA THR G 272 51.16 3.73 6.29
C THR G 272 52.08 4.03 7.46
N LEU G 273 52.04 5.26 7.99
CA LEU G 273 53.06 5.65 8.95
C LEU G 273 52.72 5.34 10.41
N MET G 274 51.50 4.92 10.73
CA MET G 274 51.37 4.26 12.03
C MET G 274 51.71 2.79 11.96
N ASP G 275 51.45 2.12 10.84
CA ASP G 275 51.86 0.73 10.68
C ASP G 275 53.38 0.60 10.65
N GLY G 276 54.06 1.55 10.02
CA GLY G 276 55.51 1.53 10.03
C GLY G 276 56.09 1.81 11.40
N ALA G 277 55.47 2.71 12.16
CA ALA G 277 55.93 2.99 13.52
C ALA G 277 55.65 1.82 14.45
N VAL G 278 54.54 1.12 14.23
CA VAL G 278 54.23 -0.08 15.01
C VAL G 278 55.22 -1.19 14.68
N ASN G 279 55.50 -1.38 13.38
CA ASN G 279 56.44 -2.42 12.96
C ASN G 279 57.88 -2.08 13.33
N GLY G 280 58.21 -0.80 13.44
CA GLY G 280 59.47 -0.42 14.03
C GLY G 280 60.41 0.45 13.21
N LYS G 281 59.94 1.01 12.10
CA LYS G 281 60.81 1.91 11.36
C LYS G 281 60.86 3.27 12.04
N SER G 282 61.93 4.01 11.77
CA SER G 282 62.17 5.27 12.45
C SER G 282 61.28 6.37 11.89
N LEU G 283 61.03 7.39 12.72
CA LEU G 283 60.24 8.55 12.33
C LEU G 283 61.01 9.82 12.68
N THR G 284 60.71 10.87 11.92
CA THR G 284 61.21 12.21 12.21
C THR G 284 60.24 12.89 13.18
N GLU G 285 60.35 14.21 13.32
CA GLU G 285 59.35 14.93 14.10
C GLU G 285 58.16 15.33 13.24
N GLU G 286 58.38 15.52 11.94
CA GLU G 286 57.29 15.94 11.05
C GLU G 286 56.22 14.86 10.91
N ASP G 287 56.63 13.62 10.69
CA ASP G 287 55.68 12.55 10.47
C ASP G 287 55.03 12.05 11.76
N GLN G 288 55.77 12.04 12.88
CA GLN G 288 55.27 11.60 14.19
C GLN G 288 54.14 12.48 14.71
N MET G 289 54.33 13.79 14.60
CA MET G 289 53.30 14.71 15.05
C MET G 289 52.09 14.71 14.14
N PHE G 290 52.21 14.25 12.89
CA PHE G 290 51.03 13.91 12.10
C PHE G 290 50.22 12.77 12.74
N VAL G 291 50.89 11.72 13.20
CA VAL G 291 50.19 10.57 13.77
C VAL G 291 49.48 10.96 15.06
N THR G 292 50.15 11.73 15.93
CA THR G 292 49.44 12.08 17.16
C THR G 292 48.40 13.18 16.91
N ALA G 293 48.62 14.06 15.92
CA ALA G 293 47.64 15.08 15.57
C ALA G 293 46.40 14.48 14.95
N ASN G 294 46.54 13.32 14.33
CA ASN G 294 45.38 12.62 13.82
C ASN G 294 44.76 11.69 14.84
N LEU G 295 45.58 11.17 15.76
CA LEU G 295 45.06 10.29 16.79
C LEU G 295 44.23 11.07 17.79
N ILE G 296 44.59 12.34 18.02
CA ILE G 296 43.80 13.18 18.91
C ILE G 296 42.48 13.57 18.26
N ARG G 297 42.44 13.59 16.92
CA ARG G 297 41.18 13.79 16.21
C ARG G 297 40.26 12.59 16.38
N GLY G 298 40.82 11.39 16.31
CA GLY G 298 40.05 10.17 16.46
C GLY G 298 39.41 9.72 15.16
N GLY G 299 38.83 8.53 15.21
CA GLY G 299 38.16 8.03 14.02
C GLY G 299 38.07 6.51 14.07
N VAL G 300 37.95 5.93 12.88
CA VAL G 300 38.02 4.49 12.69
C VAL G 300 39.24 4.18 11.84
N PHE G 301 40.13 3.34 12.38
CA PHE G 301 41.33 2.92 11.65
C PHE G 301 41.31 1.39 11.65
N GLY G 302 40.60 0.80 10.69
CA GLY G 302 40.50 -0.64 10.60
C GLY G 302 39.66 -1.11 9.44
N GLY G 303 40.03 -2.26 8.88
CA GLY G 303 39.29 -2.82 7.76
C GLY G 303 40.01 -3.98 7.09
N MET H 1 -13.94 64.64 -33.58
CA MET H 1 -12.51 64.79 -33.80
C MET H 1 -11.88 64.70 -32.42
N TYR H 2 -10.74 64.03 -32.33
CA TYR H 2 -10.14 63.70 -31.04
C TYR H 2 -8.76 64.29 -30.82
N ASN H 3 -7.94 64.41 -31.88
CA ASN H 3 -6.55 64.87 -31.87
C ASN H 3 -5.70 64.23 -30.76
N THR H 4 -5.59 62.91 -30.86
CA THR H 4 -5.06 62.07 -29.80
C THR H 4 -3.56 62.25 -29.61
N ILE H 5 -3.12 62.18 -28.35
CA ILE H 5 -1.71 62.07 -28.00
C ILE H 5 -1.52 60.74 -27.29
N SER H 6 -0.27 60.29 -27.24
CA SER H 6 0.06 59.01 -26.63
C SER H 6 1.08 59.20 -25.52
N ILE H 7 1.06 58.26 -24.57
CA ILE H 7 2.00 58.22 -23.47
C ILE H 7 2.62 56.83 -23.44
N THR H 8 3.91 56.78 -23.14
CA THR H 8 4.69 55.55 -23.11
C THR H 8 5.31 55.37 -21.73
N VAL H 9 5.61 54.12 -21.40
CA VAL H 9 6.32 53.77 -20.17
C VAL H 9 7.60 53.06 -20.61
N VAL H 10 8.66 53.82 -20.81
CA VAL H 10 9.89 53.29 -21.39
C VAL H 10 10.76 52.68 -20.29
N ASP H 11 11.19 51.43 -20.51
CA ASP H 11 12.13 50.68 -19.67
C ASP H 11 11.59 50.51 -18.25
N ALA H 12 10.49 49.78 -18.17
CA ALA H 12 9.89 49.40 -16.90
C ALA H 12 9.79 47.87 -16.77
N ASP H 13 10.79 47.16 -17.28
CA ASP H 13 10.80 45.71 -17.18
C ASP H 13 11.06 45.23 -15.76
N ASP H 14 11.97 45.92 -15.05
CA ASP H 14 12.33 45.52 -13.70
C ASP H 14 11.31 45.94 -12.65
N VAL H 15 10.45 46.89 -12.97
CA VAL H 15 9.45 47.36 -12.02
C VAL H 15 8.02 46.97 -12.41
N GLY H 16 7.81 46.48 -13.63
CA GLY H 16 6.48 46.14 -14.09
C GLY H 16 5.81 47.33 -14.74
N VAL H 17 5.50 47.23 -16.04
CA VAL H 17 5.08 48.39 -16.82
C VAL H 17 3.70 48.85 -16.40
N ASN H 18 2.74 47.92 -16.33
CA ASN H 18 1.35 48.28 -16.10
C ASN H 18 1.15 48.68 -14.63
N PHE H 19 2.09 48.30 -13.75
CA PHE H 19 2.15 48.90 -12.42
C PHE H 19 2.43 50.41 -12.50
N VAL H 20 3.34 50.82 -13.38
CA VAL H 20 3.61 52.26 -13.56
C VAL H 20 2.41 52.96 -14.19
N VAL H 21 1.70 52.26 -15.09
CA VAL H 21 0.45 52.83 -15.63
C VAL H 21 -0.61 52.96 -14.54
N SER H 22 -0.67 52.01 -13.61
CA SER H 22 -1.59 52.10 -12.49
C SER H 22 -1.25 53.28 -11.59
N LYS H 23 0.05 53.51 -11.36
CA LYS H 23 0.46 54.67 -10.58
C LYS H 23 0.16 55.97 -11.30
N VAL H 24 0.32 55.99 -12.63
CA VAL H 24 0.00 57.18 -13.43
C VAL H 24 -1.48 57.49 -13.35
N LEU H 25 -2.33 56.47 -13.50
CA LEU H 25 -3.78 56.66 -13.44
C LEU H 25 -4.23 57.04 -12.03
N SER H 26 -3.57 56.50 -11.00
CA SER H 26 -3.91 56.89 -9.63
C SER H 26 -3.50 58.32 -9.33
N THR H 27 -2.37 58.78 -9.88
CA THR H 27 -1.92 60.14 -9.64
C THR H 27 -2.77 61.16 -10.39
N LEU H 28 -3.23 60.81 -11.61
CA LEU H 28 -4.15 61.72 -12.28
C LEU H 28 -5.58 61.56 -11.76
N HIS H 29 -5.86 60.51 -10.99
CA HIS H 29 -7.18 60.33 -10.41
C HIS H 29 -7.43 61.31 -9.28
N ASN H 30 -6.42 61.55 -8.43
CA ASN H 30 -6.61 62.30 -7.20
C ASN H 30 -6.03 63.71 -7.24
N LYS H 31 -5.62 64.19 -8.42
CA LYS H 31 -4.94 65.49 -8.51
C LYS H 31 -5.39 66.20 -9.79
N GLY H 32 -6.31 67.16 -9.64
CA GLY H 32 -6.58 68.07 -10.73
C GLY H 32 -7.58 67.54 -11.73
N ILE H 33 -7.05 66.97 -12.81
CA ILE H 33 -7.80 66.46 -13.94
C ILE H 33 -8.59 65.21 -13.58
N PHE H 34 -9.41 64.75 -14.53
CA PHE H 34 -10.22 63.53 -14.46
C PHE H 34 -11.31 63.65 -13.40
N ASN H 35 -12.12 64.68 -13.55
CA ASN H 35 -13.31 64.91 -12.75
C ASN H 35 -14.52 65.16 -13.64
N GLY H 36 -14.68 64.34 -14.67
CA GLY H 36 -15.72 64.52 -15.66
C GLY H 36 -15.27 65.16 -16.95
N GLU H 37 -13.97 65.18 -17.23
CA GLU H 37 -13.45 65.81 -18.45
C GLU H 37 -13.44 64.76 -19.57
N VAL H 38 -12.76 65.05 -20.69
CA VAL H 38 -13.15 64.49 -21.99
C VAL H 38 -12.83 62.99 -22.09
N GLY H 39 -11.66 62.55 -21.63
CA GLY H 39 -11.43 61.12 -21.45
C GLY H 39 -10.04 60.66 -21.83
N VAL H 40 -9.89 59.33 -21.83
CA VAL H 40 -8.63 58.64 -22.10
C VAL H 40 -8.96 57.32 -22.81
N THR H 41 -7.93 56.70 -23.40
CA THR H 41 -8.11 55.51 -24.22
C THR H 41 -6.90 54.58 -24.10
N PHE H 42 -7.15 53.32 -23.78
CA PHE H 42 -6.13 52.28 -23.85
C PHE H 42 -6.27 51.57 -25.19
N PRO H 43 -5.43 51.85 -26.18
CA PRO H 43 -5.72 51.40 -27.55
C PRO H 43 -5.45 49.93 -27.82
N ARG H 44 -4.73 49.23 -26.97
CA ARG H 44 -4.27 47.88 -27.31
C ARG H 44 -4.77 46.82 -26.35
N MET H 45 -6.08 46.80 -26.07
CA MET H 45 -6.61 45.86 -25.09
C MET H 45 -6.59 44.42 -25.60
N ASP H 46 -5.43 43.79 -25.49
CA ASP H 46 -5.29 42.37 -25.77
C ASP H 46 -4.10 41.88 -24.96
N LYS H 47 -4.39 41.18 -23.86
CA LYS H 47 -3.39 40.50 -23.00
C LYS H 47 -2.39 41.49 -22.42
N ASN H 48 -2.88 42.25 -21.42
CA ASN H 48 -2.07 43.06 -20.50
C ASN H 48 -1.33 44.20 -21.20
N VAL H 49 -2.09 45.27 -21.52
CA VAL H 49 -1.77 46.39 -22.42
C VAL H 49 -0.32 46.91 -22.37
N GLY H 50 0.18 47.24 -21.18
CA GLY H 50 1.56 47.65 -21.07
C GLY H 50 1.87 49.10 -21.40
N ASP H 51 2.38 49.33 -22.61
CA ASP H 51 3.16 50.53 -22.89
C ASP H 51 2.32 51.78 -23.14
N ILE H 52 1.50 51.78 -24.19
CA ILE H 52 0.98 53.02 -24.76
C ILE H 52 -0.42 53.27 -24.26
N ILE H 53 -0.66 54.45 -23.70
CA ILE H 53 -1.99 54.91 -23.31
C ILE H 53 -2.27 56.22 -24.01
N THR H 54 -3.40 56.31 -24.70
CA THR H 54 -3.72 57.46 -25.52
C THR H 54 -4.75 58.34 -24.83
N LEU H 55 -4.44 59.62 -24.71
CA LEU H 55 -5.38 60.62 -24.20
C LEU H 55 -5.65 61.60 -25.32
N PHE H 56 -6.93 61.80 -25.65
CA PHE H 56 -7.18 62.61 -26.84
C PHE H 56 -7.21 64.10 -26.57
N SER H 57 -7.88 64.53 -25.49
CA SER H 57 -7.97 65.93 -25.06
C SER H 57 -8.56 66.81 -26.17
N LYS H 58 -9.85 66.57 -26.43
CA LYS H 58 -10.58 67.26 -27.49
C LYS H 58 -10.60 68.77 -27.30
N THR H 59 -10.61 69.23 -26.05
CA THR H 59 -10.57 70.66 -25.75
C THR H 59 -9.12 71.12 -25.56
N GLY H 60 -8.30 70.83 -26.56
CA GLY H 60 -6.91 71.27 -26.57
C GLY H 60 -5.98 70.43 -25.73
N VAL H 61 -4.74 70.27 -26.19
CA VAL H 61 -3.71 69.52 -25.48
C VAL H 61 -2.72 70.52 -24.91
N ASP H 62 -2.50 70.46 -23.60
CA ASP H 62 -1.57 71.35 -22.92
C ASP H 62 -0.27 70.60 -22.65
N ARG H 63 0.85 71.16 -23.12
CA ARG H 63 2.16 70.54 -22.94
C ARG H 63 2.63 70.61 -21.48
N LYS H 64 2.29 71.68 -20.77
CA LYS H 64 2.76 71.86 -19.41
C LYS H 64 2.03 70.95 -18.43
N VAL H 65 0.77 70.60 -18.73
CA VAL H 65 -0.01 69.72 -17.86
C VAL H 65 0.59 68.32 -17.84
N LEU H 66 1.09 67.86 -18.99
CA LEU H 66 1.72 66.55 -19.09
C LEU H 66 3.02 66.44 -18.28
N THR H 67 3.66 67.56 -17.99
CA THR H 67 4.85 67.58 -17.14
C THR H 67 4.55 67.96 -15.70
N SER H 68 3.53 68.79 -15.45
CA SER H 68 3.21 69.20 -14.10
C SER H 68 2.53 68.11 -13.29
N THR H 69 1.91 67.13 -13.95
CA THR H 69 1.30 66.01 -13.26
C THR H 69 2.15 64.75 -13.27
N LEU H 70 3.15 64.68 -14.14
CA LEU H 70 4.03 63.53 -14.25
C LEU H 70 5.48 63.89 -13.92
N ASN H 71 5.68 64.92 -13.11
CA ASN H 71 7.02 65.32 -12.72
C ASN H 71 7.66 64.33 -11.75
N THR H 72 6.86 63.58 -11.01
CA THR H 72 7.37 62.59 -10.08
C THR H 72 7.83 61.31 -10.76
N LEU H 73 7.37 61.04 -11.98
CA LEU H 73 7.66 59.80 -12.68
C LEU H 73 8.36 60.07 -14.01
N THR H 74 9.34 60.98 -14.00
CA THR H 74 10.03 61.32 -15.24
C THR H 74 11.03 60.26 -15.69
N ASP H 75 11.42 59.34 -14.79
CA ASP H 75 12.42 58.34 -15.15
C ASP H 75 11.88 57.24 -16.05
N PHE H 76 10.56 57.06 -16.11
CA PHE H 76 9.97 55.96 -16.87
C PHE H 76 9.06 56.41 -18.01
N ILE H 77 8.62 57.67 -18.03
CA ILE H 77 7.56 58.13 -18.93
C ILE H 77 8.15 59.06 -19.97
N HIS H 78 7.87 58.77 -21.24
CA HIS H 78 8.24 59.63 -22.37
C HIS H 78 6.95 60.18 -22.97
N ILE H 79 6.95 61.48 -23.26
CA ILE H 79 5.74 62.18 -23.67
C ILE H 79 5.66 62.22 -25.19
N GLY H 80 4.56 61.69 -25.75
CA GLY H 80 4.37 61.68 -27.18
C GLY H 80 3.86 63.00 -27.73
N LYS H 81 3.75 63.04 -29.08
CA LYS H 81 3.36 64.18 -29.88
C LYS H 81 1.89 64.09 -30.27
N PRO H 82 1.23 65.24 -30.49
CA PRO H 82 -0.17 65.20 -30.96
C PRO H 82 -0.30 64.61 -32.36
N LYS H 83 -1.37 63.85 -32.55
CA LYS H 83 -1.67 63.20 -33.82
C LYS H 83 -3.07 63.58 -34.25
N GLU H 84 -3.20 64.08 -35.48
CA GLU H 84 -4.49 64.51 -36.01
C GLU H 84 -5.24 63.27 -36.50
N ALA H 85 -6.06 62.69 -35.64
CA ALA H 85 -6.80 61.47 -35.97
C ALA H 85 -8.04 61.37 -35.09
N ASP H 86 -9.10 60.78 -35.65
CA ASP H 86 -10.33 60.47 -34.91
C ASP H 86 -10.64 58.99 -35.19
N LYS H 87 -10.03 58.11 -34.40
CA LYS H 87 -10.24 56.68 -34.56
C LYS H 87 -10.32 55.89 -33.26
N VAL H 88 -9.90 56.46 -32.12
CA VAL H 88 -9.79 55.70 -30.89
C VAL H 88 -11.17 55.57 -30.23
N LYS H 89 -11.27 54.68 -29.24
CA LYS H 89 -12.54 54.26 -28.67
C LYS H 89 -12.53 54.51 -27.16
N THR H 90 -13.72 54.55 -26.56
CA THR H 90 -13.83 54.68 -25.11
C THR H 90 -14.49 53.44 -24.53
N TYR H 91 -14.04 53.07 -23.33
CA TYR H 91 -14.35 51.80 -22.68
C TYR H 91 -14.96 52.04 -21.31
N ARG H 92 -15.55 50.98 -20.75
CA ARG H 92 -16.32 51.07 -19.53
C ARG H 92 -15.79 50.05 -18.53
N LYS H 93 -15.87 50.36 -17.24
CA LYS H 93 -15.63 49.39 -16.19
C LYS H 93 -16.93 48.67 -15.86
N VAL H 94 -16.89 47.35 -15.86
CA VAL H 94 -18.00 46.55 -15.35
C VAL H 94 -17.70 46.27 -13.88
N ASP H 95 -18.71 45.86 -13.13
CA ASP H 95 -18.53 45.61 -11.70
C ASP H 95 -19.06 44.22 -11.35
N THR H 96 -18.22 43.43 -10.68
CA THR H 96 -18.59 42.10 -10.20
C THR H 96 -18.42 42.05 -8.69
N LYS H 97 -19.34 41.35 -8.02
CA LYS H 97 -19.35 41.27 -6.57
C LYS H 97 -19.21 39.82 -6.11
N SER H 98 -18.80 39.64 -4.87
CA SER H 98 -18.66 38.32 -4.29
C SER H 98 -20.00 37.89 -3.69
N LYS H 99 -20.07 36.66 -3.18
CA LYS H 99 -21.30 36.14 -2.57
C LYS H 99 -21.66 36.91 -1.30
N GLY H 100 -20.66 37.18 -0.46
CA GLY H 100 -20.89 37.93 0.76
C GLY H 100 -21.28 39.37 0.51
N LYS H 101 -20.91 39.91 -0.65
CA LYS H 101 -21.32 41.27 -1.01
C LYS H 101 -22.82 41.36 -1.18
N LEU H 102 -23.43 40.40 -1.88
CA LEU H 102 -24.88 40.40 -2.00
C LEU H 102 -25.55 39.95 -0.71
N ILE H 103 -24.83 39.17 0.12
CA ILE H 103 -25.32 38.86 1.47
C ILE H 103 -25.49 40.14 2.30
N ARG H 104 -24.49 41.02 2.25
CA ARG H 104 -24.61 42.30 2.96
C ARG H 104 -25.59 43.24 2.27
N ARG H 105 -25.76 43.10 0.95
CA ARG H 105 -26.76 43.89 0.23
C ARG H 105 -28.17 43.55 0.71
N CYS H 106 -28.45 42.27 0.92
CA CYS H 106 -29.75 41.89 1.45
C CYS H 106 -29.82 41.90 2.96
N ILE H 107 -28.71 42.13 3.66
CA ILE H 107 -28.81 42.43 5.09
C ILE H 107 -28.99 43.92 5.36
N LYS H 108 -28.68 44.80 4.39
CA LYS H 108 -28.81 46.23 4.65
C LYS H 108 -30.27 46.66 4.69
N ARG H 109 -31.09 46.20 3.75
CA ARG H 109 -32.51 46.53 3.74
C ARG H 109 -33.30 45.34 3.19
N LYS H 110 -34.56 45.60 2.84
CA LYS H 110 -35.61 44.69 2.36
C LYS H 110 -36.08 43.67 3.39
N GLY H 111 -35.54 43.68 4.61
CA GLY H 111 -36.16 42.95 5.71
C GLY H 111 -35.55 41.60 6.04
N VAL H 112 -34.70 41.57 7.07
CA VAL H 112 -34.25 40.33 7.69
C VAL H 112 -34.46 40.49 9.18
N SER H 113 -35.09 39.50 9.82
CA SER H 113 -35.39 39.63 11.24
C SER H 113 -34.13 39.45 12.08
N ALA H 114 -33.59 38.23 12.11
CA ALA H 114 -32.22 38.02 12.56
C ALA H 114 -31.40 37.26 11.54
N GLU H 115 -31.82 36.06 11.15
CA GLU H 115 -31.05 35.21 10.24
C GLU H 115 -31.91 34.46 9.22
N THR H 116 -33.24 34.50 9.34
CA THR H 116 -34.08 33.61 8.54
C THR H 116 -34.12 34.01 7.08
N ALA H 117 -34.27 35.32 6.81
CA ALA H 117 -34.24 35.78 5.42
C ALA H 117 -32.81 35.80 4.88
N GLU H 118 -31.82 35.81 5.78
CA GLU H 118 -30.43 35.60 5.35
C GLU H 118 -30.22 34.17 4.86
N SER H 119 -30.89 33.20 5.49
CA SER H 119 -30.71 31.80 5.12
C SER H 119 -31.35 31.47 3.78
N LEU H 120 -32.42 32.19 3.39
CA LEU H 120 -33.03 31.99 2.09
C LEU H 120 -32.14 32.46 0.94
N TYR H 121 -31.20 33.37 1.20
CA TYR H 121 -30.22 33.76 0.20
C TYR H 121 -28.87 33.11 0.48
N GLY H 122 -28.81 32.16 1.40
CA GLY H 122 -27.54 31.52 1.74
C GLY H 122 -27.05 30.59 0.64
N ASN H 123 -27.97 30.15 -0.22
CA ASN H 123 -27.57 29.44 -1.42
C ASN H 123 -26.82 30.37 -2.38
N TYR H 124 -25.97 29.78 -3.21
CA TYR H 124 -25.10 30.57 -4.07
C TYR H 124 -25.89 31.26 -5.18
N LYS H 125 -25.32 32.36 -5.69
CA LYS H 125 -25.92 33.17 -6.72
C LYS H 125 -25.46 32.79 -8.12
N GLY H 126 -24.16 32.57 -8.31
CA GLY H 126 -23.63 32.21 -9.60
C GLY H 126 -22.78 33.30 -10.22
N GLU H 127 -22.48 34.34 -9.44
CA GLU H 127 -21.68 35.45 -9.94
C GLU H 127 -20.21 35.13 -9.71
N LYS H 128 -19.52 34.76 -10.77
CA LYS H 128 -18.10 34.45 -10.70
C LYS H 128 -17.28 35.60 -11.27
N CYS H 129 -15.96 35.40 -11.40
CA CYS H 129 -15.09 36.42 -11.94
C CYS H 129 -14.50 35.94 -13.26
N LYS H 130 -14.76 36.70 -14.33
CA LYS H 130 -14.16 36.44 -15.63
C LYS H 130 -12.84 37.20 -15.76
N LEU H 131 -12.16 37.11 -16.91
CA LEU H 131 -10.81 37.67 -16.92
C LEU H 131 -10.42 38.43 -18.20
N PRO H 132 -11.20 39.44 -18.67
CA PRO H 132 -10.71 40.22 -19.82
C PRO H 132 -9.51 41.11 -19.51
N TYR H 133 -9.68 42.05 -18.56
CA TYR H 133 -8.71 43.09 -18.20
C TYR H 133 -9.05 43.59 -16.80
N ILE H 134 -8.30 43.14 -15.80
CA ILE H 134 -8.60 43.56 -14.43
C ILE H 134 -7.36 44.35 -14.01
N VAL H 135 -7.44 45.68 -14.11
CA VAL H 135 -6.25 46.52 -13.97
C VAL H 135 -6.23 47.14 -12.58
N VAL H 136 -5.08 47.01 -11.89
CA VAL H 136 -4.97 47.54 -10.53
C VAL H 136 -4.99 49.06 -10.54
N ASN H 137 -5.48 49.63 -9.43
CA ASN H 137 -5.51 51.06 -9.23
C ASN H 137 -5.66 51.33 -7.73
N SER H 138 -4.99 52.39 -7.27
CA SER H 138 -5.13 52.79 -5.88
C SER H 138 -6.49 53.46 -5.66
N LYS H 139 -6.95 53.40 -4.41
CA LYS H 139 -8.24 53.95 -4.03
C LYS H 139 -8.10 54.70 -2.71
N SER H 140 -8.61 55.92 -2.66
CA SER H 140 -8.58 56.68 -1.41
C SER H 140 -9.58 56.13 -0.41
N THR H 141 -10.69 55.58 -0.89
CA THR H 141 -11.73 55.02 -0.02
C THR H 141 -11.61 53.49 0.08
N GLY H 142 -11.37 52.83 -1.04
CA GLY H 142 -11.14 51.40 -1.04
C GLY H 142 -9.71 51.05 -0.72
N GLN H 143 -9.30 49.81 -0.96
CA GLN H 143 -7.94 49.36 -0.65
C GLN H 143 -7.31 48.69 -1.88
N ARG H 144 -6.77 49.55 -2.78
CA ARG H 144 -6.05 49.20 -4.00
C ARG H 144 -6.79 48.16 -4.85
N PHE H 145 -8.04 48.43 -5.17
CA PHE H 145 -8.93 47.45 -5.78
C PHE H 145 -9.02 47.65 -7.29
N SER H 146 -9.04 46.53 -8.02
CA SER H 146 -8.65 46.50 -9.42
C SER H 146 -9.83 46.45 -10.38
N MET H 147 -9.89 47.41 -11.30
CA MET H 147 -11.08 47.65 -12.12
C MET H 147 -11.20 46.61 -13.24
N PHE H 148 -12.35 45.94 -13.25
CA PHE H 148 -12.84 45.14 -14.36
C PHE H 148 -13.17 46.02 -15.56
N LEU H 149 -12.50 45.78 -16.69
CA LEU H 149 -12.71 46.59 -17.89
C LEU H 149 -13.43 45.81 -18.98
N GLU H 150 -14.12 46.54 -19.85
CA GLU H 150 -14.79 45.99 -21.01
C GLU H 150 -14.91 47.08 -22.06
N GLU H 151 -14.99 46.66 -23.33
CA GLU H 151 -15.14 47.57 -24.45
C GLU H 151 -16.60 47.93 -24.64
N CYS H 152 -16.87 49.22 -24.84
CA CYS H 152 -18.24 49.70 -25.01
C CYS H 152 -18.24 50.78 -26.08
N GLU H 153 -19.36 51.50 -26.20
CA GLU H 153 -19.58 52.50 -27.23
C GLU H 153 -19.43 53.90 -26.66
N ASN H 154 -19.51 54.88 -27.56
CA ASN H 154 -19.39 56.28 -27.19
C ASN H 154 -20.59 56.73 -26.37
N SER H 155 -20.33 57.50 -25.31
CA SER H 155 -21.38 57.99 -24.43
C SER H 155 -21.29 59.47 -24.12
N GLU H 156 -20.10 60.09 -24.27
CA GLU H 156 -19.84 61.52 -24.03
C GLU H 156 -20.13 61.95 -22.58
N LYS H 157 -20.08 61.01 -21.65
CA LYS H 157 -20.17 61.31 -20.22
C LYS H 157 -19.12 60.45 -19.53
N PHE H 158 -18.16 61.09 -18.88
CA PHE H 158 -16.99 60.39 -18.38
C PHE H 158 -16.79 60.67 -16.89
N ASN H 159 -16.04 59.79 -16.23
CA ASN H 159 -15.73 59.90 -14.81
C ASN H 159 -14.24 59.87 -14.53
N SER H 160 -13.90 59.71 -13.25
CA SER H 160 -12.49 59.59 -12.86
C SER H 160 -11.90 58.24 -13.25
N TYR H 161 -12.72 57.24 -13.56
CA TYR H 161 -12.23 55.97 -14.07
C TYR H 161 -12.77 55.61 -15.44
N GLY H 162 -14.07 55.61 -15.62
CA GLY H 162 -14.65 55.10 -16.85
C GLY H 162 -15.90 55.84 -17.29
N LEU H 163 -16.69 55.18 -18.14
CA LEU H 163 -17.85 55.80 -18.76
C LEU H 163 -19.02 55.90 -17.77
N CYS H 164 -20.04 56.64 -18.19
CA CYS H 164 -21.24 56.87 -17.39
C CYS H 164 -22.47 56.36 -18.16
N ILE H 165 -23.64 56.65 -17.62
CA ILE H 165 -24.91 56.44 -18.31
C ILE H 165 -25.74 57.71 -18.20
N VAL H 166 -26.53 57.97 -19.24
CA VAL H 166 -27.36 59.16 -19.29
C VAL H 166 -28.61 58.89 -20.13
N THR L 2 47.44 20.52 -23.91
CA THR L 2 46.79 21.81 -24.17
C THR L 2 45.28 21.67 -24.10
N LYS L 3 44.60 22.82 -24.18
CA LYS L 3 43.14 22.94 -24.15
C LYS L 3 42.55 22.32 -22.88
N LEU L 4 42.90 22.94 -21.75
CA LEU L 4 42.45 22.42 -20.46
C LEU L 4 40.98 22.78 -20.22
N LYS L 5 40.40 22.12 -19.23
CA LYS L 5 38.98 22.19 -18.95
C LYS L 5 38.74 22.79 -17.57
N ALA L 6 37.62 23.51 -17.44
CA ALA L 6 37.18 24.01 -16.14
C ALA L 6 36.84 22.85 -15.21
N PRO L 7 37.12 22.99 -13.91
CA PRO L 7 36.77 21.92 -12.97
C PRO L 7 35.25 21.78 -12.81
N ALA L 8 34.84 20.55 -12.50
CA ALA L 8 33.41 20.24 -12.46
C ALA L 8 32.73 20.84 -11.24
N VAL L 9 33.48 21.07 -10.17
CA VAL L 9 32.95 21.71 -8.96
C VAL L 9 33.80 22.97 -8.76
N LEU L 10 33.27 24.12 -9.15
CA LEU L 10 33.93 25.40 -8.97
C LEU L 10 32.91 26.42 -8.53
N ALA L 11 33.19 27.09 -7.42
CA ALA L 11 32.29 28.10 -6.89
C ALA L 11 33.09 29.32 -6.49
N TYR L 12 32.43 30.48 -6.53
CA TYR L 12 33.08 31.73 -6.19
C TYR L 12 32.26 32.39 -5.09
N SER L 13 32.92 32.81 -4.02
CA SER L 13 32.24 33.49 -2.93
C SER L 13 31.82 34.88 -3.38
N ARG L 14 30.75 35.37 -2.75
CA ARG L 14 30.15 36.63 -3.16
C ARG L 14 30.99 37.80 -2.66
N LYS L 15 31.30 38.72 -3.57
CA LYS L 15 32.08 39.89 -3.20
C LYS L 15 31.21 41.07 -2.80
N ILE L 16 29.91 40.99 -3.03
CA ILE L 16 28.97 42.06 -2.70
C ILE L 16 27.99 41.53 -1.67
N ASN L 17 28.03 42.06 -0.45
CA ASN L 17 27.09 41.58 0.54
C ASN L 17 26.12 42.68 0.95
N PRO L 18 24.93 42.69 0.39
CA PRO L 18 23.91 43.61 0.91
C PRO L 18 23.08 42.96 2.01
N THR L 19 22.87 43.68 3.11
CA THR L 19 21.96 43.22 4.13
C THR L 19 20.53 43.37 3.64
N ASN L 20 19.64 42.52 4.16
CA ASN L 20 18.24 42.64 3.80
C ASN L 20 17.65 43.90 4.41
N ALA L 21 17.11 44.76 3.55
CA ALA L 21 16.76 46.12 3.91
C ALA L 21 15.56 46.15 4.84
N LEU L 22 15.56 47.15 5.74
CA LEU L 22 14.46 47.37 6.65
C LEU L 22 13.70 48.62 6.24
N MET L 23 12.38 48.58 6.41
CA MET L 23 11.50 49.67 6.03
C MET L 23 11.02 50.41 7.28
N PHE L 24 11.14 51.73 7.24
CA PHE L 24 10.70 52.58 8.33
C PHE L 24 9.81 53.69 7.77
N ALA L 25 9.05 54.34 8.67
CA ALA L 25 8.19 55.46 8.30
C ALA L 25 8.65 56.71 9.03
N VAL L 26 9.17 57.68 8.27
CA VAL L 26 9.72 58.93 8.79
C VAL L 26 9.13 60.10 8.02
N ASN L 27 9.48 61.31 8.47
CA ASN L 27 9.08 62.52 7.76
C ASN L 27 10.25 63.16 7.01
N TRP L 28 9.92 64.01 6.02
CA TRP L 28 10.91 64.88 5.40
C TRP L 28 11.48 65.93 6.35
N SER L 29 10.64 66.52 7.20
CA SER L 29 11.15 67.54 8.13
C SER L 29 12.00 66.91 9.23
N ASP L 30 11.63 65.72 9.69
CA ASP L 30 12.31 65.04 10.80
C ASP L 30 12.69 63.64 10.33
N ARG L 31 13.98 63.46 10.01
CA ARG L 31 14.48 62.18 9.54
C ARG L 31 14.66 61.15 10.66
N ASP L 32 15.00 61.62 11.85
CA ASP L 32 15.54 60.79 12.93
C ASP L 32 14.55 59.78 13.53
N ASN L 33 13.29 60.17 13.67
CA ASN L 33 12.32 59.33 14.38
C ASN L 33 11.90 58.16 13.48
N THR L 34 12.68 57.09 13.56
CA THR L 34 12.40 55.89 12.78
C THR L 34 11.26 55.10 13.40
N THR L 35 10.13 55.02 12.70
CA THR L 35 8.98 54.24 13.13
C THR L 35 8.90 53.03 12.19
N ALA L 36 8.98 51.84 12.77
CA ALA L 36 9.07 50.60 12.01
C ALA L 36 7.79 50.26 11.26
N VAL L 37 7.91 50.06 9.95
CA VAL L 37 6.76 49.65 9.15
C VAL L 37 6.52 48.16 9.35
N MET L 38 5.33 47.82 9.85
CA MET L 38 5.00 46.44 10.14
C MET L 38 4.19 45.83 9.00
N VAL L 39 4.08 44.51 9.02
CA VAL L 39 3.23 43.79 8.10
C VAL L 39 1.89 43.53 8.79
N GLY L 40 0.86 43.27 7.99
CA GLY L 40 -0.45 42.99 8.55
C GLY L 40 -1.19 41.89 7.81
N THR L 41 -1.61 40.85 8.52
CA THR L 41 -2.35 39.77 7.88
C THR L 41 -3.84 40.08 7.90
N LYS L 42 -4.38 40.46 6.73
CA LYS L 42 -5.77 40.86 6.61
C LYS L 42 -6.48 39.95 5.64
N THR L 43 -7.76 39.68 5.91
CA THR L 43 -8.49 38.64 5.19
C THR L 43 -8.98 39.14 3.85
N VAL L 44 -8.71 38.34 2.80
CA VAL L 44 -9.36 38.49 1.50
C VAL L 44 -10.01 37.16 1.15
N ALA L 45 -11.34 37.11 1.18
CA ALA L 45 -12.10 35.88 0.98
C ALA L 45 -13.12 36.08 -0.12
N GLY L 46 -13.27 35.08 -0.98
CA GLY L 46 -14.28 35.14 -2.03
C GLY L 46 -13.78 34.82 -3.42
N THR L 47 -12.48 34.98 -3.66
CA THR L 47 -11.92 34.77 -4.98
C THR L 47 -11.85 33.28 -5.31
N GLN L 48 -12.38 32.93 -6.49
CA GLN L 48 -12.60 31.54 -6.87
C GLN L 48 -12.51 31.37 -8.37
N SER L 49 -13.24 30.38 -8.91
CA SER L 49 -13.29 29.95 -10.32
C SER L 49 -11.96 29.38 -10.80
N VAL L 50 -11.62 28.19 -10.29
CA VAL L 50 -10.46 27.42 -10.72
C VAL L 50 -10.93 26.36 -11.69
N ARG L 51 -9.99 25.66 -12.32
CA ARG L 51 -10.26 24.76 -13.45
C ARG L 51 -11.14 23.58 -13.05
N GLY L 52 -12.13 23.30 -13.89
CA GLY L 52 -13.05 22.16 -13.79
C GLY L 52 -13.80 22.15 -12.45
N ASN L 53 -14.36 23.30 -12.12
CA ASN L 53 -15.08 23.48 -10.86
C ASN L 53 -16.50 23.95 -11.17
N PRO L 54 -17.48 23.09 -10.87
CA PRO L 54 -18.88 23.41 -11.10
C PRO L 54 -19.51 24.05 -9.87
N ASN L 55 -19.51 23.32 -8.74
CA ASN L 55 -20.16 23.82 -7.54
C ASN L 55 -19.17 24.10 -6.41
N ASP L 56 -17.90 23.74 -6.59
CA ASP L 56 -16.91 23.97 -5.54
C ASP L 56 -16.19 25.30 -5.69
N ALA L 57 -16.49 26.08 -6.73
CA ALA L 57 -15.88 27.39 -6.92
C ALA L 57 -16.78 28.48 -6.32
N ASP L 58 -17.17 28.25 -5.06
CA ASP L 58 -17.98 29.21 -4.31
C ASP L 58 -17.47 29.32 -2.89
N LYS L 59 -16.40 28.59 -2.57
CA LYS L 59 -15.89 28.56 -1.21
C LYS L 59 -15.17 29.87 -0.87
N GLY L 60 -15.53 30.44 0.27
CA GLY L 60 -14.86 31.63 0.74
C GLY L 60 -13.64 31.27 1.57
N ASN L 61 -12.48 31.30 0.94
CA ASN L 61 -11.23 30.91 1.60
C ASN L 61 -10.71 32.07 2.42
N ILE L 62 -10.66 31.90 3.75
CA ILE L 62 -10.10 32.92 4.62
C ILE L 62 -8.59 32.91 4.42
N GLN L 63 -8.08 33.95 3.75
CA GLN L 63 -6.68 34.06 3.42
C GLN L 63 -6.20 35.41 3.93
N THR L 64 -5.64 35.41 5.15
CA THR L 64 -5.13 36.65 5.73
C THR L 64 -3.81 37.02 5.09
N VAL L 65 -3.87 37.59 3.89
CA VAL L 65 -2.69 37.96 3.11
C VAL L 65 -2.03 39.16 3.76
N ASN L 66 -0.73 39.30 3.53
CA ASN L 66 0.00 40.40 4.15
C ASN L 66 -0.10 41.66 3.31
N PHE L 67 -0.55 42.73 3.97
CA PHE L 67 -0.50 44.07 3.41
C PHE L 67 0.53 44.86 4.23
N ALA L 68 1.01 45.94 3.63
CA ALA L 68 1.94 46.82 4.32
C ALA L 68 1.60 48.24 3.93
N ASN L 69 1.41 49.11 4.92
CA ASN L 69 1.17 50.52 4.71
C ASN L 69 2.01 51.32 5.70
N LEU L 70 2.42 52.52 5.29
CA LEU L 70 2.88 53.48 6.27
C LEU L 70 1.72 53.90 7.16
N PRO L 71 1.98 54.21 8.44
CA PRO L 71 0.94 54.83 9.26
C PRO L 71 0.59 56.20 8.73
N HIS L 72 -0.67 56.59 8.96
CA HIS L 72 -1.23 57.80 8.36
C HIS L 72 -0.73 59.09 8.98
N ASN L 73 0.16 59.03 9.97
CA ASN L 73 0.82 60.21 10.50
C ASN L 73 2.20 60.45 9.90
N LYS L 74 2.72 59.50 9.12
CA LYS L 74 4.03 59.60 8.48
C LYS L 74 3.86 59.50 6.97
N ASN L 75 4.73 60.22 6.24
CA ASN L 75 4.60 60.30 4.79
C ASN L 75 5.94 60.10 4.07
N THR L 76 6.87 59.36 4.67
CA THR L 76 8.15 59.10 4.03
C THR L 76 8.56 57.66 4.29
N LEU L 77 8.93 56.95 3.24
CA LEU L 77 9.47 55.61 3.37
C LEU L 77 10.98 55.70 3.50
N LEU L 78 11.50 54.99 4.50
CA LEU L 78 12.92 54.75 4.75
C LEU L 78 13.26 53.33 4.37
N VAL L 79 14.31 53.19 3.56
CA VAL L 79 14.91 51.90 3.28
C VAL L 79 16.33 51.95 3.83
N LYS L 80 16.61 51.12 4.83
CA LYS L 80 17.92 51.12 5.48
C LYS L 80 18.59 49.77 5.28
N TYR L 81 19.83 49.80 4.82
CA TYR L 81 20.61 48.58 4.57
C TYR L 81 22.09 48.93 4.56
N ASN L 82 22.92 47.89 4.50
CA ASN L 82 24.37 48.04 4.41
C ASN L 82 24.86 47.24 3.21
N VAL L 83 25.89 47.75 2.54
CA VAL L 83 26.55 47.02 1.47
C VAL L 83 28.01 46.84 1.85
N LYS L 84 28.48 45.61 1.84
CA LYS L 84 29.84 45.23 2.17
C LYS L 84 30.52 44.78 0.89
N PHE L 85 31.34 45.66 0.30
CA PHE L 85 32.16 45.28 -0.84
C PHE L 85 33.40 44.59 -0.31
N VAL L 86 33.67 43.38 -0.79
CA VAL L 86 34.71 42.52 -0.23
C VAL L 86 35.81 42.35 -1.26
N GLY L 87 37.05 42.61 -0.85
CA GLY L 87 38.19 42.49 -1.74
C GLY L 87 38.67 41.06 -1.86
N ASP L 88 39.83 40.92 -2.50
CA ASP L 88 40.40 39.65 -2.98
C ASP L 88 39.36 38.92 -3.84
N VAL L 89 39.00 39.58 -4.95
CA VAL L 89 37.76 39.28 -5.65
C VAL L 89 37.89 38.15 -6.65
N PHE L 90 39.04 37.49 -6.73
CA PHE L 90 39.28 36.48 -7.74
C PHE L 90 39.53 35.08 -7.22
N LYS L 91 39.55 34.88 -5.90
CA LYS L 91 39.98 33.58 -5.39
C LYS L 91 38.81 32.59 -5.42
N ALA L 92 39.13 31.31 -5.61
CA ALA L 92 38.09 30.28 -5.71
C ALA L 92 38.10 29.44 -4.45
N GLU L 93 36.95 29.40 -3.77
CA GLU L 93 36.83 28.60 -2.56
C GLU L 93 36.77 27.12 -2.87
N LEU L 94 36.09 26.74 -3.95
CA LEU L 94 36.11 25.37 -4.44
C LEU L 94 36.76 25.37 -5.82
N GLY L 95 37.79 24.55 -5.99
CA GLY L 95 38.58 24.54 -7.20
C GLY L 95 39.81 25.41 -7.08
N GLY L 96 40.66 25.31 -8.10
CA GLY L 96 41.90 26.07 -8.10
C GLY L 96 43.05 25.29 -7.50
N GLY L 97 44.26 25.62 -7.95
CA GLY L 97 44.59 26.64 -8.92
C GLY L 97 44.63 26.13 -10.35
N GLU L 98 45.49 26.77 -11.17
CA GLU L 98 45.81 26.43 -12.56
C GLU L 98 44.66 26.70 -13.53
N TYR L 99 43.52 27.15 -13.02
CA TYR L 99 42.41 27.61 -13.84
C TYR L 99 41.98 29.02 -13.45
N SER L 100 42.12 29.35 -12.17
CA SER L 100 41.91 30.73 -11.74
C SER L 100 43.20 31.55 -11.80
N ASN L 101 44.35 30.88 -11.92
CA ASN L 101 45.62 31.59 -12.02
C ASN L 101 45.81 32.16 -13.42
N THR L 102 45.38 31.42 -14.44
CA THR L 102 45.32 32.00 -15.77
C THR L 102 44.23 33.06 -15.87
N LEU L 103 43.23 32.99 -14.99
CA LEU L 103 42.25 34.08 -14.90
C LEU L 103 42.87 35.31 -14.24
N GLN L 104 43.80 35.11 -13.31
CA GLN L 104 44.59 36.22 -12.77
C GLN L 104 45.44 36.87 -13.86
N THR L 105 46.16 36.06 -14.63
CA THR L 105 47.02 36.65 -15.65
C THR L 105 46.24 37.12 -16.88
N ALA L 106 44.95 36.75 -16.99
CA ALA L 106 44.11 37.23 -18.08
C ALA L 106 43.28 38.45 -17.71
N LEU L 107 42.98 38.65 -16.42
CA LEU L 107 42.11 39.74 -15.97
C LEU L 107 42.84 40.69 -15.02
N GLU L 108 44.17 40.78 -15.15
CA GLU L 108 44.93 41.73 -14.33
C GLU L 108 44.75 43.16 -14.82
N ASN L 109 44.43 43.36 -16.10
CA ASN L 109 44.32 44.68 -16.70
C ASN L 109 42.86 45.11 -16.85
N THR L 110 42.04 44.80 -15.86
CA THR L 110 40.61 45.08 -15.94
C THR L 110 40.28 46.45 -15.34
N ASP L 111 39.33 47.13 -15.95
CA ASP L 111 38.87 48.45 -15.53
C ASP L 111 37.83 48.27 -14.43
N PHE L 112 38.30 48.28 -13.18
CA PHE L 112 37.41 48.18 -12.03
C PHE L 112 36.71 49.48 -11.69
N GLY L 113 37.18 50.62 -12.21
CA GLY L 113 36.58 51.90 -11.86
C GLY L 113 35.17 52.06 -12.38
N THR L 114 34.93 51.69 -13.64
CA THR L 114 33.60 51.82 -14.23
C THR L 114 32.62 50.82 -13.60
N LEU L 115 33.09 49.61 -13.30
CA LEU L 115 32.27 48.63 -12.58
C LEU L 115 31.91 49.11 -11.19
N ALA L 116 32.88 49.69 -10.48
CA ALA L 116 32.62 50.23 -9.15
C ALA L 116 31.66 51.40 -9.22
N TYR L 117 31.78 52.22 -10.27
CA TYR L 117 30.95 53.41 -10.36
C TYR L 117 29.52 53.00 -10.72
N ARG L 118 29.37 51.95 -11.54
CA ARG L 118 28.05 51.41 -11.83
C ARG L 118 27.42 50.78 -10.59
N TYR L 119 28.24 50.08 -9.79
CA TYR L 119 27.75 49.46 -8.56
C TYR L 119 27.27 50.50 -7.56
N VAL L 120 27.99 51.61 -7.42
CA VAL L 120 27.56 52.63 -6.47
C VAL L 120 26.51 53.56 -7.10
N TYR L 121 26.42 53.58 -8.43
CA TYR L 121 25.39 54.40 -9.07
C TYR L 121 24.03 53.70 -9.02
N ASN L 122 24.04 52.36 -8.95
CA ASN L 122 22.81 51.64 -8.69
C ASN L 122 22.26 51.95 -7.30
N ILE L 123 23.16 52.21 -6.35
CA ILE L 123 22.75 52.80 -5.07
C ILE L 123 22.24 54.22 -5.28
N ALA L 124 22.98 55.02 -6.06
CA ALA L 124 22.71 56.45 -6.20
C ALA L 124 21.39 56.71 -6.91
N ALA L 125 20.98 55.80 -7.78
CA ALA L 125 19.73 55.94 -8.50
C ALA L 125 18.53 55.44 -7.72
N GLY L 126 18.84 54.56 -6.78
CA GLY L 126 17.80 53.98 -5.97
C GLY L 126 17.29 52.76 -6.63
N ARG L 127 18.11 52.17 -7.47
CA ARG L 127 17.59 51.06 -8.23
C ARG L 127 17.06 49.97 -7.37
N THR L 128 17.71 49.72 -6.25
CA THR L 128 17.35 48.61 -5.40
C THR L 128 15.90 48.53 -5.07
N LEU L 129 15.32 49.63 -4.66
CA LEU L 129 13.91 49.63 -4.40
C LEU L 129 13.34 49.26 -5.72
N TRP L 130 12.77 48.08 -5.83
CA TRP L 130 12.33 47.68 -7.13
C TRP L 130 10.86 47.97 -7.32
N ARG L 131 10.29 48.90 -6.53
CA ARG L 131 8.89 49.28 -6.65
C ARG L 131 8.69 50.54 -5.92
N ASN L 132 9.05 50.58 -4.68
CA ASN L 132 8.97 51.75 -3.81
C ASN L 132 9.40 53.03 -4.51
N ARG L 133 10.11 52.93 -5.63
CA ARG L 133 10.44 54.13 -6.38
C ARG L 133 9.25 54.66 -7.17
N VAL L 134 8.30 53.79 -7.48
CA VAL L 134 7.16 54.19 -8.30
C VAL L 134 6.19 54.98 -7.43
N GLY L 135 5.90 56.22 -7.82
CA GLY L 135 5.05 57.09 -7.06
C GLY L 135 5.82 57.90 -6.02
N ALA L 136 7.03 58.34 -6.39
CA ALA L 136 7.89 59.09 -5.48
C ALA L 136 8.23 60.41 -6.12
N GLU L 137 8.10 61.50 -5.35
CA GLU L 137 8.44 62.82 -5.86
C GLU L 137 9.95 62.97 -5.99
N SER L 138 10.69 62.57 -4.96
CA SER L 138 12.14 62.66 -4.96
C SER L 138 12.70 61.56 -4.08
N ILE L 139 13.77 60.92 -4.55
CA ILE L 139 14.38 59.79 -3.86
C ILE L 139 15.73 60.27 -3.35
N GLU L 140 15.79 60.62 -2.06
CA GLU L 140 17.03 61.10 -1.45
C GLU L 140 17.77 59.88 -0.91
N THR L 141 18.92 59.59 -1.49
CA THR L 141 19.75 58.47 -1.10
C THR L 141 20.99 58.97 -0.37
N VAL L 142 21.16 58.56 0.88
CA VAL L 142 22.32 58.97 1.67
C VAL L 142 23.17 57.74 1.95
N ILE L 143 24.47 57.86 1.68
CA ILE L 143 25.45 56.81 1.91
C ILE L 143 26.44 57.36 2.92
N THR L 144 26.58 56.69 4.06
CA THR L 144 27.67 56.98 4.98
C THR L 144 28.68 55.85 4.89
N VAL L 145 29.90 56.22 4.49
CA VAL L 145 31.03 55.31 4.37
C VAL L 145 32.23 55.97 5.02
N ASN L 146 32.92 55.22 5.90
CA ASN L 146 34.10 55.58 6.71
C ASN L 146 34.13 57.02 7.20
N ASP L 147 32.99 57.47 7.73
CA ASP L 147 32.77 58.82 8.28
C ASP L 147 32.96 59.91 7.21
N GLN L 148 32.25 59.76 6.09
CA GLN L 148 32.00 60.88 5.17
C GLN L 148 30.67 60.60 4.47
N THR L 149 29.61 61.27 4.93
CA THR L 149 28.27 61.02 4.42
C THR L 149 28.02 61.82 3.15
N PHE L 150 27.53 61.14 2.11
CA PHE L 150 27.21 61.74 0.83
C PHE L 150 25.71 61.59 0.55
N THR L 151 25.16 62.56 -0.16
CA THR L 151 23.72 62.59 -0.42
C THR L 151 23.48 62.69 -1.92
N PHE L 152 22.32 62.16 -2.33
CA PHE L 152 21.89 62.15 -3.72
C PHE L 152 20.42 62.57 -3.77
N SER L 153 20.15 63.71 -4.39
CA SER L 153 18.79 64.24 -4.45
C SER L 153 17.98 63.57 -5.57
N ASP L 154 18.47 63.68 -6.80
CA ASP L 154 17.77 63.10 -7.95
C ASP L 154 18.81 62.73 -9.00
N LEU L 155 18.67 61.52 -9.55
CA LEU L 155 19.56 61.04 -10.61
C LEU L 155 18.78 60.09 -11.52
N LEU L 156 19.24 59.99 -12.76
CA LEU L 156 18.63 59.08 -13.71
C LEU L 156 19.00 57.63 -13.37
N VAL L 157 18.11 56.71 -13.70
CA VAL L 157 18.22 55.35 -13.18
C VAL L 157 18.83 54.41 -14.22
N ASN L 158 18.70 54.73 -15.50
CA ASN L 158 19.15 53.81 -16.54
C ASN L 158 20.28 54.36 -17.37
N GLU L 159 20.14 55.56 -17.92
CA GLU L 159 21.26 56.23 -18.57
C GLU L 159 22.23 56.69 -17.49
N PHE L 160 23.43 56.13 -17.50
CA PHE L 160 24.41 56.38 -16.45
C PHE L 160 25.00 57.77 -16.65
N ASP L 161 24.74 58.65 -15.68
CA ASP L 161 25.22 60.03 -15.75
C ASP L 161 26.70 60.10 -15.36
N GLU L 162 27.25 61.30 -15.42
CA GLU L 162 28.62 61.57 -15.00
C GLU L 162 28.60 62.69 -13.96
N ASP L 163 28.98 62.37 -12.73
CA ASP L 163 29.16 63.34 -11.66
C ASP L 163 30.35 62.95 -10.81
N VAL L 164 30.59 63.70 -9.74
CA VAL L 164 31.82 63.56 -8.96
C VAL L 164 31.51 62.94 -7.60
N ASP L 165 30.24 63.02 -7.17
CA ASP L 165 29.87 62.43 -5.89
C ASP L 165 29.80 60.91 -5.99
N VAL L 166 29.31 60.41 -7.13
CA VAL L 166 29.36 58.98 -7.40
C VAL L 166 30.80 58.53 -7.65
N ALA L 167 31.58 59.35 -8.35
CA ALA L 167 32.95 58.97 -8.71
C ALA L 167 33.88 58.96 -7.49
N GLU L 168 33.58 59.77 -6.48
CA GLU L 168 34.40 59.77 -5.27
C GLU L 168 34.28 58.46 -4.51
N ILE L 169 33.06 57.91 -4.41
CA ILE L 169 32.88 56.60 -3.81
C ILE L 169 33.43 55.52 -4.74
N ALA L 170 33.35 55.76 -6.06
CA ALA L 170 33.87 54.79 -7.02
C ALA L 170 35.38 54.62 -6.89
N ASP L 171 36.10 55.72 -6.66
CA ASP L 171 37.57 55.68 -6.65
C ASP L 171 38.11 54.89 -5.47
N MET L 172 37.36 54.83 -4.36
CA MET L 172 37.82 54.04 -3.23
C MET L 172 37.10 52.71 -3.08
N VAL L 173 36.01 52.48 -3.81
CA VAL L 173 35.44 51.13 -3.89
C VAL L 173 36.22 50.27 -4.88
N ALA L 174 36.66 50.86 -6.00
CA ALA L 174 37.45 50.13 -6.98
C ALA L 174 38.83 49.75 -6.41
N GLY L 175 39.35 50.54 -5.47
CA GLY L 175 40.56 50.16 -4.78
C GLY L 175 40.37 48.93 -3.90
N VAL L 176 39.18 48.81 -3.29
CA VAL L 176 38.87 47.63 -2.50
C VAL L 176 38.67 46.42 -3.41
N LEU L 177 37.76 46.61 -4.36
CA LEU L 177 37.35 45.54 -5.23
C LEU L 177 38.39 45.17 -6.22
N SER L 178 39.65 45.35 -5.86
CA SER L 178 40.71 44.93 -6.74
C SER L 178 41.79 44.41 -5.86
N GLY L 179 42.09 45.17 -4.83
CA GLY L 179 43.15 44.78 -3.94
C GLY L 179 42.56 43.83 -2.94
N GLU L 180 42.40 44.29 -1.71
CA GLU L 180 41.92 43.39 -0.71
C GLU L 180 41.10 44.12 0.31
N GLY L 181 41.07 43.60 1.52
CA GLY L 181 40.26 44.18 2.57
C GLY L 181 38.80 44.25 2.18
N PHE L 182 38.09 45.25 2.71
CA PHE L 182 36.67 45.40 2.46
C PHE L 182 36.26 46.83 2.78
N VAL L 183 35.05 47.19 2.36
CA VAL L 183 34.47 48.48 2.70
C VAL L 183 32.96 48.30 2.91
N THR L 184 32.47 48.79 4.04
CA THR L 184 31.05 48.70 4.38
C THR L 184 30.45 50.11 4.33
N LEU L 185 29.41 50.29 3.54
CA LEU L 185 28.73 51.57 3.45
C LEU L 185 27.27 51.39 3.83
N LYS L 186 26.78 52.25 4.73
CA LYS L 186 25.40 52.22 5.17
C LYS L 186 24.58 53.13 4.26
N VAL L 187 23.39 52.67 3.86
CA VAL L 187 22.60 53.33 2.84
C VAL L 187 21.18 53.50 3.37
N GLU L 188 20.67 54.73 3.29
CA GLU L 188 19.29 55.06 3.65
C GLU L 188 18.61 55.73 2.48
N HIS L 189 17.36 55.35 2.22
CA HIS L 189 16.56 55.89 1.13
C HIS L 189 15.33 56.58 1.73
N TYR L 190 15.16 57.88 1.43
CA TYR L 190 13.98 58.64 1.79
C TYR L 190 13.16 58.91 0.53
N MET L 191 11.90 58.44 0.51
CA MET L 191 10.98 58.83 -0.56
C MET L 191 9.61 59.21 -0.03
N LEU L 192 9.08 60.32 -0.55
CA LEU L 192 7.68 60.71 -0.42
C LEU L 192 6.81 59.78 -1.28
N LEU L 193 6.13 58.87 -0.62
CA LEU L 193 5.11 58.08 -1.31
C LEU L 193 3.70 58.60 -1.03
N GLY L 194 3.44 59.02 0.20
CA GLY L 194 2.15 59.61 0.51
C GLY L 194 1.78 59.43 1.96
N GLU L 195 0.72 60.13 2.36
CA GLU L 195 0.17 60.00 3.70
C GLU L 195 -0.56 58.66 3.81
N GLY L 196 0.05 57.70 4.52
CA GLY L 196 -0.51 56.37 4.60
C GLY L 196 -0.50 55.61 3.29
N SER L 197 0.62 55.63 2.57
CA SER L 197 0.68 55.11 1.21
C SER L 197 0.83 53.60 1.20
N GLU L 198 1.09 53.08 0.00
CA GLU L 198 1.33 51.66 -0.23
C GLU L 198 2.84 51.41 -0.26
N VAL L 199 3.28 50.39 0.47
CA VAL L 199 4.70 50.04 0.50
C VAL L 199 4.84 48.56 0.16
N PHE L 200 5.82 48.25 -0.66
CA PHE L 200 5.96 46.91 -1.24
C PHE L 200 7.30 46.29 -0.87
N PRO L 201 7.31 45.43 0.15
CA PRO L 201 8.52 44.63 0.42
C PRO L 201 8.62 43.43 -0.51
N SER L 202 9.63 42.57 -0.30
CA SER L 202 9.76 41.36 -1.09
C SER L 202 8.75 40.31 -0.65
N GLN L 203 8.14 39.65 -1.63
CA GLN L 203 7.11 38.65 -1.37
C GLN L 203 7.78 37.31 -1.03
N GLU L 204 6.98 36.25 -0.91
CA GLU L 204 7.49 34.97 -0.44
C GLU L 204 6.66 33.83 -1.01
N PHE L 205 7.23 32.63 -0.95
CA PHE L 205 6.56 31.41 -1.36
C PHE L 205 5.54 31.03 -0.28
N VAL L 206 4.30 30.79 -0.71
CA VAL L 206 3.28 30.31 0.23
C VAL L 206 3.43 28.80 0.38
N GLU L 207 2.83 28.26 1.44
CA GLU L 207 2.80 26.83 1.69
C GLU L 207 1.74 26.16 0.82
N ASN L 208 1.36 24.93 1.18
CA ASN L 208 0.35 24.17 0.44
C ASN L 208 -0.99 24.89 0.41
N SER L 209 -1.58 25.14 1.59
CA SER L 209 -2.76 26.01 1.67
C SER L 209 -2.72 26.73 3.01
N LYS L 210 -2.08 27.90 3.04
CA LYS L 210 -2.14 28.78 4.19
C LYS L 210 -2.71 30.15 3.80
N LEU L 211 -2.12 30.82 2.82
CA LEU L 211 -2.52 32.15 2.36
C LEU L 211 -2.43 32.17 0.84
N SER L 212 -2.42 33.37 0.27
CA SER L 212 -2.16 33.56 -1.15
C SER L 212 -0.85 34.29 -1.40
N LYS L 213 -0.61 35.41 -0.71
CA LYS L 213 0.62 36.17 -0.82
C LYS L 213 0.99 36.68 0.57
N GLN L 214 2.10 36.19 1.12
CA GLN L 214 2.64 36.70 2.37
C GLN L 214 3.94 37.42 2.08
N LEU L 215 4.30 38.37 2.95
CA LEU L 215 5.47 39.19 2.70
C LEU L 215 6.65 38.67 3.53
N PHE L 216 7.76 39.38 3.48
CA PHE L 216 8.97 39.01 4.20
C PHE L 216 9.11 39.90 5.42
N ASP L 217 9.27 39.29 6.59
CA ASP L 217 9.20 40.00 7.85
C ASP L 217 10.45 39.73 8.70
N LEU L 218 10.80 40.71 9.53
CA LEU L 218 11.87 40.58 10.52
C LEU L 218 11.30 41.06 11.85
N ASN L 219 10.94 40.11 12.72
CA ASN L 219 10.31 40.36 14.02
C ASN L 219 9.02 41.18 13.86
N GLY L 220 8.21 40.82 12.87
CA GLY L 220 6.97 41.52 12.61
C GLY L 220 7.14 42.90 12.01
N GLN L 221 8.23 43.12 11.26
CA GLN L 221 8.51 44.39 10.62
C GLN L 221 8.83 44.15 9.16
N ALA L 222 8.30 45.01 8.28
CA ALA L 222 8.40 44.80 6.85
C ALA L 222 9.83 44.94 6.36
N ALA L 223 10.22 44.06 5.45
CA ALA L 223 11.60 44.01 4.97
C ALA L 223 11.61 43.37 3.60
N MET L 224 12.57 43.76 2.78
CA MET L 224 12.77 43.11 1.49
C MET L 224 14.07 42.30 1.52
N HIS L 225 14.18 41.36 0.58
CA HIS L 225 15.21 40.34 0.63
C HIS L 225 16.60 40.93 0.37
N ASP L 226 17.62 40.24 0.90
CA ASP L 226 18.99 40.67 0.68
C ASP L 226 19.42 40.41 -0.76
N GLN L 227 18.91 39.33 -1.36
CA GLN L 227 19.22 39.08 -2.75
C GLN L 227 18.41 39.99 -3.68
N LYS L 228 17.30 40.55 -3.18
CA LYS L 228 16.59 41.57 -3.95
C LYS L 228 17.43 42.85 -4.06
N ILE L 229 18.15 43.19 -3.00
CA ILE L 229 19.10 44.30 -3.07
C ILE L 229 20.29 43.92 -3.95
N GLY L 230 20.77 42.67 -3.81
CA GLY L 230 21.94 42.26 -4.56
C GLY L 230 21.69 42.13 -6.05
N ASN L 231 20.43 41.89 -6.44
CA ASN L 231 20.07 41.84 -7.84
C ASN L 231 20.18 43.21 -8.49
N ALA L 232 19.60 44.23 -7.86
CA ALA L 232 19.68 45.58 -8.39
C ALA L 232 21.03 46.24 -8.14
N ILE L 233 21.87 45.65 -7.29
CA ILE L 233 23.25 46.07 -7.19
C ILE L 233 23.97 45.83 -8.52
N ARG L 234 23.75 44.66 -9.11
CA ARG L 234 24.52 44.19 -10.25
C ARG L 234 23.79 44.38 -11.58
N THR L 235 22.95 45.40 -11.69
CA THR L 235 22.29 45.70 -12.96
C THR L 235 23.26 46.48 -13.84
N ILE L 236 24.20 45.73 -14.41
CA ILE L 236 25.30 46.31 -15.18
C ILE L 236 25.27 45.89 -16.64
N ASP L 237 24.56 44.81 -16.99
CA ASP L 237 24.67 44.22 -18.32
C ASP L 237 24.03 45.10 -19.40
N THR L 238 24.84 45.97 -19.99
CA THR L 238 24.43 46.77 -21.15
C THR L 238 25.21 46.37 -22.40
N TRP L 239 25.85 45.20 -22.39
CA TRP L 239 26.83 44.83 -23.40
C TRP L 239 26.37 43.71 -24.31
N TYR L 240 25.17 43.19 -24.14
CA TYR L 240 24.63 42.26 -25.14
C TYR L 240 24.15 43.04 -26.35
N GLU L 241 24.05 42.34 -27.48
CA GLU L 241 23.99 43.01 -28.78
C GLU L 241 22.58 43.45 -29.20
N ASP L 242 21.86 44.07 -28.27
CA ASP L 242 20.55 44.71 -28.45
C ASP L 242 20.20 45.33 -27.11
N ALA L 243 19.11 46.13 -27.11
CA ALA L 243 18.29 46.43 -25.93
C ALA L 243 19.12 47.07 -24.80
N THR L 244 19.52 48.32 -25.04
CA THR L 244 20.52 49.02 -24.22
C THR L 244 20.07 49.32 -22.79
N THR L 245 18.90 48.86 -22.36
CA THR L 245 18.50 48.97 -20.96
C THR L 245 19.44 48.14 -20.08
N PRO L 246 19.85 48.66 -18.92
CA PRO L 246 20.65 47.87 -17.98
C PRO L 246 19.93 46.60 -17.52
N ILE L 247 20.69 45.51 -17.50
CA ILE L 247 20.24 44.18 -17.09
C ILE L 247 21.17 43.71 -15.97
N ALA L 248 20.63 42.93 -15.04
CA ALA L 248 21.44 42.24 -14.05
C ALA L 248 22.45 41.32 -14.73
N VAL L 249 23.70 41.38 -14.26
CA VAL L 249 24.76 40.58 -14.87
C VAL L 249 24.61 39.14 -14.42
N GLU L 250 24.62 38.23 -15.38
CA GLU L 250 24.17 36.87 -15.19
C GLU L 250 24.79 36.01 -16.28
N PRO L 251 25.28 34.80 -15.97
CA PRO L 251 25.99 33.98 -16.98
C PRO L 251 25.19 33.61 -18.22
N TYR L 252 23.87 33.67 -18.20
CA TYR L 252 23.09 33.54 -19.42
C TYR L 252 22.39 34.83 -19.84
N GLY L 253 22.55 35.90 -19.07
CA GLY L 253 21.88 37.16 -19.34
C GLY L 253 20.37 37.02 -19.26
N SER L 254 19.90 36.26 -18.29
CA SER L 254 18.52 35.82 -18.23
C SER L 254 17.77 36.58 -17.15
N VAL L 255 16.69 37.23 -17.55
CA VAL L 255 15.71 37.79 -16.62
C VAL L 255 14.49 36.88 -16.67
N VAL L 256 13.85 36.68 -15.52
CA VAL L 256 12.74 35.75 -15.45
C VAL L 256 11.40 36.48 -15.57
N ARG L 257 11.38 37.80 -15.32
CA ARG L 257 10.16 38.57 -15.51
C ARG L 257 9.78 38.67 -16.98
N ASN L 258 10.77 38.67 -17.88
CA ASN L 258 10.50 38.63 -19.32
C ASN L 258 10.63 37.24 -19.91
N GLY L 259 11.46 36.38 -19.32
CA GLY L 259 11.59 35.02 -19.78
C GLY L 259 12.49 34.80 -20.96
N VAL L 260 13.34 35.77 -21.30
CA VAL L 260 14.26 35.66 -22.44
C VAL L 260 15.68 35.94 -21.95
N ALA L 261 16.61 35.08 -22.35
CA ALA L 261 18.01 35.19 -21.95
C ALA L 261 18.81 35.93 -23.01
N TYR L 262 19.60 36.90 -22.56
CA TYR L 262 20.29 37.82 -23.46
C TYR L 262 21.71 37.40 -23.81
N ARG L 263 22.24 36.35 -23.18
CA ARG L 263 23.56 35.84 -23.50
C ARG L 263 23.55 34.38 -23.90
N ALA L 264 22.38 33.75 -24.00
CA ALA L 264 22.29 32.32 -24.27
C ALA L 264 22.10 32.05 -25.75
N GLY L 265 22.91 31.13 -26.27
CA GLY L 265 22.75 30.67 -27.64
C GLY L 265 23.60 31.40 -28.65
N ASN L 266 24.08 32.59 -28.30
CA ASN L 266 24.88 33.41 -29.20
C ASN L 266 26.35 33.48 -28.80
N LYS L 267 26.85 32.47 -28.07
CA LYS L 267 28.23 32.22 -27.66
C LYS L 267 28.68 33.18 -26.53
N THR L 268 27.91 34.22 -26.23
CA THR L 268 28.30 35.22 -25.25
C THR L 268 27.93 34.83 -23.82
N ASP L 269 27.64 33.55 -23.56
CA ASP L 269 27.38 33.11 -22.18
C ASP L 269 28.65 33.20 -21.37
N LEU L 270 28.54 33.55 -20.10
CA LEU L 270 29.74 33.76 -19.31
C LEU L 270 30.72 32.63 -19.37
N PHE L 271 30.23 31.42 -19.21
CA PHE L 271 31.13 30.30 -19.15
C PHE L 271 32.17 30.31 -20.26
N THR L 272 31.75 30.56 -21.49
CA THR L 272 32.66 30.51 -22.60
C THR L 272 33.63 31.62 -22.54
N LEU L 273 33.13 32.81 -22.29
CA LEU L 273 34.01 33.93 -22.32
C LEU L 273 35.09 33.65 -21.34
N MET L 274 34.70 33.15 -20.20
CA MET L 274 35.67 32.89 -19.16
C MET L 274 36.63 31.80 -19.54
N ASP L 275 36.11 30.71 -20.07
CA ASP L 275 37.00 29.59 -20.34
C ASP L 275 37.92 29.89 -21.50
N GLY L 276 37.48 30.68 -22.44
CA GLY L 276 38.32 30.96 -23.57
C GLY L 276 39.39 31.86 -23.05
N ALA L 277 39.01 32.72 -22.13
CA ALA L 277 39.96 33.64 -21.56
C ALA L 277 41.00 32.80 -20.89
N VAL L 278 40.55 31.75 -20.23
CA VAL L 278 41.48 30.96 -19.51
C VAL L 278 42.47 30.36 -20.47
N ASN L 279 42.01 29.78 -21.57
CA ASN L 279 42.98 29.11 -22.43
C ASN L 279 43.95 30.14 -23.03
N GLY L 280 43.47 31.12 -23.81
CA GLY L 280 44.36 32.15 -24.26
C GLY L 280 43.90 33.01 -25.41
N LYS L 281 42.59 33.08 -25.65
CA LYS L 281 42.10 33.96 -26.70
C LYS L 281 42.03 35.40 -26.18
N SER L 282 42.02 36.34 -27.12
CA SER L 282 42.00 37.76 -26.78
C SER L 282 40.62 38.19 -26.30
N LEU L 283 40.59 39.24 -25.49
CA LEU L 283 39.36 39.84 -25.00
C LEU L 283 39.42 41.35 -25.19
N THR L 284 38.25 41.94 -25.35
CA THR L 284 38.12 43.39 -25.40
C THR L 284 37.86 43.90 -23.98
N GLU L 285 37.54 45.19 -23.85
CA GLU L 285 37.15 45.72 -22.56
C GLU L 285 35.66 45.50 -22.31
N GLU L 286 34.91 45.16 -23.36
CA GLU L 286 33.47 44.96 -23.21
C GLU L 286 33.15 43.62 -22.56
N ASP L 287 33.86 42.57 -22.96
CA ASP L 287 33.54 41.21 -22.53
C ASP L 287 34.29 40.77 -21.28
N GLN L 288 35.52 41.24 -21.08
CA GLN L 288 36.31 40.99 -19.87
C GLN L 288 35.65 41.60 -18.64
N MET L 289 35.09 42.80 -18.80
CA MET L 289 34.33 43.45 -17.75
C MET L 289 33.09 42.67 -17.39
N PHE L 290 32.47 41.98 -18.35
CA PHE L 290 31.35 41.07 -18.06
C PHE L 290 31.79 39.90 -17.21
N VAL L 291 32.95 39.31 -17.51
CA VAL L 291 33.47 38.18 -16.74
C VAL L 291 33.72 38.60 -15.30
N THR L 292 34.37 39.74 -15.11
CA THR L 292 34.67 40.16 -13.75
C THR L 292 33.43 40.69 -13.03
N ALA L 293 32.42 41.20 -13.75
CA ALA L 293 31.19 41.64 -13.11
C ALA L 293 30.35 40.46 -12.66
N ASN L 294 30.30 39.40 -13.46
CA ASN L 294 29.67 38.16 -13.06
C ASN L 294 30.46 37.46 -11.97
N LEU L 295 31.78 37.67 -11.95
CA LEU L 295 32.63 36.98 -10.99
C LEU L 295 32.61 37.67 -9.63
N ILE L 296 32.25 38.96 -9.61
CA ILE L 296 31.94 39.64 -8.35
C ILE L 296 30.77 38.97 -7.66
N ARG L 297 29.70 38.68 -8.41
CA ARG L 297 28.52 38.05 -7.84
C ARG L 297 28.80 36.62 -7.39
N GLY L 298 29.53 35.85 -8.18
CA GLY L 298 29.81 34.48 -7.84
C GLY L 298 28.63 33.56 -8.08
N GLY L 299 28.83 32.29 -7.76
CA GLY L 299 27.81 31.29 -7.99
C GLY L 299 28.44 29.93 -8.21
N VAL L 300 27.81 29.13 -9.06
CA VAL L 300 28.33 27.83 -9.47
C VAL L 300 28.73 27.93 -10.93
N PHE L 301 29.99 27.64 -11.22
CA PHE L 301 30.49 27.58 -12.60
C PHE L 301 31.16 26.22 -12.76
N GLY L 302 30.36 25.20 -13.07
CA GLY L 302 30.90 23.87 -13.21
C GLY L 302 29.83 22.80 -13.33
N GLY L 303 30.16 21.70 -14.01
CA GLY L 303 29.23 20.61 -14.19
C GLY L 303 29.75 19.53 -15.13
#